data_1R0U
# 
_entry.id   1R0U 
# 
_audit_conform.dict_name       mmcif_pdbx.dic 
_audit_conform.dict_version    5.386 
_audit_conform.dict_location   http://mmcif.pdb.org/dictionaries/ascii/mmcif_pdbx.dic 
# 
loop_
_database_2.database_id 
_database_2.database_code 
_database_2.pdbx_database_accession 
_database_2.pdbx_DOI 
PDB   1R0U         pdb_00001r0u 10.2210/pdb1r0u/pdb 
RCSB  RCSB020302   ?            ?                   
WWPDB D_1000020302 ?            ?                   
# 
loop_
_pdbx_audit_revision_history.ordinal 
_pdbx_audit_revision_history.data_content_type 
_pdbx_audit_revision_history.major_revision 
_pdbx_audit_revision_history.minor_revision 
_pdbx_audit_revision_history.revision_date 
1 'Structure model' 1 0 2003-12-30 
2 'Structure model' 1 1 2008-04-29 
3 'Structure model' 1 2 2011-07-13 
4 'Structure model' 1 3 2024-02-14 
# 
_pdbx_audit_revision_details.ordinal             1 
_pdbx_audit_revision_details.revision_ordinal    1 
_pdbx_audit_revision_details.data_content_type   'Structure model' 
_pdbx_audit_revision_details.provider            repository 
_pdbx_audit_revision_details.type                'Initial release' 
_pdbx_audit_revision_details.description         ? 
_pdbx_audit_revision_details.details             ? 
# 
loop_
_pdbx_audit_revision_group.ordinal 
_pdbx_audit_revision_group.revision_ordinal 
_pdbx_audit_revision_group.data_content_type 
_pdbx_audit_revision_group.group 
1 2 'Structure model' 'Version format compliance' 
2 3 'Structure model' 'Non-polymer description'   
3 3 'Structure model' 'Version format compliance' 
4 4 'Structure model' Advisory                    
5 4 'Structure model' 'Data collection'           
6 4 'Structure model' 'Database references'       
7 4 'Structure model' 'Derived calculations'      
# 
loop_
_pdbx_audit_revision_category.ordinal 
_pdbx_audit_revision_category.revision_ordinal 
_pdbx_audit_revision_category.data_content_type 
_pdbx_audit_revision_category.category 
1 4 'Structure model' chem_comp_atom       
2 4 'Structure model' chem_comp_bond       
3 4 'Structure model' database_2           
4 4 'Structure model' pdbx_database_remark 
5 4 'Structure model' struct_site          
# 
loop_
_pdbx_audit_revision_item.ordinal 
_pdbx_audit_revision_item.revision_ordinal 
_pdbx_audit_revision_item.data_content_type 
_pdbx_audit_revision_item.item 
1 4 'Structure model' '_database_2.pdbx_DOI'                
2 4 'Structure model' '_database_2.pdbx_database_accession' 
3 4 'Structure model' '_pdbx_database_remark.text'          
4 4 'Structure model' '_struct_site.pdbx_auth_asym_id'      
5 4 'Structure model' '_struct_site.pdbx_auth_comp_id'      
6 4 'Structure model' '_struct_site.pdbx_auth_seq_id'       
# 
_pdbx_database_status.status_code                     REL 
_pdbx_database_status.entry_id                        1R0U 
_pdbx_database_status.recvd_initial_deposition_date   2003-09-23 
_pdbx_database_status.deposit_site                    RCSB 
_pdbx_database_status.process_site                    RCSB 
_pdbx_database_status.SG_entry                        Y 
_pdbx_database_status.status_code_sf                  REL 
_pdbx_database_status.status_code_mr                  ? 
_pdbx_database_status.pdb_format_compatible           Y 
_pdbx_database_status.status_code_cs                  ? 
_pdbx_database_status.status_code_nmr_data            ? 
_pdbx_database_status.methods_development_category    ? 
# 
_pdbx_database_related.db_name        TargetDB 
_pdbx_database_related.db_id          APC1791 
_pdbx_database_related.details        . 
_pdbx_database_related.content_type   unspecified 
# 
loop_
_audit_author.name 
_audit_author.pdbx_ordinal 
'Osipiuk, J.'                                   1 
'Xu, X.'                                        2 
'Savchenko, A.'                                 3 
'Edwards, A.'                                   4 
'Joachimiak, A.'                                5 
'Midwest Center for Structural Genomics (MCSG)' 6 
# 
_citation.id                        primary 
_citation.title                     'Crystal structure of ywiB protein from Bacillus subtilis' 
_citation.journal_abbrev            'to be published' 
_citation.journal_volume            ? 
_citation.page_first                ? 
_citation.page_last                 ? 
_citation.year                      ? 
_citation.journal_id_ASTM           ? 
_citation.country                   ? 
_citation.journal_id_ISSN           ? 
_citation.journal_id_CSD            0353 
_citation.book_publisher            ? 
_citation.pdbx_database_id_PubMed   ? 
_citation.pdbx_database_id_DOI      ? 
# 
loop_
_citation_author.citation_id 
_citation_author.name 
_citation_author.ordinal 
_citation_author.identifier_ORCID 
primary 'Osipiuk, J.'    1 ? 
primary 'Xu, X.'         2 ? 
primary 'Savchenko, A.'  3 ? 
primary 'Edwards, A.'    4 ? 
primary 'Joachimiak, A.' 5 ? 
# 
loop_
_entity.id 
_entity.type 
_entity.src_method 
_entity.pdbx_description 
_entity.formula_weight 
_entity.pdbx_number_of_molecules 
_entity.pdbx_ec 
_entity.pdbx_mutation 
_entity.pdbx_fragment 
_entity.details 
1 polymer     man 'protein ywiB' 16784.871 1   ? ? ? ? 
2 non-polymer syn GLYCEROL       92.094    1   ? ? ? ? 
3 water       nat water          18.015    196 ? ? ? ? 
# 
_entity_poly.entity_id                      1 
_entity_poly.type                           'polypeptide(L)' 
_entity_poly.nstd_linkage                   no 
_entity_poly.nstd_monomer                   no 
_entity_poly.pdbx_seq_one_letter_code       
;GFQSNAMKQETPITLHVKSVIEDDGNQEVIEFRTTGFYYVKQNKVYLSYYEEHDLGKVKTIVKVSEGEVLVMRSGAVKMN
QRFVTGASTIAKYKMSFGELELKTSTKSIQSDLDEEKGRISIAYDMHVGDEQEHLHNMTITYEGGTHA
;
_entity_poly.pdbx_seq_one_letter_code_can   
;GFQSNAMKQETPITLHVKSVIEDDGNQEVIEFRTTGFYYVKQNKVYLSYYEEHDLGKVKTIVKVSEGEVLVMRSGAVKMN
QRFVTGASTIAKYKMSFGELELKTSTKSIQSDLDEEKGRISIAYDMHVGDEQEHLHNMTITYEGGTHA
;
_entity_poly.pdbx_strand_id                 A 
_entity_poly.pdbx_target_identifier         APC1791 
# 
loop_
_pdbx_entity_nonpoly.entity_id 
_pdbx_entity_nonpoly.name 
_pdbx_entity_nonpoly.comp_id 
2 GLYCEROL GOL 
3 water    HOH 
# 
loop_
_entity_poly_seq.entity_id 
_entity_poly_seq.num 
_entity_poly_seq.mon_id 
_entity_poly_seq.hetero 
1 1   GLY n 
1 2   PHE n 
1 3   GLN n 
1 4   SER n 
1 5   ASN n 
1 6   ALA n 
1 7   MET n 
1 8   LYS n 
1 9   GLN n 
1 10  GLU n 
1 11  THR n 
1 12  PRO n 
1 13  ILE n 
1 14  THR n 
1 15  LEU n 
1 16  HIS n 
1 17  VAL n 
1 18  LYS n 
1 19  SER n 
1 20  VAL n 
1 21  ILE n 
1 22  GLU n 
1 23  ASP n 
1 24  ASP n 
1 25  GLY n 
1 26  ASN n 
1 27  GLN n 
1 28  GLU n 
1 29  VAL n 
1 30  ILE n 
1 31  GLU n 
1 32  PHE n 
1 33  ARG n 
1 34  THR n 
1 35  THR n 
1 36  GLY n 
1 37  PHE n 
1 38  TYR n 
1 39  TYR n 
1 40  VAL n 
1 41  LYS n 
1 42  GLN n 
1 43  ASN n 
1 44  LYS n 
1 45  VAL n 
1 46  TYR n 
1 47  LEU n 
1 48  SER n 
1 49  TYR n 
1 50  TYR n 
1 51  GLU n 
1 52  GLU n 
1 53  HIS n 
1 54  ASP n 
1 55  LEU n 
1 56  GLY n 
1 57  LYS n 
1 58  VAL n 
1 59  LYS n 
1 60  THR n 
1 61  ILE n 
1 62  VAL n 
1 63  LYS n 
1 64  VAL n 
1 65  SER n 
1 66  GLU n 
1 67  GLY n 
1 68  GLU n 
1 69  VAL n 
1 70  LEU n 
1 71  VAL n 
1 72  MET n 
1 73  ARG n 
1 74  SER n 
1 75  GLY n 
1 76  ALA n 
1 77  VAL n 
1 78  LYS n 
1 79  MET n 
1 80  ASN n 
1 81  GLN n 
1 82  ARG n 
1 83  PHE n 
1 84  VAL n 
1 85  THR n 
1 86  GLY n 
1 87  ALA n 
1 88  SER n 
1 89  THR n 
1 90  ILE n 
1 91  ALA n 
1 92  LYS n 
1 93  TYR n 
1 94  LYS n 
1 95  MET n 
1 96  SER n 
1 97  PHE n 
1 98  GLY n 
1 99  GLU n 
1 100 LEU n 
1 101 GLU n 
1 102 LEU n 
1 103 LYS n 
1 104 THR n 
1 105 SER n 
1 106 THR n 
1 107 LYS n 
1 108 SER n 
1 109 ILE n 
1 110 GLN n 
1 111 SER n 
1 112 ASP n 
1 113 LEU n 
1 114 ASP n 
1 115 GLU n 
1 116 GLU n 
1 117 LYS n 
1 118 GLY n 
1 119 ARG n 
1 120 ILE n 
1 121 SER n 
1 122 ILE n 
1 123 ALA n 
1 124 TYR n 
1 125 ASP n 
1 126 MET n 
1 127 HIS n 
1 128 VAL n 
1 129 GLY n 
1 130 ASP n 
1 131 GLU n 
1 132 GLN n 
1 133 GLU n 
1 134 HIS n 
1 135 LEU n 
1 136 HIS n 
1 137 ASN n 
1 138 MET n 
1 139 THR n 
1 140 ILE n 
1 141 THR n 
1 142 TYR n 
1 143 GLU n 
1 144 GLY n 
1 145 GLY n 
1 146 THR n 
1 147 HIS n 
1 148 ALA n 
# 
_entity_src_gen.entity_id                          1 
_entity_src_gen.pdbx_src_id                        1 
_entity_src_gen.pdbx_alt_source_flag               sample 
_entity_src_gen.pdbx_seq_type                      ? 
_entity_src_gen.pdbx_beg_seq_num                   ? 
_entity_src_gen.pdbx_end_seq_num                   ? 
_entity_src_gen.gene_src_common_name               ? 
_entity_src_gen.gene_src_genus                     Bacillus 
_entity_src_gen.pdbx_gene_src_gene                 ywiB 
_entity_src_gen.gene_src_species                   ? 
_entity_src_gen.gene_src_strain                    ? 
_entity_src_gen.gene_src_tissue                    ? 
_entity_src_gen.gene_src_tissue_fraction           ? 
_entity_src_gen.gene_src_details                   ? 
_entity_src_gen.pdbx_gene_src_fragment             ? 
_entity_src_gen.pdbx_gene_src_scientific_name      'Bacillus subtilis' 
_entity_src_gen.pdbx_gene_src_ncbi_taxonomy_id     1423 
_entity_src_gen.pdbx_gene_src_variant              ? 
_entity_src_gen.pdbx_gene_src_cell_line            ? 
_entity_src_gen.pdbx_gene_src_atcc                 ? 
_entity_src_gen.pdbx_gene_src_organ                ? 
_entity_src_gen.pdbx_gene_src_organelle            ? 
_entity_src_gen.pdbx_gene_src_cell                 ? 
_entity_src_gen.pdbx_gene_src_cellular_location    ? 
_entity_src_gen.host_org_common_name               ? 
_entity_src_gen.pdbx_host_org_scientific_name      'Escherichia coli' 
_entity_src_gen.pdbx_host_org_ncbi_taxonomy_id     562 
_entity_src_gen.host_org_genus                     Escherichia 
_entity_src_gen.pdbx_host_org_gene                 ? 
_entity_src_gen.pdbx_host_org_organ                ? 
_entity_src_gen.host_org_species                   ? 
_entity_src_gen.pdbx_host_org_tissue               ? 
_entity_src_gen.pdbx_host_org_tissue_fraction      ? 
_entity_src_gen.pdbx_host_org_strain               ? 
_entity_src_gen.pdbx_host_org_variant              ? 
_entity_src_gen.pdbx_host_org_cell_line            ? 
_entity_src_gen.pdbx_host_org_atcc                 ? 
_entity_src_gen.pdbx_host_org_culture_collection   ? 
_entity_src_gen.pdbx_host_org_cell                 ? 
_entity_src_gen.pdbx_host_org_organelle            ? 
_entity_src_gen.pdbx_host_org_cellular_location    ? 
_entity_src_gen.pdbx_host_org_vector_type          plasmid 
_entity_src_gen.pdbx_host_org_vector               ? 
_entity_src_gen.host_org_details                   ? 
_entity_src_gen.expression_system_id               ? 
_entity_src_gen.plasmid_name                       pMCSG7 
_entity_src_gen.plasmid_details                    ? 
_entity_src_gen.pdbx_description                   ? 
# 
loop_
_chem_comp.id 
_chem_comp.type 
_chem_comp.mon_nstd_flag 
_chem_comp.name 
_chem_comp.pdbx_synonyms 
_chem_comp.formula 
_chem_comp.formula_weight 
ALA 'L-peptide linking' y ALANINE         ?                               'C3 H7 N O2'     89.093  
ARG 'L-peptide linking' y ARGININE        ?                               'C6 H15 N4 O2 1' 175.209 
ASN 'L-peptide linking' y ASPARAGINE      ?                               'C4 H8 N2 O3'    132.118 
ASP 'L-peptide linking' y 'ASPARTIC ACID' ?                               'C4 H7 N O4'     133.103 
GLN 'L-peptide linking' y GLUTAMINE       ?                               'C5 H10 N2 O3'   146.144 
GLU 'L-peptide linking' y 'GLUTAMIC ACID' ?                               'C5 H9 N O4'     147.129 
GLY 'peptide linking'   y GLYCINE         ?                               'C2 H5 N O2'     75.067  
GOL non-polymer         . GLYCEROL        'GLYCERIN; PROPANE-1,2,3-TRIOL' 'C3 H8 O3'       92.094  
HIS 'L-peptide linking' y HISTIDINE       ?                               'C6 H10 N3 O2 1' 156.162 
HOH non-polymer         . WATER           ?                               'H2 O'           18.015  
ILE 'L-peptide linking' y ISOLEUCINE      ?                               'C6 H13 N O2'    131.173 
LEU 'L-peptide linking' y LEUCINE         ?                               'C6 H13 N O2'    131.173 
LYS 'L-peptide linking' y LYSINE          ?                               'C6 H15 N2 O2 1' 147.195 
MET 'L-peptide linking' y METHIONINE      ?                               'C5 H11 N O2 S'  149.211 
PHE 'L-peptide linking' y PHENYLALANINE   ?                               'C9 H11 N O2'    165.189 
PRO 'L-peptide linking' y PROLINE         ?                               'C5 H9 N O2'     115.130 
SER 'L-peptide linking' y SERINE          ?                               'C3 H7 N O3'     105.093 
THR 'L-peptide linking' y THREONINE       ?                               'C4 H9 N O3'     119.119 
TYR 'L-peptide linking' y TYROSINE        ?                               'C9 H11 N O3'    181.189 
VAL 'L-peptide linking' y VALINE          ?                               'C5 H11 N O2'    117.146 
# 
loop_
_pdbx_poly_seq_scheme.asym_id 
_pdbx_poly_seq_scheme.entity_id 
_pdbx_poly_seq_scheme.seq_id 
_pdbx_poly_seq_scheme.mon_id 
_pdbx_poly_seq_scheme.ndb_seq_num 
_pdbx_poly_seq_scheme.pdb_seq_num 
_pdbx_poly_seq_scheme.auth_seq_num 
_pdbx_poly_seq_scheme.pdb_mon_id 
_pdbx_poly_seq_scheme.auth_mon_id 
_pdbx_poly_seq_scheme.pdb_strand_id 
_pdbx_poly_seq_scheme.pdb_ins_code 
_pdbx_poly_seq_scheme.hetero 
A 1 1   GLY 1   -6  -6  GLY GLY A . n 
A 1 2   PHE 2   -5  -5  PHE PHE A . n 
A 1 3   GLN 3   -4  -4  GLN GLN A . n 
A 1 4   SER 4   -3  -3  SER SER A . n 
A 1 5   ASN 5   -2  -2  ASN ASN A . n 
A 1 6   ALA 6   -1  -1  ALA ALA A . n 
A 1 7   MET 7   1   1   MET MET A . n 
A 1 8   LYS 8   2   2   LYS LYS A . n 
A 1 9   GLN 9   3   3   GLN GLN A . n 
A 1 10  GLU 10  4   4   GLU GLU A . n 
A 1 11  THR 11  5   5   THR THR A . n 
A 1 12  PRO 12  6   6   PRO PRO A . n 
A 1 13  ILE 13  7   7   ILE ILE A . n 
A 1 14  THR 14  8   8   THR THR A . n 
A 1 15  LEU 15  9   9   LEU LEU A . n 
A 1 16  HIS 16  10  10  HIS HIS A . n 
A 1 17  VAL 17  11  11  VAL VAL A . n 
A 1 18  LYS 18  12  12  LYS LYS A . n 
A 1 19  SER 19  13  13  SER SER A . n 
A 1 20  VAL 20  14  14  VAL VAL A . n 
A 1 21  ILE 21  15  15  ILE ILE A . n 
A 1 22  GLU 22  16  16  GLU GLU A . n 
A 1 23  ASP 23  17  17  ASP ASP A . n 
A 1 24  ASP 24  18  18  ASP ASP A . n 
A 1 25  GLY 25  19  19  GLY GLY A . n 
A 1 26  ASN 26  20  20  ASN ASN A . n 
A 1 27  GLN 27  21  21  GLN GLN A . n 
A 1 28  GLU 28  22  22  GLU GLU A . n 
A 1 29  VAL 29  23  23  VAL VAL A . n 
A 1 30  ILE 30  24  24  ILE ILE A . n 
A 1 31  GLU 31  25  25  GLU GLU A . n 
A 1 32  PHE 32  26  26  PHE PHE A . n 
A 1 33  ARG 33  27  27  ARG ARG A . n 
A 1 34  THR 34  28  28  THR THR A . n 
A 1 35  THR 35  29  29  THR THR A . n 
A 1 36  GLY 36  30  30  GLY GLY A . n 
A 1 37  PHE 37  31  31  PHE PHE A . n 
A 1 38  TYR 38  32  32  TYR TYR A . n 
A 1 39  TYR 39  33  33  TYR TYR A . n 
A 1 40  VAL 40  34  34  VAL VAL A . n 
A 1 41  LYS 41  35  35  LYS LYS A . n 
A 1 42  GLN 42  36  36  GLN GLN A . n 
A 1 43  ASN 43  37  37  ASN ASN A . n 
A 1 44  LYS 44  38  38  LYS LYS A . n 
A 1 45  VAL 45  39  39  VAL VAL A . n 
A 1 46  TYR 46  40  40  TYR TYR A . n 
A 1 47  LEU 47  41  41  LEU LEU A . n 
A 1 48  SER 48  42  42  SER SER A . n 
A 1 49  TYR 49  43  43  TYR TYR A . n 
A 1 50  TYR 50  44  44  TYR TYR A . n 
A 1 51  GLU 51  45  45  GLU GLU A . n 
A 1 52  GLU 52  46  46  GLU GLU A . n 
A 1 53  HIS 53  47  47  HIS HIS A . n 
A 1 54  ASP 54  48  48  ASP ASP A . n 
A 1 55  LEU 55  49  49  LEU LEU A . n 
A 1 56  GLY 56  50  50  GLY GLY A . n 
A 1 57  LYS 57  51  51  LYS LYS A . n 
A 1 58  VAL 58  52  52  VAL VAL A . n 
A 1 59  LYS 59  53  53  LYS LYS A . n 
A 1 60  THR 60  54  54  THR THR A . n 
A 1 61  ILE 61  55  55  ILE ILE A . n 
A 1 62  VAL 62  56  56  VAL VAL A . n 
A 1 63  LYS 63  57  57  LYS LYS A . n 
A 1 64  VAL 64  58  58  VAL VAL A . n 
A 1 65  SER 65  59  59  SER SER A . n 
A 1 66  GLU 66  60  60  GLU GLU A . n 
A 1 67  GLY 67  61  61  GLY GLY A . n 
A 1 68  GLU 68  62  62  GLU GLU A . n 
A 1 69  VAL 69  63  63  VAL VAL A . n 
A 1 70  LEU 70  64  64  LEU LEU A . n 
A 1 71  VAL 71  65  65  VAL VAL A . n 
A 1 72  MET 72  66  66  MET MET A . n 
A 1 73  ARG 73  67  67  ARG ARG A . n 
A 1 74  SER 74  68  68  SER SER A . n 
A 1 75  GLY 75  69  69  GLY GLY A . n 
A 1 76  ALA 76  70  70  ALA ALA A . n 
A 1 77  VAL 77  71  71  VAL VAL A . n 
A 1 78  LYS 78  72  72  LYS LYS A . n 
A 1 79  MET 79  73  73  MET MET A . n 
A 1 80  ASN 80  74  74  ASN ASN A . n 
A 1 81  GLN 81  75  75  GLN GLN A . n 
A 1 82  ARG 82  76  76  ARG ARG A . n 
A 1 83  PHE 83  77  77  PHE PHE A . n 
A 1 84  VAL 84  78  78  VAL VAL A . n 
A 1 85  THR 85  79  79  THR THR A . n 
A 1 86  GLY 86  80  80  GLY GLY A . n 
A 1 87  ALA 87  81  81  ALA ALA A . n 
A 1 88  SER 88  82  82  SER SER A . n 
A 1 89  THR 89  83  83  THR THR A . n 
A 1 90  ILE 90  84  84  ILE ILE A . n 
A 1 91  ALA 91  85  85  ALA ALA A . n 
A 1 92  LYS 92  86  86  LYS LYS A . n 
A 1 93  TYR 93  87  87  TYR TYR A . n 
A 1 94  LYS 94  88  88  LYS LYS A . n 
A 1 95  MET 95  89  89  MET MET A . n 
A 1 96  SER 96  90  90  SER SER A . n 
A 1 97  PHE 97  91  91  PHE PHE A . n 
A 1 98  GLY 98  92  92  GLY GLY A . n 
A 1 99  GLU 99  93  93  GLU GLU A . n 
A 1 100 LEU 100 94  94  LEU LEU A . n 
A 1 101 GLU 101 95  95  GLU GLU A . n 
A 1 102 LEU 102 96  96  LEU LEU A . n 
A 1 103 LYS 103 97  97  LYS LYS A . n 
A 1 104 THR 104 98  98  THR THR A . n 
A 1 105 SER 105 99  99  SER SER A . n 
A 1 106 THR 106 100 100 THR THR A . n 
A 1 107 LYS 107 101 101 LYS LYS A . n 
A 1 108 SER 108 102 102 SER SER A . n 
A 1 109 ILE 109 103 103 ILE ILE A . n 
A 1 110 GLN 110 104 104 GLN GLN A . n 
A 1 111 SER 111 105 105 SER SER A . n 
A 1 112 ASP 112 106 106 ASP ASP A . n 
A 1 113 LEU 113 107 107 LEU LEU A . n 
A 1 114 ASP 114 108 108 ASP ASP A . n 
A 1 115 GLU 115 109 109 GLU GLU A . n 
A 1 116 GLU 116 110 110 GLU GLU A . n 
A 1 117 LYS 117 111 111 LYS LYS A . n 
A 1 118 GLY 118 112 112 GLY GLY A . n 
A 1 119 ARG 119 113 113 ARG ARG A . n 
A 1 120 ILE 120 114 114 ILE ILE A . n 
A 1 121 SER 121 115 115 SER SER A . n 
A 1 122 ILE 122 116 116 ILE ILE A . n 
A 1 123 ALA 123 117 117 ALA ALA A . n 
A 1 124 TYR 124 118 118 TYR TYR A . n 
A 1 125 ASP 125 119 119 ASP ASP A . n 
A 1 126 MET 126 120 120 MET MET A . n 
A 1 127 HIS 127 121 121 HIS HIS A . n 
A 1 128 VAL 128 122 122 VAL VAL A . n 
A 1 129 GLY 129 123 123 GLY GLY A . n 
A 1 130 ASP 130 124 ?   ?   ?   A . n 
A 1 131 GLU 131 125 ?   ?   ?   A . n 
A 1 132 GLN 132 126 ?   ?   ?   A . n 
A 1 133 GLU 133 127 ?   ?   ?   A . n 
A 1 134 HIS 134 128 128 HIS HIS A . n 
A 1 135 LEU 135 129 129 LEU LEU A . n 
A 1 136 HIS 136 130 130 HIS HIS A . n 
A 1 137 ASN 137 131 131 ASN ASN A . n 
A 1 138 MET 138 132 132 MET MET A . n 
A 1 139 THR 139 133 133 THR THR A . n 
A 1 140 ILE 140 134 134 ILE ILE A . n 
A 1 141 THR 141 135 135 THR THR A . n 
A 1 142 TYR 142 136 136 TYR TYR A . n 
A 1 143 GLU 143 137 137 GLU GLU A . n 
A 1 144 GLY 144 138 138 GLY GLY A . n 
A 1 145 GLY 145 139 139 GLY GLY A . n 
A 1 146 THR 146 140 140 THR THR A . n 
A 1 147 HIS 147 141 ?   ?   ?   A . n 
A 1 148 ALA 148 142 ?   ?   ?   A . n 
# 
loop_
_pdbx_nonpoly_scheme.asym_id 
_pdbx_nonpoly_scheme.entity_id 
_pdbx_nonpoly_scheme.mon_id 
_pdbx_nonpoly_scheme.ndb_seq_num 
_pdbx_nonpoly_scheme.pdb_seq_num 
_pdbx_nonpoly_scheme.auth_seq_num 
_pdbx_nonpoly_scheme.pdb_mon_id 
_pdbx_nonpoly_scheme.auth_mon_id 
_pdbx_nonpoly_scheme.pdb_strand_id 
_pdbx_nonpoly_scheme.pdb_ins_code 
B 2 GOL 1   301 301 GOL GOL A . 
C 3 HOH 1   302 1   HOH HOH A . 
C 3 HOH 2   303 2   HOH HOH A . 
C 3 HOH 3   304 3   HOH HOH A . 
C 3 HOH 4   305 4   HOH HOH A . 
C 3 HOH 5   306 5   HOH HOH A . 
C 3 HOH 6   307 6   HOH HOH A . 
C 3 HOH 7   308 7   HOH HOH A . 
C 3 HOH 8   309 8   HOH HOH A . 
C 3 HOH 9   310 9   HOH HOH A . 
C 3 HOH 10  311 10  HOH HOH A . 
C 3 HOH 11  312 11  HOH HOH A . 
C 3 HOH 12  313 12  HOH HOH A . 
C 3 HOH 13  314 13  HOH HOH A . 
C 3 HOH 14  315 14  HOH HOH A . 
C 3 HOH 15  316 15  HOH HOH A . 
C 3 HOH 16  317 16  HOH HOH A . 
C 3 HOH 17  318 17  HOH HOH A . 
C 3 HOH 18  319 18  HOH HOH A . 
C 3 HOH 19  320 19  HOH HOH A . 
C 3 HOH 20  321 20  HOH HOH A . 
C 3 HOH 21  322 21  HOH HOH A . 
C 3 HOH 22  323 22  HOH HOH A . 
C 3 HOH 23  324 23  HOH HOH A . 
C 3 HOH 24  325 24  HOH HOH A . 
C 3 HOH 25  326 25  HOH HOH A . 
C 3 HOH 26  327 26  HOH HOH A . 
C 3 HOH 27  328 27  HOH HOH A . 
C 3 HOH 28  329 28  HOH HOH A . 
C 3 HOH 29  330 29  HOH HOH A . 
C 3 HOH 30  331 30  HOH HOH A . 
C 3 HOH 31  332 31  HOH HOH A . 
C 3 HOH 32  333 32  HOH HOH A . 
C 3 HOH 33  334 33  HOH HOH A . 
C 3 HOH 34  335 34  HOH HOH A . 
C 3 HOH 35  336 35  HOH HOH A . 
C 3 HOH 36  337 36  HOH HOH A . 
C 3 HOH 37  338 37  HOH HOH A . 
C 3 HOH 38  339 38  HOH HOH A . 
C 3 HOH 39  340 39  HOH HOH A . 
C 3 HOH 40  341 40  HOH HOH A . 
C 3 HOH 41  342 41  HOH HOH A . 
C 3 HOH 42  343 42  HOH HOH A . 
C 3 HOH 43  344 43  HOH HOH A . 
C 3 HOH 44  345 44  HOH HOH A . 
C 3 HOH 45  346 45  HOH HOH A . 
C 3 HOH 46  347 46  HOH HOH A . 
C 3 HOH 47  348 47  HOH HOH A . 
C 3 HOH 48  349 48  HOH HOH A . 
C 3 HOH 49  350 49  HOH HOH A . 
C 3 HOH 50  351 50  HOH HOH A . 
C 3 HOH 51  352 51  HOH HOH A . 
C 3 HOH 52  353 52  HOH HOH A . 
C 3 HOH 53  354 53  HOH HOH A . 
C 3 HOH 54  355 54  HOH HOH A . 
C 3 HOH 55  356 55  HOH HOH A . 
C 3 HOH 56  357 56  HOH HOH A . 
C 3 HOH 57  358 57  HOH HOH A . 
C 3 HOH 58  359 58  HOH HOH A . 
C 3 HOH 59  360 59  HOH HOH A . 
C 3 HOH 60  361 60  HOH HOH A . 
C 3 HOH 61  362 61  HOH HOH A . 
C 3 HOH 62  363 62  HOH HOH A . 
C 3 HOH 63  364 63  HOH HOH A . 
C 3 HOH 64  365 64  HOH HOH A . 
C 3 HOH 65  366 65  HOH HOH A . 
C 3 HOH 66  367 66  HOH HOH A . 
C 3 HOH 67  368 67  HOH HOH A . 
C 3 HOH 68  369 68  HOH HOH A . 
C 3 HOH 69  370 69  HOH HOH A . 
C 3 HOH 70  371 70  HOH HOH A . 
C 3 HOH 71  372 71  HOH HOH A . 
C 3 HOH 72  373 72  HOH HOH A . 
C 3 HOH 73  374 73  HOH HOH A . 
C 3 HOH 74  375 74  HOH HOH A . 
C 3 HOH 75  376 75  HOH HOH A . 
C 3 HOH 76  377 76  HOH HOH A . 
C 3 HOH 77  378 77  HOH HOH A . 
C 3 HOH 78  379 78  HOH HOH A . 
C 3 HOH 79  380 79  HOH HOH A . 
C 3 HOH 80  381 80  HOH HOH A . 
C 3 HOH 81  382 81  HOH HOH A . 
C 3 HOH 82  383 82  HOH HOH A . 
C 3 HOH 83  384 83  HOH HOH A . 
C 3 HOH 84  385 84  HOH HOH A . 
C 3 HOH 85  386 85  HOH HOH A . 
C 3 HOH 86  387 86  HOH HOH A . 
C 3 HOH 87  388 87  HOH HOH A . 
C 3 HOH 88  389 88  HOH HOH A . 
C 3 HOH 89  390 89  HOH HOH A . 
C 3 HOH 90  391 90  HOH HOH A . 
C 3 HOH 91  392 91  HOH HOH A . 
C 3 HOH 92  393 92  HOH HOH A . 
C 3 HOH 93  394 93  HOH HOH A . 
C 3 HOH 94  395 94  HOH HOH A . 
C 3 HOH 95  396 95  HOH HOH A . 
C 3 HOH 96  397 96  HOH HOH A . 
C 3 HOH 97  398 97  HOH HOH A . 
C 3 HOH 98  399 98  HOH HOH A . 
C 3 HOH 99  400 99  HOH HOH A . 
C 3 HOH 100 401 100 HOH HOH A . 
C 3 HOH 101 402 101 HOH HOH A . 
C 3 HOH 102 403 102 HOH HOH A . 
C 3 HOH 103 404 103 HOH HOH A . 
C 3 HOH 104 405 104 HOH HOH A . 
C 3 HOH 105 406 105 HOH HOH A . 
C 3 HOH 106 407 106 HOH HOH A . 
C 3 HOH 107 408 107 HOH HOH A . 
C 3 HOH 108 409 108 HOH HOH A . 
C 3 HOH 109 410 109 HOH HOH A . 
C 3 HOH 110 411 110 HOH HOH A . 
C 3 HOH 111 412 111 HOH HOH A . 
C 3 HOH 112 413 112 HOH HOH A . 
C 3 HOH 113 414 113 HOH HOH A . 
C 3 HOH 114 415 114 HOH HOH A . 
C 3 HOH 115 416 115 HOH HOH A . 
C 3 HOH 116 417 116 HOH HOH A . 
C 3 HOH 117 418 117 HOH HOH A . 
C 3 HOH 118 419 118 HOH HOH A . 
C 3 HOH 119 420 119 HOH HOH A . 
C 3 HOH 120 421 120 HOH HOH A . 
C 3 HOH 121 422 121 HOH HOH A . 
C 3 HOH 122 423 122 HOH HOH A . 
C 3 HOH 123 424 123 HOH HOH A . 
C 3 HOH 124 425 124 HOH HOH A . 
C 3 HOH 125 426 125 HOH HOH A . 
C 3 HOH 126 427 126 HOH HOH A . 
C 3 HOH 127 428 127 HOH HOH A . 
C 3 HOH 128 429 128 HOH HOH A . 
C 3 HOH 129 430 129 HOH HOH A . 
C 3 HOH 130 431 130 HOH HOH A . 
C 3 HOH 131 432 131 HOH HOH A . 
C 3 HOH 132 433 132 HOH HOH A . 
C 3 HOH 133 434 133 HOH HOH A . 
C 3 HOH 134 435 134 HOH HOH A . 
C 3 HOH 135 436 135 HOH HOH A . 
C 3 HOH 136 437 136 HOH HOH A . 
C 3 HOH 137 438 137 HOH HOH A . 
C 3 HOH 138 439 138 HOH HOH A . 
C 3 HOH 139 440 139 HOH HOH A . 
C 3 HOH 140 441 140 HOH HOH A . 
C 3 HOH 141 442 141 HOH HOH A . 
C 3 HOH 142 443 142 HOH HOH A . 
C 3 HOH 143 444 143 HOH HOH A . 
C 3 HOH 144 445 144 HOH HOH A . 
C 3 HOH 145 446 145 HOH HOH A . 
C 3 HOH 146 447 146 HOH HOH A . 
C 3 HOH 147 448 147 HOH HOH A . 
C 3 HOH 148 449 148 HOH HOH A . 
C 3 HOH 149 450 149 HOH HOH A . 
C 3 HOH 150 451 150 HOH HOH A . 
C 3 HOH 151 452 151 HOH HOH A . 
C 3 HOH 152 453 152 HOH HOH A . 
C 3 HOH 153 454 153 HOH HOH A . 
C 3 HOH 154 455 154 HOH HOH A . 
C 3 HOH 155 456 155 HOH HOH A . 
C 3 HOH 156 457 156 HOH HOH A . 
C 3 HOH 157 458 157 HOH HOH A . 
C 3 HOH 158 459 158 HOH HOH A . 
C 3 HOH 159 460 159 HOH HOH A . 
C 3 HOH 160 461 160 HOH HOH A . 
C 3 HOH 161 462 161 HOH HOH A . 
C 3 HOH 162 463 162 HOH HOH A . 
C 3 HOH 163 464 163 HOH HOH A . 
C 3 HOH 164 465 164 HOH HOH A . 
C 3 HOH 165 466 165 HOH HOH A . 
C 3 HOH 166 467 166 HOH HOH A . 
C 3 HOH 167 468 167 HOH HOH A . 
C 3 HOH 168 469 168 HOH HOH A . 
C 3 HOH 169 470 169 HOH HOH A . 
C 3 HOH 170 471 170 HOH HOH A . 
C 3 HOH 171 472 171 HOH HOH A . 
C 3 HOH 172 473 172 HOH HOH A . 
C 3 HOH 173 474 173 HOH HOH A . 
C 3 HOH 174 475 174 HOH HOH A . 
C 3 HOH 175 476 175 HOH HOH A . 
C 3 HOH 176 477 176 HOH HOH A . 
C 3 HOH 177 478 177 HOH HOH A . 
C 3 HOH 178 479 178 HOH HOH A . 
C 3 HOH 179 480 179 HOH HOH A . 
C 3 HOH 180 481 180 HOH HOH A . 
C 3 HOH 181 482 181 HOH HOH A . 
C 3 HOH 182 483 182 HOH HOH A . 
C 3 HOH 183 484 183 HOH HOH A . 
C 3 HOH 184 485 184 HOH HOH A . 
C 3 HOH 185 486 185 HOH HOH A . 
C 3 HOH 186 487 186 HOH HOH A . 
C 3 HOH 187 488 187 HOH HOH A . 
C 3 HOH 188 489 188 HOH HOH A . 
C 3 HOH 189 490 189 HOH HOH A . 
C 3 HOH 190 491 190 HOH HOH A . 
C 3 HOH 191 492 191 HOH HOH A . 
C 3 HOH 192 493 192 HOH HOH A . 
C 3 HOH 193 494 193 HOH HOH A . 
C 3 HOH 194 495 194 HOH HOH A . 
C 3 HOH 195 496 195 HOH HOH A . 
C 3 HOH 196 497 196 HOH HOH A . 
# 
loop_
_software.name 
_software.classification 
_software.version 
_software.citation_id 
_software.pdbx_ordinal 
REFMAC    refinement       5.1.24 ? 1 
HKL-2000  'data reduction' .      ? 2 
SCALEPACK 'data scaling'   .      ? 3 
CNS       phasing          .      ? 4 
SOLVE     phasing          .      ? 5 
# 
_cell.entry_id           1R0U 
_cell.length_a           48.428 
_cell.length_b           48.428 
_cell.length_c           136.156 
_cell.angle_alpha        90.00 
_cell.angle_beta         90.00 
_cell.angle_gamma        120.00 
_cell.Z_PDB              6 
_cell.pdbx_unique_axis   ? 
_cell.length_a_esd       ? 
_cell.length_b_esd       ? 
_cell.length_c_esd       ? 
_cell.angle_alpha_esd    ? 
_cell.angle_beta_esd     ? 
_cell.angle_gamma_esd    ? 
# 
_symmetry.entry_id                         1R0U 
_symmetry.space_group_name_H-M             'P 31 2 1' 
_symmetry.pdbx_full_space_group_name_H-M   ? 
_symmetry.cell_setting                     ? 
_symmetry.Int_Tables_number                152 
_symmetry.space_group_name_Hall            ? 
# 
_exptl.entry_id          1R0U 
_exptl.method            'X-RAY DIFFRACTION' 
_exptl.crystals_number   1 
# 
_exptl_crystal.id                    1 
_exptl_crystal.density_meas          ? 
_exptl_crystal.density_Matthews      2.75 
_exptl_crystal.density_percent_sol   55.20 
_exptl_crystal.description           ? 
_exptl_crystal.F_000                 ? 
_exptl_crystal.preparation           ? 
# 
_exptl_crystal_grow.crystal_id      1 
_exptl_crystal_grow.method          'VAPOR DIFFUSION, HANGING DROP' 
_exptl_crystal_grow.temp            289 
_exptl_crystal_grow.temp_details    ? 
_exptl_crystal_grow.pH              5.4 
_exptl_crystal_grow.pdbx_details    
'lithium chloride, Bis-tris buffer, glycerol, isopropanol, PEG 3350, pH 5.4, VAPOR DIFFUSION, HANGING DROP, temperature 289K' 
_exptl_crystal_grow.pdbx_pH_range   . 
# 
_diffrn.id                     1 
_diffrn.ambient_temp           100 
_diffrn.ambient_temp_details   ? 
_diffrn.crystal_id             1 
# 
_diffrn_detector.diffrn_id              1 
_diffrn_detector.detector               CCD 
_diffrn_detector.type                   SBC-2 
_diffrn_detector.pdbx_collection_date   2003-08-01 
_diffrn_detector.details                ? 
# 
_diffrn_radiation.diffrn_id                        1 
_diffrn_radiation.wavelength_id                    1 
_diffrn_radiation.pdbx_monochromatic_or_laue_m_l   M 
_diffrn_radiation.monochromator                    'double crystal' 
_diffrn_radiation.pdbx_diffrn_protocol             'SINGLE WAVELENGTH' 
_diffrn_radiation.pdbx_scattering_type             x-ray 
# 
loop_
_diffrn_radiation_wavelength.id 
_diffrn_radiation_wavelength.wavelength 
_diffrn_radiation_wavelength.wt 
1 1.03320 1.0 
2 0.97935 1.0 
3 0.97945 1.0 
4 0.96422 1.0 
# 
_diffrn_source.diffrn_id                   1 
_diffrn_source.source                      SYNCHROTRON 
_diffrn_source.type                        'APS BEAMLINE 19-ID' 
_diffrn_source.pdbx_synchrotron_site       APS 
_diffrn_source.pdbx_synchrotron_beamline   19-ID 
_diffrn_source.pdbx_wavelength             ? 
_diffrn_source.pdbx_wavelength_list        '1.03320, 0.97935, 0.97945, 0.96422' 
# 
_reflns.entry_id                     1R0U 
_reflns.observed_criterion_sigma_F   0.0 
_reflns.observed_criterion_sigma_I   0.0 
_reflns.d_resolution_high            1.7 
_reflns.d_resolution_low             50 
_reflns.number_all                   21269 
_reflns.number_obs                   20248 
_reflns.percent_possible_obs         95.2 
_reflns.pdbx_Rmerge_I_obs            0.077 
_reflns.pdbx_Rsym_value              ? 
_reflns.pdbx_netI_over_sigmaI        6.1 
_reflns.B_iso_Wilson_estimate        ? 
_reflns.pdbx_redundancy              11.6 
_reflns.R_free_details               ? 
_reflns.limit_h_max                  ? 
_reflns.limit_h_min                  ? 
_reflns.limit_k_max                  ? 
_reflns.limit_k_min                  ? 
_reflns.limit_l_max                  ? 
_reflns.limit_l_min                  ? 
_reflns.observed_criterion_F_max     ? 
_reflns.observed_criterion_F_min     ? 
_reflns.pdbx_chi_squared             ? 
_reflns.pdbx_scaling_rejects         ? 
_reflns.pdbx_ordinal                 1 
_reflns.pdbx_diffrn_id               1 
# 
_reflns_shell.d_res_high             1.70 
_reflns_shell.d_res_low              1.76 
_reflns_shell.percent_possible_all   67.0 
_reflns_shell.Rmerge_I_obs           0.396 
_reflns_shell.pdbx_Rsym_value        ? 
_reflns_shell.meanI_over_sigI_obs    ? 
_reflns_shell.pdbx_redundancy        ? 
_reflns_shell.percent_possible_obs   ? 
_reflns_shell.number_unique_all      ? 
_reflns_shell.number_measured_all    ? 
_reflns_shell.number_measured_obs    ? 
_reflns_shell.number_unique_obs      ? 
_reflns_shell.pdbx_chi_squared       ? 
_reflns_shell.pdbx_ordinal           1 
_reflns_shell.pdbx_diffrn_id         1 
# 
_refine.entry_id                                 1R0U 
_refine.ls_number_reflns_obs                     18507 
_refine.ls_number_reflns_all                     26091 
_refine.pdbx_ls_sigma_I                          ? 
_refine.pdbx_ls_sigma_F                          0.0 
_refine.pdbx_data_cutoff_high_absF               ? 
_refine.pdbx_data_cutoff_low_absF                ? 
_refine.pdbx_data_cutoff_high_rms_absF           ? 
_refine.ls_d_res_low                             45.17 
_refine.ls_d_res_high                            1.75 
_refine.ls_percent_reflns_obs                    95.11 
_refine.ls_R_factor_obs                          0.1855 
_refine.ls_R_factor_all                          ? 
_refine.ls_R_factor_R_work                       0.1846 
_refine.ls_R_factor_R_free                       0.2118 
_refine.ls_R_factor_R_free_error                 ? 
_refine.ls_R_factor_R_free_error_details         ? 
_refine.ls_percent_reflns_R_free                 ? 
_refine.ls_number_reflns_R_free                  1580 
_refine.ls_number_parameters                     ? 
_refine.ls_number_restraints                     ? 
_refine.occupancy_min                            ? 
_refine.occupancy_max                            ? 
_refine.correlation_coeff_Fo_to_Fc               0.948 
_refine.correlation_coeff_Fo_to_Fc_free          ? 
_refine.B_iso_mean                               16.613 
_refine.aniso_B[1][1]                            0.36 
_refine.aniso_B[2][2]                            0.36 
_refine.aniso_B[3][3]                            -0.53 
_refine.aniso_B[1][2]                            0.18 
_refine.aniso_B[1][3]                            0.00 
_refine.aniso_B[2][3]                            0.00 
_refine.solvent_model_details                    'BABINET MODEL WITH MASK' 
_refine.solvent_model_param_ksol                 ? 
_refine.solvent_model_param_bsol                 ? 
_refine.pdbx_solvent_vdw_probe_radii             1.40 
_refine.pdbx_solvent_ion_probe_radii             0.80 
_refine.pdbx_solvent_shrinkage_radii             0.80 
_refine.pdbx_ls_cross_valid_method               ? 
_refine.details                                  
'Residues 124-127 and 141-142 are missing in the structure.  HYDROGENS HAVE BEEN ADDED IN THE RIDING POSITIONS' 
_refine.pdbx_starting_model                      ? 
_refine.pdbx_method_to_determine_struct          MAD 
_refine.pdbx_isotropic_thermal_model             ? 
_refine.pdbx_stereochemistry_target_values       'MAXIMUM LIKELIHOOD' 
_refine.pdbx_stereochem_target_val_spec_case     ? 
_refine.pdbx_R_Free_selection_details            random 
_refine.pdbx_overall_ESU_R                       0.111 
_refine.pdbx_overall_ESU_R_Free                  ? 
_refine.overall_SU_ML                            0.055 
_refine.overall_SU_B                             1.714 
_refine.ls_redundancy_reflns_obs                 ? 
_refine.B_iso_min                                ? 
_refine.B_iso_max                                ? 
_refine.overall_SU_R_Cruickshank_DPI             ? 
_refine.overall_SU_R_free                        ? 
_refine.ls_wR_factor_R_free                      ? 
_refine.ls_wR_factor_R_work                      ? 
_refine.overall_FOM_free_R_set                   ? 
_refine.overall_FOM_work_R_set                   ? 
_refine.pdbx_refine_id                           'X-RAY DIFFRACTION' 
_refine.pdbx_diffrn_id                           1 
_refine.pdbx_TLS_residual_ADP_flag               ? 
_refine.pdbx_overall_phase_error                 ? 
_refine.pdbx_overall_SU_R_free_Cruickshank_DPI   ? 
_refine.pdbx_overall_SU_R_Blow_DPI               ? 
_refine.pdbx_overall_SU_R_free_Blow_DPI          ? 
# 
_refine_hist.pdbx_refine_id                   'X-RAY DIFFRACTION' 
_refine_hist.cycle_id                         LAST 
_refine_hist.pdbx_number_atoms_protein        1126 
_refine_hist.pdbx_number_atoms_nucleic_acid   0 
_refine_hist.pdbx_number_atoms_ligand         6 
_refine_hist.number_atoms_solvent             196 
_refine_hist.number_atoms_total               1328 
_refine_hist.d_res_high                       1.75 
_refine_hist.d_res_low                        45.17 
# 
loop_
_refine_ls_restr.type 
_refine_ls_restr.dev_ideal 
_refine_ls_restr.dev_ideal_target 
_refine_ls_restr.weight 
_refine_ls_restr.number 
_refine_ls_restr.pdbx_refine_id 
_refine_ls_restr.pdbx_restraint_function 
r_bond_refined_d         0.011 0.022 ? 1255 'X-RAY DIFFRACTION' ? 
r_bond_other_d           0.002 0.020 ? 1146 'X-RAY DIFFRACTION' ? 
r_angle_refined_deg      1.363 1.955 ? 1685 'X-RAY DIFFRACTION' ? 
r_angle_other_deg        0.752 3.000 ? 2718 'X-RAY DIFFRACTION' ? 
r_dihedral_angle_1_deg   6.838 5.000 ? 140  'X-RAY DIFFRACTION' ? 
r_dihedral_angle_2_deg   ?     ?     ? ?    'X-RAY DIFFRACTION' ? 
r_chiral_restr           0.090 0.200 ? 198  'X-RAY DIFFRACTION' ? 
r_gen_planes_refined     0.005 0.020 ? 1307 'X-RAY DIFFRACTION' ? 
r_gen_planes_other       0.003 0.020 ? 226  'X-RAY DIFFRACTION' ? 
r_nbd_refined            0.212 0.200 ? 178  'X-RAY DIFFRACTION' ? 
r_nbd_other              0.259 0.200 ? 1272 'X-RAY DIFFRACTION' ? 
r_nbtor_other            0.081 0.200 ? 827  'X-RAY DIFFRACTION' ? 
r_xyhbond_nbd_refined    0.196 0.200 ? 131  'X-RAY DIFFRACTION' ? 
r_xyhbond_nbd_other      ?     ?     ? ?    'X-RAY DIFFRACTION' ? 
r_symmetry_vdw_refined   0.257 0.200 ? 24   'X-RAY DIFFRACTION' ? 
r_symmetry_vdw_other     0.280 0.200 ? 76   'X-RAY DIFFRACTION' ? 
r_symmetry_hbond_refined 0.187 0.200 ? 23   'X-RAY DIFFRACTION' ? 
r_symmetry_hbond_other   ?     ?     ? ?    'X-RAY DIFFRACTION' ? 
r_mcbond_it              0.808 1.500 ? 720  'X-RAY DIFFRACTION' ? 
r_mcangle_it             1.513 2.000 ? 1197 'X-RAY DIFFRACTION' ? 
r_scbond_it              2.163 3.000 ? 535  'X-RAY DIFFRACTION' ? 
r_scangle_it             3.659 4.500 ? 488  'X-RAY DIFFRACTION' ? 
r_rigid_bond_restr       ?     ?     ? ?    'X-RAY DIFFRACTION' ? 
r_sphericity_free        ?     ?     ? ?    'X-RAY DIFFRACTION' ? 
r_sphericity_bonded      ?     ?     ? ?    'X-RAY DIFFRACTION' ? 
# 
_refine_ls_shell.pdbx_total_number_of_bins_used   20 
_refine_ls_shell.d_res_high                       1.750 
_refine_ls_shell.d_res_low                        1.795 
_refine_ls_shell.number_reflns_R_work             1037 
_refine_ls_shell.R_factor_R_work                  0.217 
_refine_ls_shell.percent_reflns_obs               ? 
_refine_ls_shell.R_factor_R_free                  0.299 
_refine_ls_shell.R_factor_R_free_error            ? 
_refine_ls_shell.percent_reflns_R_free            ? 
_refine_ls_shell.number_reflns_R_free             71 
_refine_ls_shell.number_reflns_obs                1037 
_refine_ls_shell.redundancy_reflns_obs            ? 
_refine_ls_shell.number_reflns_all                ? 
_refine_ls_shell.R_factor_all                     ? 
_refine_ls_shell.pdbx_refine_id                   'X-RAY DIFFRACTION' 
# 
_struct.entry_id                  1R0U 
_struct.title                     'Crystal structure of ywiB protein from Bacillus subtilis' 
_struct.pdbx_model_details        ? 
_struct.pdbx_CASP_flag            ? 
_struct.pdbx_model_type_details   ? 
# 
_struct_keywords.entry_id        1R0U 
_struct_keywords.pdbx_keywords   'STRUCTURAL GENOMICS, UNKNOWN FUNCTION' 
_struct_keywords.text            
;structural genomics, ywiB protein, all beta protein, PSI, Protein Structure Initiative, Midwest Center for Structural Genomics, MCSG, UNKNOWN FUNCTION
;
# 
loop_
_struct_asym.id 
_struct_asym.pdbx_blank_PDB_chainid_flag 
_struct_asym.pdbx_modified 
_struct_asym.entity_id 
_struct_asym.details 
A N N 1 ? 
B N N 2 ? 
C N N 3 ? 
# 
_struct_ref.id                         1 
_struct_ref.db_name                    UNP 
_struct_ref.db_code                    O07624_BACSU 
_struct_ref.pdbx_db_accession          O07624 
_struct_ref.entity_id                  1 
_struct_ref.pdbx_seq_one_letter_code   
;MKQETPITLHVKSVIEDDGNQEVIEFRTTGFYYVKQNKVYLSYYEEHDLGKVKTIVKVSEGEVLVMRSGAVKMNQRFVTG
ASTIAKYKMSFGELELKTSTKSIQSDLDEEKGRISIAYDMHVGDEQEHLHNMTITYEGGTHA
;
_struct_ref.pdbx_align_begin           1 
_struct_ref.pdbx_db_isoform            ? 
# 
_struct_ref_seq.align_id                      1 
_struct_ref_seq.ref_id                        1 
_struct_ref_seq.pdbx_PDB_id_code              1R0U 
_struct_ref_seq.pdbx_strand_id                A 
_struct_ref_seq.seq_align_beg                 7 
_struct_ref_seq.pdbx_seq_align_beg_ins_code   ? 
_struct_ref_seq.seq_align_end                 148 
_struct_ref_seq.pdbx_seq_align_end_ins_code   ? 
_struct_ref_seq.pdbx_db_accession             O07624 
_struct_ref_seq.db_align_beg                  1 
_struct_ref_seq.pdbx_db_align_beg_ins_code    ? 
_struct_ref_seq.db_align_end                  142 
_struct_ref_seq.pdbx_db_align_end_ins_code    ? 
_struct_ref_seq.pdbx_auth_seq_align_beg       1 
_struct_ref_seq.pdbx_auth_seq_align_end       142 
# 
loop_
_struct_ref_seq_dif.align_id 
_struct_ref_seq_dif.pdbx_pdb_id_code 
_struct_ref_seq_dif.mon_id 
_struct_ref_seq_dif.pdbx_pdb_strand_id 
_struct_ref_seq_dif.seq_num 
_struct_ref_seq_dif.pdbx_pdb_ins_code 
_struct_ref_seq_dif.pdbx_seq_db_name 
_struct_ref_seq_dif.pdbx_seq_db_accession_code 
_struct_ref_seq_dif.db_mon_id 
_struct_ref_seq_dif.pdbx_seq_db_seq_num 
_struct_ref_seq_dif.details 
_struct_ref_seq_dif.pdbx_auth_seq_num 
_struct_ref_seq_dif.pdbx_ordinal 
1 1R0U GLY A 1 ? UNP O07624 ? ? 'SEE REMARK 999' -6 1 
1 1R0U PHE A 2 ? UNP O07624 ? ? 'SEE REMARK 999' -5 2 
1 1R0U GLN A 3 ? UNP O07624 ? ? 'SEE REMARK 999' -4 3 
1 1R0U SER A 4 ? UNP O07624 ? ? 'SEE REMARK 999' -3 4 
1 1R0U ASN A 5 ? UNP O07624 ? ? 'SEE REMARK 999' -2 5 
1 1R0U ALA A 6 ? UNP O07624 ? ? 'SEE REMARK 999' -1 6 
# 
_pdbx_struct_assembly.id                   1 
_pdbx_struct_assembly.details              author_defined_assembly 
_pdbx_struct_assembly.method_details       ? 
_pdbx_struct_assembly.oligomeric_details   monomeric 
_pdbx_struct_assembly.oligomeric_count     1 
# 
_pdbx_struct_assembly_gen.assembly_id       1 
_pdbx_struct_assembly_gen.oper_expression   1 
_pdbx_struct_assembly_gen.asym_id_list      A,B,C 
# 
_pdbx_struct_oper_list.id                   1 
_pdbx_struct_oper_list.type                 'identity operation' 
_pdbx_struct_oper_list.name                 1_555 
_pdbx_struct_oper_list.symmetry_operation   x,y,z 
_pdbx_struct_oper_list.matrix[1][1]         1.0000000000 
_pdbx_struct_oper_list.matrix[1][2]         0.0000000000 
_pdbx_struct_oper_list.matrix[1][3]         0.0000000000 
_pdbx_struct_oper_list.vector[1]            0.0000000000 
_pdbx_struct_oper_list.matrix[2][1]         0.0000000000 
_pdbx_struct_oper_list.matrix[2][2]         1.0000000000 
_pdbx_struct_oper_list.matrix[2][3]         0.0000000000 
_pdbx_struct_oper_list.vector[2]            0.0000000000 
_pdbx_struct_oper_list.matrix[3][1]         0.0000000000 
_pdbx_struct_oper_list.matrix[3][2]         0.0000000000 
_pdbx_struct_oper_list.matrix[3][3]         1.0000000000 
_pdbx_struct_oper_list.vector[3]            0.0000000000 
# 
_struct_biol.id                    1 
_struct_biol.pdbx_parent_biol_id   ? 
_struct_biol.details               ? 
# 
_struct_conf.conf_type_id            HELX_P 
_struct_conf.id                      HELX_P1 
_struct_conf.pdbx_PDB_helix_id       1 
_struct_conf.beg_label_comp_id       PHE 
_struct_conf.beg_label_asym_id       A 
_struct_conf.beg_label_seq_id        2 
_struct_conf.pdbx_beg_PDB_ins_code   ? 
_struct_conf.end_label_comp_id       MET 
_struct_conf.end_label_asym_id       A 
_struct_conf.end_label_seq_id        7 
_struct_conf.pdbx_end_PDB_ins_code   ? 
_struct_conf.beg_auth_comp_id        PHE 
_struct_conf.beg_auth_asym_id        A 
_struct_conf.beg_auth_seq_id         -5 
_struct_conf.end_auth_comp_id        MET 
_struct_conf.end_auth_asym_id        A 
_struct_conf.end_auth_seq_id         1 
_struct_conf.pdbx_PDB_helix_class    5 
_struct_conf.details                 ? 
_struct_conf.pdbx_PDB_helix_length   6 
# 
_struct_conf_type.id          HELX_P 
_struct_conf_type.criteria    ? 
_struct_conf_type.reference   ? 
# 
_struct_sheet.id               A 
_struct_sheet.type             ? 
_struct_sheet.number_strands   10 
_struct_sheet.details          ? 
# 
loop_
_struct_sheet_order.sheet_id 
_struct_sheet_order.range_id_1 
_struct_sheet_order.range_id_2 
_struct_sheet_order.offset 
_struct_sheet_order.sense 
A 1 2  ? anti-parallel 
A 2 3  ? anti-parallel 
A 3 4  ? anti-parallel 
A 4 5  ? anti-parallel 
A 5 6  ? anti-parallel 
A 6 7  ? anti-parallel 
A 7 8  ? anti-parallel 
A 8 9  ? anti-parallel 
A 9 10 ? anti-parallel 
# 
loop_
_struct_sheet_range.sheet_id 
_struct_sheet_range.id 
_struct_sheet_range.beg_label_comp_id 
_struct_sheet_range.beg_label_asym_id 
_struct_sheet_range.beg_label_seq_id 
_struct_sheet_range.pdbx_beg_PDB_ins_code 
_struct_sheet_range.end_label_comp_id 
_struct_sheet_range.end_label_asym_id 
_struct_sheet_range.end_label_seq_id 
_struct_sheet_range.pdbx_end_PDB_ins_code 
_struct_sheet_range.beg_auth_comp_id 
_struct_sheet_range.beg_auth_asym_id 
_struct_sheet_range.beg_auth_seq_id 
_struct_sheet_range.end_auth_comp_id 
_struct_sheet_range.end_auth_asym_id 
_struct_sheet_range.end_auth_seq_id 
A 1  MET A 79  ? VAL A 84  ? MET A 73  VAL A 78  
A 2  GLU A 68  ? GLY A 75  ? GLU A 62  GLY A 69  
A 3  GLY A 56  ? SER A 65  ? GLY A 50  SER A 59  
A 4  LYS A 44  ? HIS A 53  ? LYS A 38  HIS A 47  
A 5  ASN A 26  ? LYS A 41  ? ASN A 20  LYS A 35  
A 6  LYS A 8   ? ASP A 23  ? LYS A 2   ASP A 17  
A 7  LEU A 135 ? GLY A 144 ? LEU A 129 GLY A 138 
A 8  LYS A 117 ? HIS A 127 ? LYS A 111 HIS A 121 
A 9  GLY A 98  ? LEU A 113 ? GLY A 92  LEU A 107 
A 10 SER A 88  ? MET A 95  ? SER A 82  MET A 89  
# 
loop_
_pdbx_struct_sheet_hbond.sheet_id 
_pdbx_struct_sheet_hbond.range_id_1 
_pdbx_struct_sheet_hbond.range_id_2 
_pdbx_struct_sheet_hbond.range_1_label_atom_id 
_pdbx_struct_sheet_hbond.range_1_label_comp_id 
_pdbx_struct_sheet_hbond.range_1_label_asym_id 
_pdbx_struct_sheet_hbond.range_1_label_seq_id 
_pdbx_struct_sheet_hbond.range_1_PDB_ins_code 
_pdbx_struct_sheet_hbond.range_1_auth_atom_id 
_pdbx_struct_sheet_hbond.range_1_auth_comp_id 
_pdbx_struct_sheet_hbond.range_1_auth_asym_id 
_pdbx_struct_sheet_hbond.range_1_auth_seq_id 
_pdbx_struct_sheet_hbond.range_2_label_atom_id 
_pdbx_struct_sheet_hbond.range_2_label_comp_id 
_pdbx_struct_sheet_hbond.range_2_label_asym_id 
_pdbx_struct_sheet_hbond.range_2_label_seq_id 
_pdbx_struct_sheet_hbond.range_2_PDB_ins_code 
_pdbx_struct_sheet_hbond.range_2_auth_atom_id 
_pdbx_struct_sheet_hbond.range_2_auth_comp_id 
_pdbx_struct_sheet_hbond.range_2_auth_asym_id 
_pdbx_struct_sheet_hbond.range_2_auth_seq_id 
A 1 2  O PHE A 83  ? O PHE A 77  N VAL A 69  ? N VAL A 63  
A 2 3  O MET A 72  ? O MET A 66  N ILE A 61  ? N ILE A 55  
A 3 4  O THR A 60  ? O THR A 54  N TYR A 49  ? N TYR A 43  
A 4 5  O TYR A 46  ? O TYR A 40  N TYR A 39  ? N TYR A 33  
A 5 6  O ILE A 30  ? O ILE A 24  N SER A 19  ? N SER A 13  
A 6 7  N LYS A 18  ? N LYS A 12  O THR A 139 ? O THR A 133 
A 7 8  O HIS A 136 ? O HIS A 130 N TYR A 124 ? N TYR A 118 
A 8 9  O ASP A 125 ? O ASP A 119 N SER A 105 ? N SER A 99  
A 9 10 O GLY A 98  ? O GLY A 92  N MET A 95  ? N MET A 89  
# 
_struct_site.id                   AC1 
_struct_site.pdbx_evidence_code   Software 
_struct_site.pdbx_auth_asym_id    A 
_struct_site.pdbx_auth_comp_id    GOL 
_struct_site.pdbx_auth_seq_id     301 
_struct_site.pdbx_auth_ins_code   ? 
_struct_site.pdbx_num_residues    6 
_struct_site.details              'BINDING SITE FOR RESIDUE GOL A 301' 
# 
loop_
_struct_site_gen.id 
_struct_site_gen.site_id 
_struct_site_gen.pdbx_num_res 
_struct_site_gen.label_comp_id 
_struct_site_gen.label_asym_id 
_struct_site_gen.label_seq_id 
_struct_site_gen.pdbx_auth_ins_code 
_struct_site_gen.auth_comp_id 
_struct_site_gen.auth_asym_id 
_struct_site_gen.auth_seq_id 
_struct_site_gen.label_atom_id 
_struct_site_gen.label_alt_id 
_struct_site_gen.symmetry 
_struct_site_gen.details 
1 AC1 6 PHE A 32 ? PHE A 26  . ? 1_555 ? 
2 AC1 6 TYR A 49 ? TYR A 43  . ? 1_555 ? 
3 AC1 6 GLU A 51 ? GLU A 45  . ? 1_555 ? 
4 AC1 6 ARG A 73 ? ARG A 67  . ? 1_555 ? 
5 AC1 6 HOH C .  ? HOH A 316 . ? 1_555 ? 
6 AC1 6 HOH C .  ? HOH A 342 . ? 4_555 ? 
# 
_pdbx_validate_torsion.id              1 
_pdbx_validate_torsion.PDB_model_num   1 
_pdbx_validate_torsion.auth_comp_id    ASP 
_pdbx_validate_torsion.auth_asym_id    A 
_pdbx_validate_torsion.auth_seq_id     18 
_pdbx_validate_torsion.PDB_ins_code    ? 
_pdbx_validate_torsion.label_alt_id    ? 
_pdbx_validate_torsion.phi             37.55 
_pdbx_validate_torsion.psi             58.24 
# 
_pdbx_SG_project.id                    1 
_pdbx_SG_project.project_name          'PSI, Protein Structure Initiative' 
_pdbx_SG_project.full_name_of_center   'Midwest Center for Structural Genomics' 
_pdbx_SG_project.initial_of_center     MCSG 
# 
loop_
_pdbx_database_remark.id 
_pdbx_database_remark.text 
999 
;SEQUENCE
RESIDUES -6 to -1 represent a recombinant fusion protein.
;
300 
;BIOMOLECULE: 1
THIS ENTRY CONTAINS THE CRYSTALLOGRAPHIC ASYMMETRIC UNIT
WHICH CONSISTS OF 1 CHAIN(S). THE BIOLOGICAL UNIT IS 
UNKNOWN.
;
# 
loop_
_pdbx_unobs_or_zero_occ_residues.id 
_pdbx_unobs_or_zero_occ_residues.PDB_model_num 
_pdbx_unobs_or_zero_occ_residues.polymer_flag 
_pdbx_unobs_or_zero_occ_residues.occupancy_flag 
_pdbx_unobs_or_zero_occ_residues.auth_asym_id 
_pdbx_unobs_or_zero_occ_residues.auth_comp_id 
_pdbx_unobs_or_zero_occ_residues.auth_seq_id 
_pdbx_unobs_or_zero_occ_residues.PDB_ins_code 
_pdbx_unobs_or_zero_occ_residues.label_asym_id 
_pdbx_unobs_or_zero_occ_residues.label_comp_id 
_pdbx_unobs_or_zero_occ_residues.label_seq_id 
1 1 Y 1 A ASP 124 ? A ASP 130 
2 1 Y 1 A GLU 125 ? A GLU 131 
3 1 Y 1 A GLN 126 ? A GLN 132 
4 1 Y 1 A GLU 127 ? A GLU 133 
5 1 Y 1 A HIS 141 ? A HIS 147 
6 1 Y 1 A ALA 142 ? A ALA 148 
# 
loop_
_chem_comp_atom.comp_id 
_chem_comp_atom.atom_id 
_chem_comp_atom.type_symbol 
_chem_comp_atom.pdbx_aromatic_flag 
_chem_comp_atom.pdbx_stereo_config 
_chem_comp_atom.pdbx_ordinal 
ALA N    N N N 1   
ALA CA   C N S 2   
ALA C    C N N 3   
ALA O    O N N 4   
ALA CB   C N N 5   
ALA OXT  O N N 6   
ALA H    H N N 7   
ALA H2   H N N 8   
ALA HA   H N N 9   
ALA HB1  H N N 10  
ALA HB2  H N N 11  
ALA HB3  H N N 12  
ALA HXT  H N N 13  
ARG N    N N N 14  
ARG CA   C N S 15  
ARG C    C N N 16  
ARG O    O N N 17  
ARG CB   C N N 18  
ARG CG   C N N 19  
ARG CD   C N N 20  
ARG NE   N N N 21  
ARG CZ   C N N 22  
ARG NH1  N N N 23  
ARG NH2  N N N 24  
ARG OXT  O N N 25  
ARG H    H N N 26  
ARG H2   H N N 27  
ARG HA   H N N 28  
ARG HB2  H N N 29  
ARG HB3  H N N 30  
ARG HG2  H N N 31  
ARG HG3  H N N 32  
ARG HD2  H N N 33  
ARG HD3  H N N 34  
ARG HE   H N N 35  
ARG HH11 H N N 36  
ARG HH12 H N N 37  
ARG HH21 H N N 38  
ARG HH22 H N N 39  
ARG HXT  H N N 40  
ASN N    N N N 41  
ASN CA   C N S 42  
ASN C    C N N 43  
ASN O    O N N 44  
ASN CB   C N N 45  
ASN CG   C N N 46  
ASN OD1  O N N 47  
ASN ND2  N N N 48  
ASN OXT  O N N 49  
ASN H    H N N 50  
ASN H2   H N N 51  
ASN HA   H N N 52  
ASN HB2  H N N 53  
ASN HB3  H N N 54  
ASN HD21 H N N 55  
ASN HD22 H N N 56  
ASN HXT  H N N 57  
ASP N    N N N 58  
ASP CA   C N S 59  
ASP C    C N N 60  
ASP O    O N N 61  
ASP CB   C N N 62  
ASP CG   C N N 63  
ASP OD1  O N N 64  
ASP OD2  O N N 65  
ASP OXT  O N N 66  
ASP H    H N N 67  
ASP H2   H N N 68  
ASP HA   H N N 69  
ASP HB2  H N N 70  
ASP HB3  H N N 71  
ASP HD2  H N N 72  
ASP HXT  H N N 73  
GLN N    N N N 74  
GLN CA   C N S 75  
GLN C    C N N 76  
GLN O    O N N 77  
GLN CB   C N N 78  
GLN CG   C N N 79  
GLN CD   C N N 80  
GLN OE1  O N N 81  
GLN NE2  N N N 82  
GLN OXT  O N N 83  
GLN H    H N N 84  
GLN H2   H N N 85  
GLN HA   H N N 86  
GLN HB2  H N N 87  
GLN HB3  H N N 88  
GLN HG2  H N N 89  
GLN HG3  H N N 90  
GLN HE21 H N N 91  
GLN HE22 H N N 92  
GLN HXT  H N N 93  
GLU N    N N N 94  
GLU CA   C N S 95  
GLU C    C N N 96  
GLU O    O N N 97  
GLU CB   C N N 98  
GLU CG   C N N 99  
GLU CD   C N N 100 
GLU OE1  O N N 101 
GLU OE2  O N N 102 
GLU OXT  O N N 103 
GLU H    H N N 104 
GLU H2   H N N 105 
GLU HA   H N N 106 
GLU HB2  H N N 107 
GLU HB3  H N N 108 
GLU HG2  H N N 109 
GLU HG3  H N N 110 
GLU HE2  H N N 111 
GLU HXT  H N N 112 
GLY N    N N N 113 
GLY CA   C N N 114 
GLY C    C N N 115 
GLY O    O N N 116 
GLY OXT  O N N 117 
GLY H    H N N 118 
GLY H2   H N N 119 
GLY HA2  H N N 120 
GLY HA3  H N N 121 
GLY HXT  H N N 122 
GOL C1   C N N 123 
GOL O1   O N N 124 
GOL C2   C N N 125 
GOL O2   O N N 126 
GOL C3   C N N 127 
GOL O3   O N N 128 
GOL H11  H N N 129 
GOL H12  H N N 130 
GOL HO1  H N N 131 
GOL H2   H N N 132 
GOL HO2  H N N 133 
GOL H31  H N N 134 
GOL H32  H N N 135 
GOL HO3  H N N 136 
HIS N    N N N 137 
HIS CA   C N S 138 
HIS C    C N N 139 
HIS O    O N N 140 
HIS CB   C N N 141 
HIS CG   C Y N 142 
HIS ND1  N Y N 143 
HIS CD2  C Y N 144 
HIS CE1  C Y N 145 
HIS NE2  N Y N 146 
HIS OXT  O N N 147 
HIS H    H N N 148 
HIS H2   H N N 149 
HIS HA   H N N 150 
HIS HB2  H N N 151 
HIS HB3  H N N 152 
HIS HD1  H N N 153 
HIS HD2  H N N 154 
HIS HE1  H N N 155 
HIS HE2  H N N 156 
HIS HXT  H N N 157 
HOH O    O N N 158 
HOH H1   H N N 159 
HOH H2   H N N 160 
ILE N    N N N 161 
ILE CA   C N S 162 
ILE C    C N N 163 
ILE O    O N N 164 
ILE CB   C N S 165 
ILE CG1  C N N 166 
ILE CG2  C N N 167 
ILE CD1  C N N 168 
ILE OXT  O N N 169 
ILE H    H N N 170 
ILE H2   H N N 171 
ILE HA   H N N 172 
ILE HB   H N N 173 
ILE HG12 H N N 174 
ILE HG13 H N N 175 
ILE HG21 H N N 176 
ILE HG22 H N N 177 
ILE HG23 H N N 178 
ILE HD11 H N N 179 
ILE HD12 H N N 180 
ILE HD13 H N N 181 
ILE HXT  H N N 182 
LEU N    N N N 183 
LEU CA   C N S 184 
LEU C    C N N 185 
LEU O    O N N 186 
LEU CB   C N N 187 
LEU CG   C N N 188 
LEU CD1  C N N 189 
LEU CD2  C N N 190 
LEU OXT  O N N 191 
LEU H    H N N 192 
LEU H2   H N N 193 
LEU HA   H N N 194 
LEU HB2  H N N 195 
LEU HB3  H N N 196 
LEU HG   H N N 197 
LEU HD11 H N N 198 
LEU HD12 H N N 199 
LEU HD13 H N N 200 
LEU HD21 H N N 201 
LEU HD22 H N N 202 
LEU HD23 H N N 203 
LEU HXT  H N N 204 
LYS N    N N N 205 
LYS CA   C N S 206 
LYS C    C N N 207 
LYS O    O N N 208 
LYS CB   C N N 209 
LYS CG   C N N 210 
LYS CD   C N N 211 
LYS CE   C N N 212 
LYS NZ   N N N 213 
LYS OXT  O N N 214 
LYS H    H N N 215 
LYS H2   H N N 216 
LYS HA   H N N 217 
LYS HB2  H N N 218 
LYS HB3  H N N 219 
LYS HG2  H N N 220 
LYS HG3  H N N 221 
LYS HD2  H N N 222 
LYS HD3  H N N 223 
LYS HE2  H N N 224 
LYS HE3  H N N 225 
LYS HZ1  H N N 226 
LYS HZ2  H N N 227 
LYS HZ3  H N N 228 
LYS HXT  H N N 229 
MET N    N N N 230 
MET CA   C N S 231 
MET C    C N N 232 
MET O    O N N 233 
MET CB   C N N 234 
MET CG   C N N 235 
MET SD   S N N 236 
MET CE   C N N 237 
MET OXT  O N N 238 
MET H    H N N 239 
MET H2   H N N 240 
MET HA   H N N 241 
MET HB2  H N N 242 
MET HB3  H N N 243 
MET HG2  H N N 244 
MET HG3  H N N 245 
MET HE1  H N N 246 
MET HE2  H N N 247 
MET HE3  H N N 248 
MET HXT  H N N 249 
PHE N    N N N 250 
PHE CA   C N S 251 
PHE C    C N N 252 
PHE O    O N N 253 
PHE CB   C N N 254 
PHE CG   C Y N 255 
PHE CD1  C Y N 256 
PHE CD2  C Y N 257 
PHE CE1  C Y N 258 
PHE CE2  C Y N 259 
PHE CZ   C Y N 260 
PHE OXT  O N N 261 
PHE H    H N N 262 
PHE H2   H N N 263 
PHE HA   H N N 264 
PHE HB2  H N N 265 
PHE HB3  H N N 266 
PHE HD1  H N N 267 
PHE HD2  H N N 268 
PHE HE1  H N N 269 
PHE HE2  H N N 270 
PHE HZ   H N N 271 
PHE HXT  H N N 272 
PRO N    N N N 273 
PRO CA   C N S 274 
PRO C    C N N 275 
PRO O    O N N 276 
PRO CB   C N N 277 
PRO CG   C N N 278 
PRO CD   C N N 279 
PRO OXT  O N N 280 
PRO H    H N N 281 
PRO HA   H N N 282 
PRO HB2  H N N 283 
PRO HB3  H N N 284 
PRO HG2  H N N 285 
PRO HG3  H N N 286 
PRO HD2  H N N 287 
PRO HD3  H N N 288 
PRO HXT  H N N 289 
SER N    N N N 290 
SER CA   C N S 291 
SER C    C N N 292 
SER O    O N N 293 
SER CB   C N N 294 
SER OG   O N N 295 
SER OXT  O N N 296 
SER H    H N N 297 
SER H2   H N N 298 
SER HA   H N N 299 
SER HB2  H N N 300 
SER HB3  H N N 301 
SER HG   H N N 302 
SER HXT  H N N 303 
THR N    N N N 304 
THR CA   C N S 305 
THR C    C N N 306 
THR O    O N N 307 
THR CB   C N R 308 
THR OG1  O N N 309 
THR CG2  C N N 310 
THR OXT  O N N 311 
THR H    H N N 312 
THR H2   H N N 313 
THR HA   H N N 314 
THR HB   H N N 315 
THR HG1  H N N 316 
THR HG21 H N N 317 
THR HG22 H N N 318 
THR HG23 H N N 319 
THR HXT  H N N 320 
TYR N    N N N 321 
TYR CA   C N S 322 
TYR C    C N N 323 
TYR O    O N N 324 
TYR CB   C N N 325 
TYR CG   C Y N 326 
TYR CD1  C Y N 327 
TYR CD2  C Y N 328 
TYR CE1  C Y N 329 
TYR CE2  C Y N 330 
TYR CZ   C Y N 331 
TYR OH   O N N 332 
TYR OXT  O N N 333 
TYR H    H N N 334 
TYR H2   H N N 335 
TYR HA   H N N 336 
TYR HB2  H N N 337 
TYR HB3  H N N 338 
TYR HD1  H N N 339 
TYR HD2  H N N 340 
TYR HE1  H N N 341 
TYR HE2  H N N 342 
TYR HH   H N N 343 
TYR HXT  H N N 344 
VAL N    N N N 345 
VAL CA   C N S 346 
VAL C    C N N 347 
VAL O    O N N 348 
VAL CB   C N N 349 
VAL CG1  C N N 350 
VAL CG2  C N N 351 
VAL OXT  O N N 352 
VAL H    H N N 353 
VAL H2   H N N 354 
VAL HA   H N N 355 
VAL HB   H N N 356 
VAL HG11 H N N 357 
VAL HG12 H N N 358 
VAL HG13 H N N 359 
VAL HG21 H N N 360 
VAL HG22 H N N 361 
VAL HG23 H N N 362 
VAL HXT  H N N 363 
# 
loop_
_chem_comp_bond.comp_id 
_chem_comp_bond.atom_id_1 
_chem_comp_bond.atom_id_2 
_chem_comp_bond.value_order 
_chem_comp_bond.pdbx_aromatic_flag 
_chem_comp_bond.pdbx_stereo_config 
_chem_comp_bond.pdbx_ordinal 
ALA N   CA   sing N N 1   
ALA N   H    sing N N 2   
ALA N   H2   sing N N 3   
ALA CA  C    sing N N 4   
ALA CA  CB   sing N N 5   
ALA CA  HA   sing N N 6   
ALA C   O    doub N N 7   
ALA C   OXT  sing N N 8   
ALA CB  HB1  sing N N 9   
ALA CB  HB2  sing N N 10  
ALA CB  HB3  sing N N 11  
ALA OXT HXT  sing N N 12  
ARG N   CA   sing N N 13  
ARG N   H    sing N N 14  
ARG N   H2   sing N N 15  
ARG CA  C    sing N N 16  
ARG CA  CB   sing N N 17  
ARG CA  HA   sing N N 18  
ARG C   O    doub N N 19  
ARG C   OXT  sing N N 20  
ARG CB  CG   sing N N 21  
ARG CB  HB2  sing N N 22  
ARG CB  HB3  sing N N 23  
ARG CG  CD   sing N N 24  
ARG CG  HG2  sing N N 25  
ARG CG  HG3  sing N N 26  
ARG CD  NE   sing N N 27  
ARG CD  HD2  sing N N 28  
ARG CD  HD3  sing N N 29  
ARG NE  CZ   sing N N 30  
ARG NE  HE   sing N N 31  
ARG CZ  NH1  sing N N 32  
ARG CZ  NH2  doub N N 33  
ARG NH1 HH11 sing N N 34  
ARG NH1 HH12 sing N N 35  
ARG NH2 HH21 sing N N 36  
ARG NH2 HH22 sing N N 37  
ARG OXT HXT  sing N N 38  
ASN N   CA   sing N N 39  
ASN N   H    sing N N 40  
ASN N   H2   sing N N 41  
ASN CA  C    sing N N 42  
ASN CA  CB   sing N N 43  
ASN CA  HA   sing N N 44  
ASN C   O    doub N N 45  
ASN C   OXT  sing N N 46  
ASN CB  CG   sing N N 47  
ASN CB  HB2  sing N N 48  
ASN CB  HB3  sing N N 49  
ASN CG  OD1  doub N N 50  
ASN CG  ND2  sing N N 51  
ASN ND2 HD21 sing N N 52  
ASN ND2 HD22 sing N N 53  
ASN OXT HXT  sing N N 54  
ASP N   CA   sing N N 55  
ASP N   H    sing N N 56  
ASP N   H2   sing N N 57  
ASP CA  C    sing N N 58  
ASP CA  CB   sing N N 59  
ASP CA  HA   sing N N 60  
ASP C   O    doub N N 61  
ASP C   OXT  sing N N 62  
ASP CB  CG   sing N N 63  
ASP CB  HB2  sing N N 64  
ASP CB  HB3  sing N N 65  
ASP CG  OD1  doub N N 66  
ASP CG  OD2  sing N N 67  
ASP OD2 HD2  sing N N 68  
ASP OXT HXT  sing N N 69  
GLN N   CA   sing N N 70  
GLN N   H    sing N N 71  
GLN N   H2   sing N N 72  
GLN CA  C    sing N N 73  
GLN CA  CB   sing N N 74  
GLN CA  HA   sing N N 75  
GLN C   O    doub N N 76  
GLN C   OXT  sing N N 77  
GLN CB  CG   sing N N 78  
GLN CB  HB2  sing N N 79  
GLN CB  HB3  sing N N 80  
GLN CG  CD   sing N N 81  
GLN CG  HG2  sing N N 82  
GLN CG  HG3  sing N N 83  
GLN CD  OE1  doub N N 84  
GLN CD  NE2  sing N N 85  
GLN NE2 HE21 sing N N 86  
GLN NE2 HE22 sing N N 87  
GLN OXT HXT  sing N N 88  
GLU N   CA   sing N N 89  
GLU N   H    sing N N 90  
GLU N   H2   sing N N 91  
GLU CA  C    sing N N 92  
GLU CA  CB   sing N N 93  
GLU CA  HA   sing N N 94  
GLU C   O    doub N N 95  
GLU C   OXT  sing N N 96  
GLU CB  CG   sing N N 97  
GLU CB  HB2  sing N N 98  
GLU CB  HB3  sing N N 99  
GLU CG  CD   sing N N 100 
GLU CG  HG2  sing N N 101 
GLU CG  HG3  sing N N 102 
GLU CD  OE1  doub N N 103 
GLU CD  OE2  sing N N 104 
GLU OE2 HE2  sing N N 105 
GLU OXT HXT  sing N N 106 
GLY N   CA   sing N N 107 
GLY N   H    sing N N 108 
GLY N   H2   sing N N 109 
GLY CA  C    sing N N 110 
GLY CA  HA2  sing N N 111 
GLY CA  HA3  sing N N 112 
GLY C   O    doub N N 113 
GLY C   OXT  sing N N 114 
GLY OXT HXT  sing N N 115 
GOL C1  O1   sing N N 116 
GOL C1  C2   sing N N 117 
GOL C1  H11  sing N N 118 
GOL C1  H12  sing N N 119 
GOL O1  HO1  sing N N 120 
GOL C2  O2   sing N N 121 
GOL C2  C3   sing N N 122 
GOL C2  H2   sing N N 123 
GOL O2  HO2  sing N N 124 
GOL C3  O3   sing N N 125 
GOL C3  H31  sing N N 126 
GOL C3  H32  sing N N 127 
GOL O3  HO3  sing N N 128 
HIS N   CA   sing N N 129 
HIS N   H    sing N N 130 
HIS N   H2   sing N N 131 
HIS CA  C    sing N N 132 
HIS CA  CB   sing N N 133 
HIS CA  HA   sing N N 134 
HIS C   O    doub N N 135 
HIS C   OXT  sing N N 136 
HIS CB  CG   sing N N 137 
HIS CB  HB2  sing N N 138 
HIS CB  HB3  sing N N 139 
HIS CG  ND1  sing Y N 140 
HIS CG  CD2  doub Y N 141 
HIS ND1 CE1  doub Y N 142 
HIS ND1 HD1  sing N N 143 
HIS CD2 NE2  sing Y N 144 
HIS CD2 HD2  sing N N 145 
HIS CE1 NE2  sing Y N 146 
HIS CE1 HE1  sing N N 147 
HIS NE2 HE2  sing N N 148 
HIS OXT HXT  sing N N 149 
HOH O   H1   sing N N 150 
HOH O   H2   sing N N 151 
ILE N   CA   sing N N 152 
ILE N   H    sing N N 153 
ILE N   H2   sing N N 154 
ILE CA  C    sing N N 155 
ILE CA  CB   sing N N 156 
ILE CA  HA   sing N N 157 
ILE C   O    doub N N 158 
ILE C   OXT  sing N N 159 
ILE CB  CG1  sing N N 160 
ILE CB  CG2  sing N N 161 
ILE CB  HB   sing N N 162 
ILE CG1 CD1  sing N N 163 
ILE CG1 HG12 sing N N 164 
ILE CG1 HG13 sing N N 165 
ILE CG2 HG21 sing N N 166 
ILE CG2 HG22 sing N N 167 
ILE CG2 HG23 sing N N 168 
ILE CD1 HD11 sing N N 169 
ILE CD1 HD12 sing N N 170 
ILE CD1 HD13 sing N N 171 
ILE OXT HXT  sing N N 172 
LEU N   CA   sing N N 173 
LEU N   H    sing N N 174 
LEU N   H2   sing N N 175 
LEU CA  C    sing N N 176 
LEU CA  CB   sing N N 177 
LEU CA  HA   sing N N 178 
LEU C   O    doub N N 179 
LEU C   OXT  sing N N 180 
LEU CB  CG   sing N N 181 
LEU CB  HB2  sing N N 182 
LEU CB  HB3  sing N N 183 
LEU CG  CD1  sing N N 184 
LEU CG  CD2  sing N N 185 
LEU CG  HG   sing N N 186 
LEU CD1 HD11 sing N N 187 
LEU CD1 HD12 sing N N 188 
LEU CD1 HD13 sing N N 189 
LEU CD2 HD21 sing N N 190 
LEU CD2 HD22 sing N N 191 
LEU CD2 HD23 sing N N 192 
LEU OXT HXT  sing N N 193 
LYS N   CA   sing N N 194 
LYS N   H    sing N N 195 
LYS N   H2   sing N N 196 
LYS CA  C    sing N N 197 
LYS CA  CB   sing N N 198 
LYS CA  HA   sing N N 199 
LYS C   O    doub N N 200 
LYS C   OXT  sing N N 201 
LYS CB  CG   sing N N 202 
LYS CB  HB2  sing N N 203 
LYS CB  HB3  sing N N 204 
LYS CG  CD   sing N N 205 
LYS CG  HG2  sing N N 206 
LYS CG  HG3  sing N N 207 
LYS CD  CE   sing N N 208 
LYS CD  HD2  sing N N 209 
LYS CD  HD3  sing N N 210 
LYS CE  NZ   sing N N 211 
LYS CE  HE2  sing N N 212 
LYS CE  HE3  sing N N 213 
LYS NZ  HZ1  sing N N 214 
LYS NZ  HZ2  sing N N 215 
LYS NZ  HZ3  sing N N 216 
LYS OXT HXT  sing N N 217 
MET N   CA   sing N N 218 
MET N   H    sing N N 219 
MET N   H2   sing N N 220 
MET CA  C    sing N N 221 
MET CA  CB   sing N N 222 
MET CA  HA   sing N N 223 
MET C   O    doub N N 224 
MET C   OXT  sing N N 225 
MET CB  CG   sing N N 226 
MET CB  HB2  sing N N 227 
MET CB  HB3  sing N N 228 
MET CG  SD   sing N N 229 
MET CG  HG2  sing N N 230 
MET CG  HG3  sing N N 231 
MET SD  CE   sing N N 232 
MET CE  HE1  sing N N 233 
MET CE  HE2  sing N N 234 
MET CE  HE3  sing N N 235 
MET OXT HXT  sing N N 236 
PHE N   CA   sing N N 237 
PHE N   H    sing N N 238 
PHE N   H2   sing N N 239 
PHE CA  C    sing N N 240 
PHE CA  CB   sing N N 241 
PHE CA  HA   sing N N 242 
PHE C   O    doub N N 243 
PHE C   OXT  sing N N 244 
PHE CB  CG   sing N N 245 
PHE CB  HB2  sing N N 246 
PHE CB  HB3  sing N N 247 
PHE CG  CD1  doub Y N 248 
PHE CG  CD2  sing Y N 249 
PHE CD1 CE1  sing Y N 250 
PHE CD1 HD1  sing N N 251 
PHE CD2 CE2  doub Y N 252 
PHE CD2 HD2  sing N N 253 
PHE CE1 CZ   doub Y N 254 
PHE CE1 HE1  sing N N 255 
PHE CE2 CZ   sing Y N 256 
PHE CE2 HE2  sing N N 257 
PHE CZ  HZ   sing N N 258 
PHE OXT HXT  sing N N 259 
PRO N   CA   sing N N 260 
PRO N   CD   sing N N 261 
PRO N   H    sing N N 262 
PRO CA  C    sing N N 263 
PRO CA  CB   sing N N 264 
PRO CA  HA   sing N N 265 
PRO C   O    doub N N 266 
PRO C   OXT  sing N N 267 
PRO CB  CG   sing N N 268 
PRO CB  HB2  sing N N 269 
PRO CB  HB3  sing N N 270 
PRO CG  CD   sing N N 271 
PRO CG  HG2  sing N N 272 
PRO CG  HG3  sing N N 273 
PRO CD  HD2  sing N N 274 
PRO CD  HD3  sing N N 275 
PRO OXT HXT  sing N N 276 
SER N   CA   sing N N 277 
SER N   H    sing N N 278 
SER N   H2   sing N N 279 
SER CA  C    sing N N 280 
SER CA  CB   sing N N 281 
SER CA  HA   sing N N 282 
SER C   O    doub N N 283 
SER C   OXT  sing N N 284 
SER CB  OG   sing N N 285 
SER CB  HB2  sing N N 286 
SER CB  HB3  sing N N 287 
SER OG  HG   sing N N 288 
SER OXT HXT  sing N N 289 
THR N   CA   sing N N 290 
THR N   H    sing N N 291 
THR N   H2   sing N N 292 
THR CA  C    sing N N 293 
THR CA  CB   sing N N 294 
THR CA  HA   sing N N 295 
THR C   O    doub N N 296 
THR C   OXT  sing N N 297 
THR CB  OG1  sing N N 298 
THR CB  CG2  sing N N 299 
THR CB  HB   sing N N 300 
THR OG1 HG1  sing N N 301 
THR CG2 HG21 sing N N 302 
THR CG2 HG22 sing N N 303 
THR CG2 HG23 sing N N 304 
THR OXT HXT  sing N N 305 
TYR N   CA   sing N N 306 
TYR N   H    sing N N 307 
TYR N   H2   sing N N 308 
TYR CA  C    sing N N 309 
TYR CA  CB   sing N N 310 
TYR CA  HA   sing N N 311 
TYR C   O    doub N N 312 
TYR C   OXT  sing N N 313 
TYR CB  CG   sing N N 314 
TYR CB  HB2  sing N N 315 
TYR CB  HB3  sing N N 316 
TYR CG  CD1  doub Y N 317 
TYR CG  CD2  sing Y N 318 
TYR CD1 CE1  sing Y N 319 
TYR CD1 HD1  sing N N 320 
TYR CD2 CE2  doub Y N 321 
TYR CD2 HD2  sing N N 322 
TYR CE1 CZ   doub Y N 323 
TYR CE1 HE1  sing N N 324 
TYR CE2 CZ   sing Y N 325 
TYR CE2 HE2  sing N N 326 
TYR CZ  OH   sing N N 327 
TYR OH  HH   sing N N 328 
TYR OXT HXT  sing N N 329 
VAL N   CA   sing N N 330 
VAL N   H    sing N N 331 
VAL N   H2   sing N N 332 
VAL CA  C    sing N N 333 
VAL CA  CB   sing N N 334 
VAL CA  HA   sing N N 335 
VAL C   O    doub N N 336 
VAL C   OXT  sing N N 337 
VAL CB  CG1  sing N N 338 
VAL CB  CG2  sing N N 339 
VAL CB  HB   sing N N 340 
VAL CG1 HG11 sing N N 341 
VAL CG1 HG12 sing N N 342 
VAL CG1 HG13 sing N N 343 
VAL CG2 HG21 sing N N 344 
VAL CG2 HG22 sing N N 345 
VAL CG2 HG23 sing N N 346 
VAL OXT HXT  sing N N 347 
# 
_atom_sites.entry_id                    1R0U 
_atom_sites.fract_transf_matrix[1][1]   0.00228014 
_atom_sites.fract_transf_matrix[1][2]   -0.00542879 
_atom_sites.fract_transf_matrix[1][3]   0.02310507 
_atom_sites.fract_transf_matrix[2][1]   0.01016641 
_atom_sites.fract_transf_matrix[2][2]   0.01554387 
_atom_sites.fract_transf_matrix[2][3]   0.01495220 
_atom_sites.fract_transf_matrix[3][1]   -0.00656866 
_atom_sites.fract_transf_matrix[3][2]   0.00299559 
_atom_sites.fract_transf_matrix[3][3]   0.00135208 
_atom_sites.fract_transf_vector[1]      0.846088 
_atom_sites.fract_transf_vector[2]      0.593918 
_atom_sites.fract_transf_vector[3]      0.056042 
# 
loop_
_atom_type.symbol 
C 
N 
O 
S 
# 
loop_
_atom_site.group_PDB 
_atom_site.id 
_atom_site.type_symbol 
_atom_site.label_atom_id 
_atom_site.label_alt_id 
_atom_site.label_comp_id 
_atom_site.label_asym_id 
_atom_site.label_entity_id 
_atom_site.label_seq_id 
_atom_site.pdbx_PDB_ins_code 
_atom_site.Cartn_x 
_atom_site.Cartn_y 
_atom_site.Cartn_z 
_atom_site.occupancy 
_atom_site.B_iso_or_equiv 
_atom_site.pdbx_formal_charge 
_atom_site.auth_seq_id 
_atom_site.auth_comp_id 
_atom_site.auth_asym_id 
_atom_site.auth_atom_id 
_atom_site.pdbx_PDB_model_num 
ATOM   1    N N   . GLY A 1 1   ? -2.144  -20.184 14.673  1.00 28.00 ? -6  GLY A N   1 
ATOM   2    C CA  . GLY A 1 1   ? -1.168  -19.315 15.384  1.00 27.09 ? -6  GLY A CA  1 
ATOM   3    C C   . GLY A 1 1   ? -0.410  -18.437 14.405  1.00 26.33 ? -6  GLY A C   1 
ATOM   4    O O   . GLY A 1 1   ? -0.807  -17.297 14.155  1.00 26.18 ? -6  GLY A O   1 
ATOM   5    N N   . PHE A 1 2   ? 0.671   -18.956 13.829  1.00 25.62 ? -5  PHE A N   1 
ATOM   6    C CA  . PHE A 1 2   ? 1.388   -18.220 12.792  1.00 25.53 ? -5  PHE A CA  1 
ATOM   7    C C   . PHE A 1 2   ? 0.386   -17.766 11.734  1.00 26.68 ? -5  PHE A C   1 
ATOM   8    O O   . PHE A 1 2   ? -0.461  -18.543 11.308  1.00 26.37 ? -5  PHE A O   1 
ATOM   9    C CB  . PHE A 1 2   ? 2.467   -19.077 12.123  1.00 25.13 ? -5  PHE A CB  1 
ATOM   10   C CG  . PHE A 1 2   ? 3.691   -19.344 12.979  1.00 23.42 ? -5  PHE A CG  1 
ATOM   11   C CD1 . PHE A 1 2   ? 3.881   -18.734 14.220  1.00 22.89 ? -5  PHE A CD1 1 
ATOM   12   C CD2 . PHE A 1 2   ? 4.665   -20.216 12.521  1.00 24.08 ? -5  PHE A CD2 1 
ATOM   13   C CE1 . PHE A 1 2   ? 5.009   -19.000 14.974  1.00 20.67 ? -5  PHE A CE1 1 
ATOM   14   C CE2 . PHE A 1 2   ? 5.802   -20.491 13.288  1.00 23.87 ? -5  PHE A CE2 1 
ATOM   15   C CZ  . PHE A 1 2   ? 5.966   -19.882 14.511  1.00 21.84 ? -5  PHE A CZ  1 
ATOM   16   N N   . GLN A 1 3   ? 0.463   -16.498 11.343  1.00 27.98 ? -4  GLN A N   1 
ATOM   17   C CA  . GLN A 1 3   ? -0.398  -15.966 10.286  1.00 28.98 ? -4  GLN A CA  1 
ATOM   18   C C   . GLN A 1 3   ? -0.302  -16.756 8.978   1.00 29.38 ? -4  GLN A C   1 
ATOM   19   O O   . GLN A 1 3   ? -1.283  -16.848 8.240   1.00 30.04 ? -4  GLN A O   1 
ATOM   20   C CB  . GLN A 1 3   ? -0.090  -14.486 10.037  1.00 29.37 ? -4  GLN A CB  1 
ATOM   21   C CG  . GLN A 1 3   ? -0.550  -13.552 11.151  1.00 31.36 ? -4  GLN A CG  1 
ATOM   22   C CD  . GLN A 1 3   ? -2.018  -13.738 11.513  1.00 33.61 ? -4  GLN A CD  1 
ATOM   23   O OE1 . GLN A 1 3   ? -2.897  -13.651 10.646  1.00 35.49 ? -4  GLN A OE1 1 
ATOM   24   N NE2 . GLN A 1 3   ? -2.286  -14.011 12.783  1.00 36.15 ? -4  GLN A NE2 1 
ATOM   25   N N   . SER A 1 4   ? 0.858   -17.348 8.704   1.00 29.82 ? -3  SER A N   1 
ATOM   26   C CA  . SER A 1 4   ? 1.040   -18.159 7.498   1.00 30.71 ? -3  SER A CA  1 
ATOM   27   C C   . SER A 1 4   ? 0.027   -19.309 7.419   1.00 31.49 ? -3  SER A C   1 
ATOM   28   O O   . SER A 1 4   ? -0.386  -19.702 6.324   1.00 31.84 ? -3  SER A O   1 
ATOM   29   C CB  . SER A 1 4   ? 2.471   -18.703 7.407   1.00 30.56 ? -3  SER A CB  1 
ATOM   30   O OG  . SER A 1 4   ? 2.807   -19.457 8.550   1.00 30.14 ? -3  SER A OG  1 
ATOM   31   N N   . ASN A 1 5   ? -0.376  -19.827 8.579   1.00 31.85 ? -2  ASN A N   1 
ATOM   32   C CA  . ASN A 1 5   ? -1.350  -20.926 8.656   1.00 32.16 ? -2  ASN A CA  1 
ATOM   33   C C   . ASN A 1 5   ? -2.745  -20.544 8.139   1.00 31.95 ? -2  ASN A C   1 
ATOM   34   O O   . ASN A 1 5   ? -3.488  -21.405 7.643   1.00 31.89 ? -2  ASN A O   1 
ATOM   35   C CB  A ASN A 1 5   ? -1.436  -21.428 10.114  0.60 32.39 ? -2  ASN A CB  1 
ATOM   36   C CB  B ASN A 1 5   ? -1.429  -21.482 10.081  0.40 32.27 ? -2  ASN A CB  1 
ATOM   37   C CG  A ASN A 1 5   ? -2.628  -22.345 10.371  0.60 33.81 ? -2  ASN A CG  1 
ATOM   38   C CG  B ASN A 1 5   ? -0.168  -22.236 10.487  0.40 33.15 ? -2  ASN A CG  1 
ATOM   39   O OD1 A ASN A 1 5   ? -3.612  -21.946 11.012  0.60 35.53 ? -2  ASN A OD1 1 
ATOM   40   O OD1 B ASN A 1 5   ? 0.907   -22.039 9.913   0.40 34.20 ? -2  ASN A OD1 1 
ATOM   41   N ND2 A ASN A 1 5   ? -2.536  -23.584 9.888   0.60 35.87 ? -2  ASN A ND2 1 
ATOM   42   N ND2 B ASN A 1 5   ? -0.296  -23.102 11.486  0.40 34.84 ? -2  ASN A ND2 1 
ATOM   43   N N   . ALA A 1 6   ? -3.103  -19.268 8.280   1.00 31.09 ? -1  ALA A N   1 
ATOM   44   C CA  . ALA A 1 6   ? -4.427  -18.764 7.903   1.00 30.52 ? -1  ALA A CA  1 
ATOM   45   C C   . ALA A 1 6   ? -4.486  -18.267 6.454   1.00 29.69 ? -1  ALA A C   1 
ATOM   46   O O   . ALA A 1 6   ? -5.557  -17.906 5.975   1.00 29.00 ? -1  ALA A O   1 
ATOM   47   C CB  . ALA A 1 6   ? -4.841  -17.644 8.849   1.00 30.54 ? -1  ALA A CB  1 
ATOM   48   N N   . MET A 1 7   ? -3.342  -18.252 5.768   1.00 29.17 ? 1   MET A N   1 
ATOM   49   C CA  . MET A 1 7   ? -3.267  -17.819 4.372   1.00 28.78 ? 1   MET A CA  1 
ATOM   50   C C   . MET A 1 7   ? -3.934  -18.821 3.451   1.00 28.87 ? 1   MET A C   1 
ATOM   51   O O   . MET A 1 7   ? -3.581  -20.002 3.449   1.00 29.06 ? 1   MET A O   1 
ATOM   52   C CB  . MET A 1 7   ? -1.813  -17.641 3.939   1.00 28.95 ? 1   MET A CB  1 
ATOM   53   C CG  . MET A 1 7   ? -1.112  -16.526 4.684   1.00 29.60 ? 1   MET A CG  1 
ATOM   54   S SD  . MET A 1 7   ? 0.619   -16.325 4.235   1.00 31.87 ? 1   MET A SD  1 
ATOM   55   C CE  . MET A 1 7   ? 1.036   -14.975 5.427   1.00 31.98 ? 1   MET A CE  1 
ATOM   56   N N   . LYS A 1 8   ? -4.892  -18.331 2.675   1.00 27.85 ? 2   LYS A N   1 
ATOM   57   C CA  . LYS A 1 8   ? -5.606  -19.125 1.680   1.00 27.66 ? 2   LYS A CA  1 
ATOM   58   C C   . LYS A 1 8   ? -5.338  -18.526 0.306   1.00 26.66 ? 2   LYS A C   1 
ATOM   59   O O   . LYS A 1 8   ? -5.069  -17.326 0.191   1.00 24.58 ? 2   LYS A O   1 
ATOM   60   C CB  . LYS A 1 8   ? -7.107  -19.083 1.949   1.00 27.86 ? 2   LYS A CB  1 
ATOM   61   C CG  . LYS A 1 8   ? -7.537  -19.711 3.275   1.00 30.97 ? 2   LYS A CG  1 
ATOM   62   C CD  . LYS A 1 8   ? -7.789  -21.217 3.161   1.00 34.51 ? 2   LYS A CD  1 
ATOM   63   C CE  . LYS A 1 8   ? -6.585  -22.048 3.626   1.00 36.47 ? 2   LYS A CE  1 
ATOM   64   N NZ  . LYS A 1 8   ? -6.748  -22.585 5.025   1.00 37.89 ? 2   LYS A NZ  1 
ATOM   65   N N   . GLN A 1 9   ? -5.435  -19.375 -0.720  1.00 25.54 ? 3   GLN A N   1 
ATOM   66   C CA  . GLN A 1 9   ? -5.321  -18.980 -2.127  1.00 25.34 ? 3   GLN A CA  1 
ATOM   67   C C   . GLN A 1 9   ? -4.027  -18.202 -2.429  1.00 24.24 ? 3   GLN A C   1 
ATOM   68   O O   . GLN A 1 9   ? -4.011  -17.330 -3.299  1.00 23.71 ? 3   GLN A O   1 
ATOM   69   C CB  A GLN A 1 9   ? -6.562  -18.205 -2.590  0.54 25.78 ? 3   GLN A CB  1 
ATOM   70   C CB  B GLN A 1 9   ? -6.509  -18.106 -2.556  0.46 25.45 ? 3   GLN A CB  1 
ATOM   71   C CG  A GLN A 1 9   ? -7.671  -19.093 -3.193  0.54 27.45 ? 3   GLN A CG  1 
ATOM   72   C CG  B GLN A 1 9   ? -7.889  -18.454 -1.982  0.46 26.08 ? 3   GLN A CG  1 
ATOM   73   C CD  A GLN A 1 9   ? -7.209  -19.896 -4.409  0.54 29.19 ? 3   GLN A CD  1 
ATOM   74   C CD  B GLN A 1 9   ? -8.870  -17.301 -2.150  0.46 27.13 ? 3   GLN A CD  1 
ATOM   75   O OE1 A GLN A 1 9   ? -7.035  -19.348 -5.501  0.54 31.19 ? 3   GLN A OE1 1 
ATOM   76   O OE1 B GLN A 1 9   ? -8.760  -16.510 -3.098  0.46 28.30 ? 3   GLN A OE1 1 
ATOM   77   N NE2 A GLN A 1 9   ? -7.001  -21.191 -4.215  0.54 30.74 ? 3   GLN A NE2 1 
ATOM   78   N NE2 B GLN A 1 9   ? -9.821  -17.190 -1.228  0.46 26.28 ? 3   GLN A NE2 1 
ATOM   79   N N   . GLU A 1 10  ? -2.956  -18.544 -1.725  1.00 23.70 ? 4   GLU A N   1 
ATOM   80   C CA  . GLU A 1 10  ? -1.652  -17.929 -1.956  1.00 23.29 ? 4   GLU A CA  1 
ATOM   81   C C   . GLU A 1 10  ? -1.268  -18.081 -3.421  1.00 22.74 ? 4   GLU A C   1 
ATOM   82   O O   . GLU A 1 10  ? -1.257  -19.201 -3.970  1.00 22.03 ? 4   GLU A O   1 
ATOM   83   C CB  A GLU A 1 10  ? -0.581  -18.539 -1.064  0.62 23.92 ? 4   GLU A CB  1 
ATOM   84   C CB  B GLU A 1 10  ? -0.574  -18.590 -1.077  0.38 23.68 ? 4   GLU A CB  1 
ATOM   85   C CG  A GLU A 1 10  ? 0.662   -17.679 -0.984  0.62 24.65 ? 4   GLU A CG  1 
ATOM   86   C CG  B GLU A 1 10  ? -0.720  -18.363 0.426   0.38 24.20 ? 4   GLU A CG  1 
ATOM   87   C CD  A GLU A 1 10  ? 1.740   -18.288 -0.114  0.62 26.64 ? 4   GLU A CD  1 
ATOM   88   C CD  B GLU A 1 10  ? 0.098   -19.341 1.263   0.38 24.91 ? 4   GLU A CD  1 
ATOM   89   O OE1 A GLU A 1 10  ? 1.467   -19.286 0.576   0.62 29.47 ? 4   GLU A OE1 1 
ATOM   90   O OE1 B GLU A 1 10  ? 1.210   -18.967 1.690   0.38 26.14 ? 4   GLU A OE1 1 
ATOM   91   O OE2 A GLU A 1 10  ? 2.859   -17.765 -0.127  0.62 27.87 ? 4   GLU A OE2 1 
ATOM   92   O OE2 B GLU A 1 10  ? -0.363  -20.481 1.510   0.38 24.69 ? 4   GLU A OE2 1 
ATOM   93   N N   . THR A 1 11  ? -0.937  -16.958 -4.049  1.00 20.17 ? 5   THR A N   1 
ATOM   94   C CA  . THR A 1 11  ? -0.753  -16.899 -5.483  1.00 19.71 ? 5   THR A CA  1 
ATOM   95   C C   . THR A 1 11  ? 0.413   -15.973 -5.759  1.00 19.10 ? 5   THR A C   1 
ATOM   96   O O   . THR A 1 11  ? 0.382   -14.834 -5.301  1.00 17.32 ? 5   THR A O   1 
ATOM   97   C CB  . THR A 1 11  ? -2.029  -16.328 -6.134  1.00 19.68 ? 5   THR A CB  1 
ATOM   98   O OG1 . THR A 1 11  ? -3.164  -17.161 -5.810  1.00 21.14 ? 5   THR A OG1 1 
ATOM   99   C CG2 . THR A 1 11  ? -1.947  -16.358 -7.635  1.00 20.14 ? 5   THR A CG2 1 
ATOM   100  N N   . PRO A 1 12  ? 1.436   -16.422 -6.486  1.00 18.19 ? 6   PRO A N   1 
ATOM   101  C CA  . PRO A 1 12  ? 2.481   -15.490 -6.914  1.00 17.49 ? 6   PRO A CA  1 
ATOM   102  C C   . PRO A 1 12  ? 1.889   -14.498 -7.903  1.00 17.48 ? 6   PRO A C   1 
ATOM   103  O O   . PRO A 1 12  ? 1.100   -14.881 -8.763  1.00 17.00 ? 6   PRO A O   1 
ATOM   104  C CB  . PRO A 1 12  ? 3.522   -16.398 -7.583  1.00 17.93 ? 6   PRO A CB  1 
ATOM   105  C CG  . PRO A 1 12  ? 3.212   -17.753 -7.074  1.00 18.12 ? 6   PRO A CG  1 
ATOM   106  C CD  . PRO A 1 12  ? 1.717   -17.797 -6.962  1.00 17.82 ? 6   PRO A CD  1 
ATOM   107  N N   . ILE A 1 13  ? 2.234   -13.221 -7.753  1.00 16.17 ? 7   ILE A N   1 
ATOM   108  C CA  . ILE A 1 13  ? 1.728   -12.177 -8.608  1.00 15.31 ? 7   ILE A CA  1 
ATOM   109  C C   . ILE A 1 13  ? 2.841   -11.281 -9.101  1.00 15.11 ? 7   ILE A C   1 
ATOM   110  O O   . ILE A 1 13  ? 3.925   -11.276 -8.540  1.00 14.82 ? 7   ILE A O   1 
ATOM   111  C CB  . ILE A 1 13  ? 0.663   -11.324 -7.886  1.00 15.45 ? 7   ILE A CB  1 
ATOM   112  C CG1 . ILE A 1 13  ? 1.207   -10.734 -6.574  1.00 14.00 ? 7   ILE A CG1 1 
ATOM   113  C CG2 . ILE A 1 13  ? -0.611  -12.163 -7.640  1.00 16.31 ? 7   ILE A CG2 1 
ATOM   114  C CD1 . ILE A 1 13  ? 0.242   -9.700  -5.953  1.00 14.47 ? 7   ILE A CD1 1 
ATOM   115  N N   . THR A 1 14  ? 2.564   -10.601 -10.204 1.00 15.62 ? 8   THR A N   1 
ATOM   116  C CA  . THR A 1 14  ? 3.347   -9.472  -10.678 1.00 15.55 ? 8   THR A CA  1 
ATOM   117  C C   . THR A 1 14  ? 2.569   -8.190  -10.388 1.00 15.04 ? 8   THR A C   1 
ATOM   118  O O   . THR A 1 14  ? 1.383   -8.093  -10.694 1.00 14.07 ? 8   THR A O   1 
ATOM   119  C CB  . THR A 1 14  ? 3.633   -9.624  -12.169 1.00 16.33 ? 8   THR A CB  1 
ATOM   120  O OG1 . THR A 1 14  ? 4.312   -10.863 -12.382 1.00 19.51 ? 8   THR A OG1 1 
ATOM   121  C CG2 . THR A 1 14  ? 4.640   -8.581  -12.622 1.00 16.44 ? 8   THR A CG2 1 
ATOM   122  N N   . LEU A 1 15  ? 3.253   -7.207  -9.793  1.00 14.30 ? 9   LEU A N   1 
ATOM   123  C CA  . LEU A 1 15  ? 2.619   -5.973  -9.325  1.00 14.25 ? 9   LEU A CA  1 
ATOM   124  C C   . LEU A 1 15  ? 3.103   -4.741  -10.052 1.00 14.02 ? 9   LEU A C   1 
ATOM   125  O O   . LEU A 1 15  ? 4.267   -4.667  -10.441 1.00 13.50 ? 9   LEU A O   1 
ATOM   126  C CB  . LEU A 1 15  ? 2.907   -5.775  -7.850  1.00 14.52 ? 9   LEU A CB  1 
ATOM   127  C CG  . LEU A 1 15  ? 2.232   -6.756  -6.907  1.00 16.44 ? 9   LEU A CG  1 
ATOM   128  C CD1 . LEU A 1 15  ? 3.276   -7.341  -5.969  1.00 17.72 ? 9   LEU A CD1 1 
ATOM   129  C CD2 . LEU A 1 15  ? 1.125   -6.060  -6.137  1.00 16.59 ? 9   LEU A CD2 1 
ATOM   130  N N   . HIS A 1 16  ? 2.201   -3.769  -10.208 1.00 13.83 ? 10  HIS A N   1 
ATOM   131  C CA  . HIS A 1 16  ? 2.504   -2.470  -10.800 1.00 14.46 ? 10  HIS A CA  1 
ATOM   132  C C   . HIS A 1 16  ? 1.866   -1.439  -9.884  1.00 14.25 ? 10  HIS A C   1 
ATOM   133  O O   . HIS A 1 16  ? 0.656   -1.481  -9.652  1.00 13.77 ? 10  HIS A O   1 
ATOM   134  C CB  . HIS A 1 16  ? 1.881   -2.415  -12.192 1.00 14.83 ? 10  HIS A CB  1 
ATOM   135  C CG  . HIS A 1 16  ? 1.992   -1.098  -12.880 1.00 17.39 ? 10  HIS A CG  1 
ATOM   136  N ND1 . HIS A 1 16  ? 3.163   -0.369  -12.931 1.00 20.47 ? 10  HIS A ND1 1 
ATOM   137  C CD2 . HIS A 1 16  ? 1.088   -0.399  -13.605 1.00 20.75 ? 10  HIS A CD2 1 
ATOM   138  C CE1 . HIS A 1 16  ? 2.968   0.725   -13.642 1.00 17.60 ? 10  HIS A CE1 1 
ATOM   139  N NE2 . HIS A 1 16  ? 1.718   0.736   -14.060 1.00 22.10 ? 10  HIS A NE2 1 
ATOM   140  N N   . VAL A 1 17  ? 2.664   -0.536  -9.328  1.00 13.86 ? 11  VAL A N   1 
ATOM   141  C CA  . VAL A 1 17  ? 2.126   0.466   -8.402  1.00 13.99 ? 11  VAL A CA  1 
ATOM   142  C C   . VAL A 1 17  ? 2.398   1.819   -9.016  1.00 14.77 ? 11  VAL A C   1 
ATOM   143  O O   . VAL A 1 17  ? 3.541   2.140   -9.277  1.00 15.48 ? 11  VAL A O   1 
ATOM   144  C CB  . VAL A 1 17  ? 2.795   0.392   -7.052  1.00 14.59 ? 11  VAL A CB  1 
ATOM   145  C CG1 . VAL A 1 17  ? 2.256   1.487   -6.152  1.00 15.77 ? 11  VAL A CG1 1 
ATOM   146  C CG2 . VAL A 1 17  ? 2.602   -1.002  -6.406  1.00 15.08 ? 11  VAL A CG2 1 
ATOM   147  N N   . LYS A 1 18  ? 1.364   2.606   -9.252  1.00 14.74 ? 12  LYS A N   1 
ATOM   148  C CA  . LYS A 1 18  ? 1.534   3.853   -9.996  1.00 15.38 ? 12  LYS A CA  1 
ATOM   149  C C   . LYS A 1 18  ? 0.920   4.973   -9.216  1.00 14.80 ? 12  LYS A C   1 
ATOM   150  O O   . LYS A 1 18  ? -0.213  4.842   -8.771  1.00 14.53 ? 12  LYS A O   1 
ATOM   151  C CB  . LYS A 1 18  ? 0.853   3.741   -11.354 1.00 16.13 ? 12  LYS A CB  1 
ATOM   152  C CG  . LYS A 1 18  ? 0.864   5.029   -12.178 1.00 19.37 ? 12  LYS A CG  1 
ATOM   153  C CD  . LYS A 1 18  ? 0.232   4.749   -13.537 1.00 25.04 ? 12  LYS A CD  1 
ATOM   154  C CE  . LYS A 1 18  ? 0.835   5.560   -14.661 1.00 27.95 ? 12  LYS A CE  1 
ATOM   155  N NZ  . LYS A 1 18  ? 0.375   4.985   -15.976 1.00 30.00 ? 12  LYS A NZ  1 
ATOM   156  N N   . SER A 1 19  ? 1.654   6.072   -9.032  1.00 13.70 ? 13  SER A N   1 
ATOM   157  C CA  . SER A 1 19  ? 1.116   7.226   -8.313  1.00 14.40 ? 13  SER A CA  1 
ATOM   158  C C   . SER A 1 19  ? 1.261   8.477   -9.157  1.00 13.90 ? 13  SER A C   1 
ATOM   159  O O   . SER A 1 19  ? 2.338   8.763   -9.687  1.00 13.75 ? 13  SER A O   1 
ATOM   160  C CB  . SER A 1 19  ? 1.843   7.444   -6.988  1.00 14.87 ? 13  SER A CB  1 
ATOM   161  O OG  . SER A 1 19  ? 1.571   6.375   -6.090  1.00 16.20 ? 13  SER A OG  1 
ATOM   162  N N   . VAL A 1 20  ? 0.170   9.215   -9.264  1.00 14.02 ? 14  VAL A N   1 
ATOM   163  C CA  . VAL A 1 20  ? 0.181   10.561  -9.795  1.00 14.88 ? 14  VAL A CA  1 
ATOM   164  C C   . VAL A 1 20  ? 0.137   11.504  -8.607  1.00 14.64 ? 14  VAL A C   1 
ATOM   165  O O   . VAL A 1 20  ? -0.737  11.388  -7.741  1.00 14.84 ? 14  VAL A O   1 
ATOM   166  C CB  . VAL A 1 20  ? -1.017  10.806  -10.701 1.00 14.75 ? 14  VAL A CB  1 
ATOM   167  C CG1 . VAL A 1 20  ? -0.977  12.208  -11.275 1.00 16.43 ? 14  VAL A CG1 1 
ATOM   168  C CG2 . VAL A 1 20  ? -1.062  9.734   -11.810 1.00 16.77 ? 14  VAL A CG2 1 
ATOM   169  N N   . ILE A 1 21  ? 1.107   12.406  -8.535  1.00 14.51 ? 15  ILE A N   1 
ATOM   170  C CA  . ILE A 1 21  ? 1.259   13.270  -7.383  1.00 14.73 ? 15  ILE A CA  1 
ATOM   171  C C   . ILE A 1 21  ? 1.335   14.735  -7.813  1.00 15.72 ? 15  ILE A C   1 
ATOM   172  O O   . ILE A 1 21  ? 2.024   15.068  -8.766  1.00 15.01 ? 15  ILE A O   1 
ATOM   173  C CB  . ILE A 1 21  ? 2.534   12.913  -6.596  1.00 14.91 ? 15  ILE A CB  1 
ATOM   174  C CG1 . ILE A 1 21  ? 2.505   11.435  -6.189  1.00 14.45 ? 15  ILE A CG1 1 
ATOM   175  C CG2 . ILE A 1 21  ? 2.639   13.814  -5.377  1.00 14.75 ? 15  ILE A CG2 1 
ATOM   176  C CD1 . ILE A 1 21  ? 3.828   10.858  -5.716  1.00 15.97 ? 15  ILE A CD1 1 
ATOM   177  N N   . GLU A 1 22  ? 0.641   15.593  -7.085  1.00 16.08 ? 16  GLU A N   1 
ATOM   178  C CA  . GLU A 1 22  ? 0.759   17.043  -7.259  1.00 17.84 ? 16  GLU A CA  1 
ATOM   179  C C   . GLU A 1 22  ? 1.142   17.632  -5.927  1.00 17.87 ? 16  GLU A C   1 
ATOM   180  O O   . GLU A 1 22  ? 0.489   17.377  -4.944  1.00 17.75 ? 16  GLU A O   1 
ATOM   181  C CB  A GLU A 1 22  ? -0.566  17.625  -7.751  0.53 18.09 ? 16  GLU A CB  1 
ATOM   182  C CB  B GLU A 1 22  ? -0.562  17.675  -7.719  0.47 17.77 ? 16  GLU A CB  1 
ATOM   183  C CG  A GLU A 1 22  ? -0.938  17.183  -9.156  0.53 21.00 ? 16  GLU A CG  1 
ATOM   184  C CG  B GLU A 1 22  ? -0.438  19.129  -8.202  0.47 19.47 ? 16  GLU A CG  1 
ATOM   185  C CD  A GLU A 1 22  ? -2.140  17.920  -9.710  0.53 25.61 ? 16  GLU A CD  1 
ATOM   186  C CD  B GLU A 1 22  ? -0.430  20.191  -7.100  0.47 21.69 ? 16  GLU A CD  1 
ATOM   187  O OE1 A GLU A 1 22  ? -2.006  18.546  -10.788 0.53 28.48 ? 16  GLU A OE1 1 
ATOM   188  O OE1 B GLU A 1 22  ? -0.824  19.913  -5.948  0.47 23.29 ? 16  GLU A OE1 1 
ATOM   189  O OE2 A GLU A 1 22  ? -3.222  17.855  -9.078  0.53 29.75 ? 16  GLU A OE2 1 
ATOM   190  O OE2 B GLU A 1 22  ? -0.032  21.344  -7.395  0.47 23.19 ? 16  GLU A OE2 1 
ATOM   191  N N   . ASP A 1 23  ? 2.194   18.446  -5.908  1.00 18.65 ? 17  ASP A N   1 
ATOM   192  C CA  . ASP A 1 23  ? 2.675   19.042  -4.677  1.00 19.44 ? 17  ASP A CA  1 
ATOM   193  C C   . ASP A 1 23  ? 3.162   20.456  -4.983  1.00 21.19 ? 17  ASP A C   1 
ATOM   194  O O   . ASP A 1 23  ? 4.140   20.626  -5.690  1.00 20.12 ? 17  ASP A O   1 
ATOM   195  C CB  . ASP A 1 23  ? 3.796   18.155  -4.135  1.00 19.59 ? 17  ASP A CB  1 
ATOM   196  C CG  . ASP A 1 23  ? 4.498   18.725  -2.912  1.00 20.32 ? 17  ASP A CG  1 
ATOM   197  O OD1 . ASP A 1 23  ? 4.167   19.830  -2.436  1.00 20.64 ? 17  ASP A OD1 1 
ATOM   198  O OD2 . ASP A 1 23  ? 5.414   18.093  -2.353  1.00 21.49 ? 17  ASP A OD2 1 
ATOM   199  N N   . ASP A 1 24  ? 2.433   21.444  -4.467  1.00 22.81 ? 18  ASP A N   1 
ATOM   200  C CA  . ASP A 1 24  ? 2.772   22.873  -4.582  1.00 24.64 ? 18  ASP A CA  1 
ATOM   201  C C   . ASP A 1 24  ? 3.382   23.248  -5.952  1.00 24.87 ? 18  ASP A C   1 
ATOM   202  O O   . ASP A 1 24  ? 4.497   23.737  -6.039  1.00 25.89 ? 18  ASP A O   1 
ATOM   203  C CB  . ASP A 1 24  ? 3.665   23.254  -3.397  1.00 25.45 ? 18  ASP A CB  1 
ATOM   204  C CG  . ASP A 1 24  ? 3.979   24.747  -3.325  1.00 28.07 ? 18  ASP A CG  1 
ATOM   205  O OD1 . ASP A 1 24  ? 3.172   25.572  -3.809  1.00 31.52 ? 18  ASP A OD1 1 
ATOM   206  O OD2 . ASP A 1 24  ? 5.036   25.164  -2.814  1.00 31.68 ? 18  ASP A OD2 1 
ATOM   207  N N   . GLY A 1 25  ? 2.629   22.981  -7.015  1.00 24.92 ? 19  GLY A N   1 
ATOM   208  C CA  . GLY A 1 25  ? 3.015   23.323  -8.377  1.00 25.19 ? 19  GLY A CA  1 
ATOM   209  C C   . GLY A 1 25  ? 3.710   22.233  -9.188  1.00 24.96 ? 19  GLY A C   1 
ATOM   210  O O   . GLY A 1 25  ? 3.724   22.312  -10.407 1.00 26.44 ? 19  GLY A O   1 
ATOM   211  N N   . ASN A 1 26  ? 4.281   21.237  -8.527  1.00 23.75 ? 20  ASN A N   1 
ATOM   212  C CA  . ASN A 1 26  ? 5.017   20.161  -9.201  1.00 23.11 ? 20  ASN A CA  1 
ATOM   213  C C   . ASN A 1 26  ? 4.077   18.995  -9.456  1.00 21.60 ? 20  ASN A C   1 
ATOM   214  O O   . ASN A 1 26  ? 3.198   18.717  -8.646  1.00 20.85 ? 20  ASN A O   1 
ATOM   215  C CB  . ASN A 1 26  ? 6.194   19.688  -8.340  1.00 23.36 ? 20  ASN A CB  1 
ATOM   216  C CG  . ASN A 1 26  ? 7.047   18.623  -9.033  1.00 25.11 ? 20  ASN A CG  1 
ATOM   217  O OD1 . ASN A 1 26  ? 7.547   18.852  -10.122 1.00 28.03 ? 20  ASN A OD1 1 
ATOM   218  N ND2 . ASN A 1 26  ? 7.218   17.453  -8.389  1.00 28.21 ? 20  ASN A ND2 1 
ATOM   219  N N   . GLN A 1 27  ? 4.245   18.354  -10.611 1.00 20.46 ? 21  GLN A N   1 
ATOM   220  C CA  . GLN A 1 27  ? 3.480   17.182  -10.986 1.00 20.01 ? 21  GLN A CA  1 
ATOM   221  C C   . GLN A 1 27  ? 4.447   16.060  -11.364 1.00 18.80 ? 21  GLN A C   1 
ATOM   222  O O   . GLN A 1 27  ? 5.449   16.293  -12.043 1.00 17.35 ? 21  GLN A O   1 
ATOM   223  C CB  A GLN A 1 27  ? 2.584   17.533  -12.164 0.59 20.93 ? 21  GLN A CB  1 
ATOM   224  C CB  B GLN A 1 27  ? 2.534   17.505  -12.147 0.41 20.39 ? 21  GLN A CB  1 
ATOM   225  C CG  A GLN A 1 27  ? 1.491   16.549  -12.461 0.59 23.64 ? 21  GLN A CG  1 
ATOM   226  C CG  B GLN A 1 27  ? 1.438   18.508  -11.780 0.41 21.17 ? 21  GLN A CG  1 
ATOM   227  C CD  A GLN A 1 27  ? 0.566   17.069  -13.549 0.59 26.60 ? 21  GLN A CD  1 
ATOM   228  C CD  B GLN A 1 27  ? 0.705   19.097  -12.984 0.41 23.24 ? 21  GLN A CD  1 
ATOM   229  O OE1 A GLN A 1 27  ? -0.261  17.948  -13.296 0.59 30.70 ? 21  GLN A OE1 1 
ATOM   230  O OE1 B GLN A 1 27  ? 1.291   19.294  -14.051 0.41 26.44 ? 21  GLN A OE1 1 
ATOM   231  N NE2 A GLN A 1 27  ? 0.723   16.557  -14.762 0.59 27.69 ? 21  GLN A NE2 1 
ATOM   232  N NE2 B GLN A 1 27  ? -0.577  19.391  -12.805 0.41 23.33 ? 21  GLN A NE2 1 
ATOM   233  N N   . GLU A 1 28  ? 4.147   14.844  -10.907 1.00 16.79 ? 22  GLU A N   1 
ATOM   234  C CA  . GLU A 1 28  ? 5.024   13.699  -11.120 1.00 16.31 ? 22  GLU A CA  1 
ATOM   235  C C   . GLU A 1 28  ? 4.177   12.456  -11.294 1.00 15.41 ? 22  GLU A C   1 
ATOM   236  O O   . GLU A 1 28  ? 3.118   12.343  -10.689 1.00 14.12 ? 22  GLU A O   1 
ATOM   237  C CB  . GLU A 1 28  ? 5.962   13.512  -9.917  1.00 17.22 ? 22  GLU A CB  1 
ATOM   238  C CG  . GLU A 1 28  ? 6.990   12.409  -10.098 1.00 19.96 ? 22  GLU A CG  1 
ATOM   239  C CD  . GLU A 1 28  ? 7.848   12.162  -8.857  1.00 25.25 ? 22  GLU A CD  1 
ATOM   240  O OE1 . GLU A 1 28  ? 7.931   13.054  -7.989  1.00 26.17 ? 22  GLU A OE1 1 
ATOM   241  O OE2 . GLU A 1 28  ? 8.447   11.077  -8.766  1.00 26.59 ? 22  GLU A OE2 1 
ATOM   242  N N   . VAL A 1 29  ? 4.633   11.524  -12.128 1.00 15.24 ? 23  VAL A N   1 
ATOM   243  C CA  . VAL A 1 29  ? 4.076   10.185  -12.123 1.00 15.53 ? 23  VAL A CA  1 
ATOM   244  C C   . VAL A 1 29  ? 5.214   9.262   -11.754 1.00 15.52 ? 23  VAL A C   1 
ATOM   245  O O   . VAL A 1 29  ? 6.286   9.301   -12.376 1.00 14.83 ? 23  VAL A O   1 
ATOM   246  C CB  . VAL A 1 29  ? 3.480   9.776   -13.485 1.00 15.79 ? 23  VAL A CB  1 
ATOM   247  C CG1 . VAL A 1 29  ? 2.932   8.354   -13.415 1.00 17.67 ? 23  VAL A CG1 1 
ATOM   248  C CG2 . VAL A 1 29  ? 2.398   10.742  -13.903 1.00 17.05 ? 23  VAL A CG2 1 
ATOM   249  N N   . ILE A 1 30  ? 4.987   8.444   -10.733 1.00 15.13 ? 24  ILE A N   1 
ATOM   250  C CA  . ILE A 1 30  ? 5.982   7.477   -10.280 1.00 16.62 ? 24  ILE A CA  1 
ATOM   251  C C   . ILE A 1 30  ? 5.364   6.081   -10.288 1.00 17.11 ? 24  ILE A C   1 
ATOM   252  O O   . ILE A 1 30  ? 4.199   5.882   -9.889  1.00 17.26 ? 24  ILE A O   1 
ATOM   253  C CB  . ILE A 1 30  ? 6.611   7.890   -8.918  1.00 17.61 ? 24  ILE A CB  1 
ATOM   254  C CG1 . ILE A 1 30  ? 7.584   6.803   -8.430  1.00 19.37 ? 24  ILE A CG1 1 
ATOM   255  C CG2 . ILE A 1 30  ? 5.566   8.180   -7.868  1.00 19.32 ? 24  ILE A CG2 1 
ATOM   256  C CD1 . ILE A 1 30  ? 8.841   7.354   -7.848  1.00 22.02 ? 24  ILE A CD1 1 
ATOM   257  N N   . GLU A 1 31  ? 6.101   5.122   -10.823 1.00 15.83 ? 25  GLU A N   1 
ATOM   258  C CA  . GLU A 1 31  ? 5.611   3.770   -10.859 1.00 16.85 ? 25  GLU A CA  1 
ATOM   259  C C   . GLU A 1 31  ? 6.716   2.773   -10.626 1.00 15.67 ? 25  GLU A C   1 
ATOM   260  O O   . GLU A 1 31  ? 7.902   3.022   -10.929 1.00 15.31 ? 25  GLU A O   1 
ATOM   261  C CB  . GLU A 1 31  ? 4.897   3.467   -12.154 1.00 17.73 ? 25  GLU A CB  1 
ATOM   262  C CG  . GLU A 1 31  ? 5.675   3.690   -13.422 1.00 21.51 ? 25  GLU A CG  1 
ATOM   263  C CD  . GLU A 1 31  ? 4.760   3.917   -14.617 1.00 27.03 ? 25  GLU A CD  1 
ATOM   264  O OE1 . GLU A 1 31  ? 4.755   5.043   -15.178 1.00 31.14 ? 25  GLU A OE1 1 
ATOM   265  O OE2 . GLU A 1 31  ? 4.044   2.972   -15.007 1.00 28.56 ? 25  GLU A OE2 1 
ATOM   266  N N   . PHE A 1 32  ? 6.331   1.667   -10.028 1.00 14.05 ? 26  PHE A N   1 
ATOM   267  C CA  . PHE A 1 32  ? 7.269   0.584   -9.867  1.00 14.13 ? 26  PHE A CA  1 
ATOM   268  C C   . PHE A 1 32  ? 6.627   -0.752  -10.145 1.00 13.76 ? 26  PHE A C   1 
ATOM   269  O O   . PHE A 1 32  ? 5.400   -0.901  -10.127 1.00 12.79 ? 26  PHE A O   1 
ATOM   270  C CB  . PHE A 1 32  ? 8.035   0.639   -8.537  1.00 15.83 ? 26  PHE A CB  1 
ATOM   271  C CG  . PHE A 1 32  ? 7.233   0.288   -7.324  1.00 15.08 ? 26  PHE A CG  1 
ATOM   272  C CD1 . PHE A 1 32  ? 7.001   -1.028  -6.982  1.00 17.51 ? 26  PHE A CD1 1 
ATOM   273  C CD2 . PHE A 1 32  ? 6.761   1.290   -6.487  1.00 20.41 ? 26  PHE A CD2 1 
ATOM   274  C CE1 . PHE A 1 32  ? 6.290   -1.351  -5.863  1.00 18.42 ? 26  PHE A CE1 1 
ATOM   275  C CE2 . PHE A 1 32  ? 6.038   0.976   -5.344  1.00 19.90 ? 26  PHE A CE2 1 
ATOM   276  C CZ  . PHE A 1 32  ? 5.815   -0.353  -5.027  1.00 19.10 ? 26  PHE A CZ  1 
ATOM   277  N N   . ARG A 1 33  ? 7.491   -1.707  -10.445 1.00 13.77 ? 27  ARG A N   1 
ATOM   278  C CA  . ARG A 1 33  ? 7.092   -3.051  -10.757 1.00 14.11 ? 27  ARG A CA  1 
ATOM   279  C C   . ARG A 1 33  ? 7.972   -4.022  -9.999  1.00 13.71 ? 27  ARG A C   1 
ATOM   280  O O   . ARG A 1 33  ? 9.196   -3.837  -9.844  1.00 13.22 ? 27  ARG A O   1 
ATOM   281  C CB  . ARG A 1 33  ? 7.190   -3.308  -12.258 1.00 14.16 ? 27  ARG A CB  1 
ATOM   282  C CG  . ARG A 1 33  ? 6.375   -2.377  -13.142 1.00 16.58 ? 27  ARG A CG  1 
ATOM   283  C CD  A ARG A 1 33  ? 6.555   -2.588  -14.630 0.58 18.51 ? 27  ARG A CD  1 
ATOM   284  C CD  B ARG A 1 33  ? 6.575   -2.745  -14.619 0.42 19.29 ? 27  ARG A CD  1 
ATOM   285  N NE  A ARG A 1 33  ? 5.447   -1.995  -15.378 0.58 19.43 ? 27  ARG A NE  1 
ATOM   286  N NE  B ARG A 1 33  ? 6.097   -1.786  -15.615 0.42 21.57 ? 27  ARG A NE  1 
ATOM   287  C CZ  A ARG A 1 33  ? 5.313   -0.691  -15.671 0.58 21.85 ? 27  ARG A CZ  1 
ATOM   288  C CZ  B ARG A 1 33  ? 4.817   -1.553  -15.914 0.42 24.67 ? 27  ARG A CZ  1 
ATOM   289  N NH1 A ARG A 1 33  ? 6.223   0.212   -15.305 0.58 19.66 ? 27  ARG A NH1 1 
ATOM   290  N NH1 B ARG A 1 33  ? 3.838   -2.166  -15.264 0.42 25.72 ? 27  ARG A NH1 1 
ATOM   291  N NH2 A ARG A 1 33  ? 4.237   -0.294  -16.354 0.58 23.34 ? 27  ARG A NH2 1 
ATOM   292  N NH2 B ARG A 1 33  ? 4.511   -0.675  -16.864 0.42 25.41 ? 27  ARG A NH2 1 
ATOM   293  N N   . THR A 1 34  ? 7.336   -5.063  -9.485  1.00 13.28 ? 28  THR A N   1 
ATOM   294  C CA  . THR A 1 34  ? 8.053   -6.108  -8.787  1.00 13.37 ? 28  THR A CA  1 
ATOM   295  C C   . THR A 1 34  ? 7.137   -7.315  -8.691  1.00 12.93 ? 28  THR A C   1 
ATOM   296  O O   . THR A 1 34  ? 6.043   -7.288  -9.238  1.00 13.52 ? 28  THR A O   1 
ATOM   297  C CB  . THR A 1 34  ? 8.516   -5.618  -7.403  1.00 13.34 ? 28  THR A CB  1 
ATOM   298  O OG1 . THR A 1 34  ? 9.426   -6.570  -6.834  1.00 13.99 ? 28  THR A OG1 1 
ATOM   299  C CG2 . THR A 1 34  ? 7.362   -5.473  -6.404  1.00 14.75 ? 28  THR A CG2 1 
ATOM   300  N N   . THR A 1 35  ? 7.605   -8.376  -8.051  1.00 13.33 ? 29  THR A N   1 
ATOM   301  C CA  . THR A 1 35  ? 6.765   -9.550  -7.823  1.00 13.97 ? 29  THR A CA  1 
ATOM   302  C C   . THR A 1 35  ? 6.409   -9.678  -6.369  1.00 14.13 ? 29  THR A C   1 
ATOM   303  O O   . THR A 1 35  ? 6.988   -9.020  -5.514  1.00 14.62 ? 29  THR A O   1 
ATOM   304  C CB  . THR A 1 35  ? 7.458   -10.817 -8.301  1.00 14.35 ? 29  THR A CB  1 
ATOM   305  O OG1 . THR A 1 35  ? 8.721   -10.981 -7.632  1.00 15.58 ? 29  THR A OG1 1 
ATOM   306  C CG2 . THR A 1 35  ? 7.766   -10.722 -9.791  1.00 16.80 ? 29  THR A CG2 1 
ATOM   307  N N   . GLY A 1 36  ? 5.452   -10.554 -6.078  1.00 13.19 ? 30  GLY A N   1 
ATOM   308  C CA  . GLY A 1 36  ? 4.994   -10.721 -4.732  1.00 13.34 ? 30  GLY A CA  1 
ATOM   309  C C   . GLY A 1 36  ? 3.933   -11.784 -4.608  1.00 14.30 ? 30  GLY A C   1 
ATOM   310  O O   . GLY A 1 36  ? 3.905   -12.716 -5.406  1.00 13.96 ? 30  GLY A O   1 
ATOM   311  N N   . PHE A 1 37  ? 3.058   -11.631 -3.623  1.00 14.71 ? 31  PHE A N   1 
ATOM   312  C CA  . PHE A 1 37  ? 2.020   -12.640 -3.372  1.00 15.51 ? 31  PHE A CA  1 
ATOM   313  C C   . PHE A 1 37  ? 0.673   -12.032 -3.087  1.00 15.99 ? 31  PHE A C   1 
ATOM   314  O O   . PHE A 1 37  ? 0.576   -10.990 -2.441  1.00 15.56 ? 31  PHE A O   1 
ATOM   315  C CB  . PHE A 1 37  ? 2.447   -13.547 -2.232  1.00 15.31 ? 31  PHE A CB  1 
ATOM   316  C CG  . PHE A 1 37  ? 3.659   -14.335 -2.550  1.00 16.06 ? 31  PHE A CG  1 
ATOM   317  C CD1 . PHE A 1 37  ? 3.549   -15.545 -3.222  1.00 18.31 ? 31  PHE A CD1 1 
ATOM   318  C CD2 . PHE A 1 37  ? 4.916   -13.847 -2.255  1.00 17.10 ? 31  PHE A CD2 1 
ATOM   319  C CE1 . PHE A 1 37  ? 4.688   -16.253 -3.573  1.00 20.24 ? 31  PHE A CE1 1 
ATOM   320  C CE2 . PHE A 1 37  ? 6.046   -14.563 -2.609  1.00 19.95 ? 31  PHE A CE2 1 
ATOM   321  C CZ  . PHE A 1 37  ? 5.925   -15.758 -3.255  1.00 19.24 ? 31  PHE A CZ  1 
ATOM   322  N N   . TYR A 1 38  ? -0.359  -12.689 -3.610  1.00 16.11 ? 32  TYR A N   1 
ATOM   323  C CA  . TYR A 1 38  ? -1.748  -12.455 -3.235  1.00 15.75 ? 32  TYR A CA  1 
ATOM   324  C C   . TYR A 1 38  ? -2.150  -13.585 -2.311  1.00 16.60 ? 32  TYR A C   1 
ATOM   325  O O   . TYR A 1 38  ? -1.765  -14.734 -2.556  1.00 16.04 ? 32  TYR A O   1 
ATOM   326  C CB  . TYR A 1 38  ? -2.623  -12.467 -4.490  1.00 15.71 ? 32  TYR A CB  1 
ATOM   327  C CG  . TYR A 1 38  ? -4.116  -12.650 -4.263  1.00 15.69 ? 32  TYR A CG  1 
ATOM   328  C CD1 . TYR A 1 38  ? -4.992  -11.580 -4.375  1.00 15.47 ? 32  TYR A CD1 1 
ATOM   329  C CD2 . TYR A 1 38  ? -4.655  -13.911 -3.968  1.00 16.56 ? 32  TYR A CD2 1 
ATOM   330  C CE1 . TYR A 1 38  ? -6.364  -11.743 -4.161  1.00 15.95 ? 32  TYR A CE1 1 
ATOM   331  C CE2 . TYR A 1 38  ? -6.020  -14.076 -3.793  1.00 18.44 ? 32  TYR A CE2 1 
ATOM   332  C CZ  . TYR A 1 38  ? -6.861  -12.993 -3.886  1.00 17.46 ? 32  TYR A CZ  1 
ATOM   333  O OH  . TYR A 1 38  ? -8.220  -13.131 -3.709  1.00 20.04 ? 32  TYR A OH  1 
ATOM   334  N N   . TYR A 1 39  ? -2.875  -13.262 -1.238  1.00 16.40 ? 33  TYR A N   1 
ATOM   335  C CA  . TYR A 1 39  ? -3.499  -14.264 -0.369  1.00 17.49 ? 33  TYR A CA  1 
ATOM   336  C C   . TYR A 1 39  ? -4.703  -13.697 0.389   1.00 18.02 ? 33  TYR A C   1 
ATOM   337  O O   . TYR A 1 39  ? -4.923  -12.499 0.434   1.00 17.38 ? 33  TYR A O   1 
ATOM   338  C CB  . TYR A 1 39  ? -2.520  -14.890 0.631   1.00 17.50 ? 33  TYR A CB  1 
ATOM   339  C CG  . TYR A 1 39  ? -1.789  -13.923 1.539   1.00 18.76 ? 33  TYR A CG  1 
ATOM   340  C CD1 . TYR A 1 39  ? -2.225  -13.674 2.842   1.00 19.01 ? 33  TYR A CD1 1 
ATOM   341  C CD2 . TYR A 1 39  ? -0.641  -13.279 1.103   1.00 20.16 ? 33  TYR A CD2 1 
ATOM   342  C CE1 . TYR A 1 39  ? -1.520  -12.795 3.691   1.00 20.29 ? 33  TYR A CE1 1 
ATOM   343  C CE2 . TYR A 1 39  ? 0.044   -12.400 1.927   1.00 20.49 ? 33  TYR A CE2 1 
ATOM   344  C CZ  . TYR A 1 39  ? -0.389  -12.155 3.200   1.00 21.40 ? 33  TYR A CZ  1 
ATOM   345  O OH  . TYR A 1 39  ? 0.343   -11.270 3.971   1.00 23.92 ? 33  TYR A OH  1 
ATOM   346  N N   . VAL A 1 40  ? -5.477  -14.591 0.990   1.00 17.95 ? 34  VAL A N   1 
ATOM   347  C CA  . VAL A 1 40  ? -6.661  -14.199 1.748   1.00 18.45 ? 34  VAL A CA  1 
ATOM   348  C C   . VAL A 1 40  ? -6.528  -14.698 3.185   1.00 18.96 ? 34  VAL A C   1 
ATOM   349  O O   . VAL A 1 40  ? -6.102  -15.832 3.408   1.00 19.87 ? 34  VAL A O   1 
ATOM   350  C CB  . VAL A 1 40  ? -7.930  -14.759 1.097   1.00 18.79 ? 34  VAL A CB  1 
ATOM   351  C CG1 . VAL A 1 40  ? -9.140  -14.526 1.987   1.00 20.17 ? 34  VAL A CG1 1 
ATOM   352  C CG2 . VAL A 1 40  ? -8.138  -14.120 -0.304  1.00 19.52 ? 34  VAL A CG2 1 
ATOM   353  N N   . LYS A 1 41  ? -6.829  -13.846 4.159   1.00 19.06 ? 35  LYS A N   1 
ATOM   354  C CA  . LYS A 1 41  ? -6.918  -14.259 5.557   1.00 20.44 ? 35  LYS A CA  1 
ATOM   355  C C   . LYS A 1 41  ? -8.217  -13.722 6.117   1.00 21.15 ? 35  LYS A C   1 
ATOM   356  O O   . LYS A 1 41  ? -8.507  -12.533 5.984   1.00 20.75 ? 35  LYS A O   1 
ATOM   357  C CB  . LYS A 1 41  ? -5.783  -13.707 6.426   1.00 20.47 ? 35  LYS A CB  1 
ATOM   358  C CG  . LYS A 1 41  ? -4.391  -14.151 6.063   1.00 22.77 ? 35  LYS A CG  1 
ATOM   359  C CD  . LYS A 1 41  ? -3.369  -13.851 7.197   1.00 24.83 ? 35  LYS A CD  1 
ATOM   360  C CE  . LYS A 1 41  ? -3.447  -12.387 7.677   1.00 27.09 ? 35  LYS A CE  1 
ATOM   361  N NZ  . LYS A 1 41  ? -2.395  -12.010 8.688   1.00 29.17 ? 35  LYS A NZ  1 
ATOM   362  N N   . GLN A 1 42  ? -9.002  -14.594 6.744   1.00 22.53 ? 36  GLN A N   1 
ATOM   363  C CA  . GLN A 1 42  ? -10.284 -14.203 7.328   1.00 23.13 ? 36  GLN A CA  1 
ATOM   364  C C   . GLN A 1 42  ? -11.093 -13.379 6.344   1.00 23.23 ? 36  GLN A C   1 
ATOM   365  O O   . GLN A 1 42  ? -11.648 -12.342 6.688   1.00 23.91 ? 36  GLN A O   1 
ATOM   366  C CB  . GLN A 1 42  ? -10.071 -13.446 8.645   1.00 23.95 ? 36  GLN A CB  1 
ATOM   367  C CG  . GLN A 1 42  ? -9.492  -14.317 9.747   1.00 25.38 ? 36  GLN A CG  1 
ATOM   368  C CD  . GLN A 1 42  ? -9.435  -13.620 11.094  0.29 25.49 ? 36  GLN A CD  1 
ATOM   369  O OE1 . GLN A 1 42  ? -10.300 -12.807 11.419  0.29 27.13 ? 36  GLN A OE1 1 
ATOM   370  N NE2 . GLN A 1 42  ? -8.420  -13.940 11.881  0.29 26.01 ? 36  GLN A NE2 1 
ATOM   371  N N   . ASN A 1 43  ? -11.123 -13.858 5.106   1.00 23.05 ? 37  ASN A N   1 
ATOM   372  C CA  . ASN A 1 43  ? -11.930 -13.291 4.034   1.00 23.44 ? 37  ASN A CA  1 
ATOM   373  C C   . ASN A 1 43  ? -11.566 -11.849 3.668   1.00 22.60 ? 37  ASN A C   1 
ATOM   374  O O   . ASN A 1 43  ? -12.389 -11.110 3.175   1.00 22.90 ? 37  ASN A O   1 
ATOM   375  C CB  A ASN A 1 43  ? -13.420 -13.379 4.383   0.59 23.87 ? 37  ASN A CB  1 
ATOM   376  C CB  B ASN A 1 43  ? -13.437 -13.431 4.344   0.41 23.62 ? 37  ASN A CB  1 
ATOM   377  C CG  A ASN A 1 43  ? -14.304 -13.299 3.162   0.59 25.20 ? 37  ASN A CG  1 
ATOM   378  C CG  B ASN A 1 43  ? -14.047 -14.685 3.730   0.41 24.47 ? 37  ASN A CG  1 
ATOM   379  O OD1 A ASN A 1 43  ? -13.896 -13.683 2.064   0.59 27.56 ? 37  ASN A OD1 1 
ATOM   380  O OD1 B ASN A 1 43  ? -13.699 -15.801 4.103   0.41 25.64 ? 37  ASN A OD1 1 
ATOM   381  N ND2 A ASN A 1 43  ? -15.524 -12.801 3.343   0.59 28.32 ? 37  ASN A ND2 1 
ATOM   382  N ND2 B ASN A 1 43  ? -14.962 -14.501 2.784   0.41 26.10 ? 37  ASN A ND2 1 
ATOM   383  N N   . LYS A 1 44  ? -10.321 -11.460 3.921   1.00 21.29 ? 38  LYS A N   1 
ATOM   384  C CA  . LYS A 1 44  ? -9.786  -10.207 3.402   1.00 20.16 ? 38  LYS A CA  1 
ATOM   385  C C   . LYS A 1 44  ? -8.559  -10.488 2.553   1.00 18.55 ? 38  LYS A C   1 
ATOM   386  O O   . LYS A 1 44  ? -7.809  -11.409 2.836   1.00 18.12 ? 38  LYS A O   1 
ATOM   387  C CB  . LYS A 1 44  ? -9.414  -9.285  4.554   1.00 19.97 ? 38  LYS A CB  1 
ATOM   388  C CG  . LYS A 1 44  ? -10.619 -8.854  5.379   1.00 22.28 ? 38  LYS A CG  1 
ATOM   389  C CD  . LYS A 1 44  ? -10.242 -7.879  6.454   1.00 24.25 ? 38  LYS A CD  1 
ATOM   390  C CE  . LYS A 1 44  ? -11.468 -7.105  6.952   1.00 27.09 ? 38  LYS A CE  1 
ATOM   391  N NZ  . LYS A 1 44  ? -11.089 -6.104  7.993   1.00 28.61 ? 38  LYS A NZ  1 
ATOM   392  N N   . VAL A 1 45  ? -8.373  -9.672  1.518   1.00 18.43 ? 39  VAL A N   1 
ATOM   393  C CA  . VAL A 1 45  ? -7.273  -9.797  0.576   1.00 17.28 ? 39  VAL A CA  1 
ATOM   394  C C   . VAL A 1 45  ? -6.035  -9.066  1.097   1.00 16.58 ? 39  VAL A C   1 
ATOM   395  O O   . VAL A 1 45  ? -6.138  -7.941  1.610   1.00 16.17 ? 39  VAL A O   1 
ATOM   396  C CB  . VAL A 1 45  ? -7.652  -9.227  -0.808  1.00 17.48 ? 39  VAL A CB  1 
ATOM   397  C CG1 . VAL A 1 45  ? -6.438  -9.150  -1.730  1.00 18.30 ? 39  VAL A CG1 1 
ATOM   398  C CG2 . VAL A 1 45  ? -8.751  -10.066 -1.477  1.00 18.34 ? 39  VAL A CG2 1 
ATOM   399  N N   . TYR A 1 46  ? -4.890  -9.726  0.960   1.00 15.61 ? 40  TYR A N   1 
ATOM   400  C CA  . TYR A 1 46  ? -3.578  -9.175  1.261   1.00 14.24 ? 40  TYR A CA  1 
ATOM   401  C C   . TYR A 1 46  ? -2.691  -9.299  0.041   1.00 14.82 ? 40  TYR A C   1 
ATOM   402  O O   . TYR A 1 46  ? -2.759  -10.291 -0.691  1.00 14.49 ? 40  TYR A O   1 
ATOM   403  C CB  . TYR A 1 46  ? -2.901  -9.938  2.392   1.00 14.47 ? 40  TYR A CB  1 
ATOM   404  C CG  . TYR A 1 46  ? -3.585  -9.810  3.719   1.00 13.94 ? 40  TYR A CG  1 
ATOM   405  C CD1 . TYR A 1 46  ? -3.044  -9.034  4.738   1.00 13.19 ? 40  TYR A CD1 1 
ATOM   406  C CD2 . TYR A 1 46  ? -4.800  -10.477 3.968   1.00 14.59 ? 40  TYR A CD2 1 
ATOM   407  C CE1 . TYR A 1 46  ? -3.680  -8.935  5.980   1.00 15.33 ? 40  TYR A CE1 1 
ATOM   408  C CE2 . TYR A 1 46  ? -5.438  -10.361 5.185   1.00 14.02 ? 40  TYR A CE2 1 
ATOM   409  C CZ  . TYR A 1 46  ? -4.884  -9.595  6.187   1.00 15.44 ? 40  TYR A CZ  1 
ATOM   410  O OH  . TYR A 1 46  ? -5.517  -9.491  7.412   1.00 17.66 ? 40  TYR A OH  1 
ATOM   411  N N   . LEU A 1 47  ? -1.855  -8.286  -0.167  1.00 13.74 ? 41  LEU A N   1 
ATOM   412  C CA  . LEU A 1 47  ? -0.778  -8.354  -1.137  1.00 14.23 ? 41  LEU A CA  1 
ATOM   413  C C   . LEU A 1 47  ? 0.516   -8.167  -0.366  1.00 14.65 ? 41  LEU A C   1 
ATOM   414  O O   . LEU A 1 47  ? 0.571   -7.348  0.550   1.00 14.76 ? 41  LEU A O   1 
ATOM   415  C CB  . LEU A 1 47  ? -0.916  -7.262  -2.182  1.00 14.15 ? 41  LEU A CB  1 
ATOM   416  C CG  . LEU A 1 47  ? -2.291  -7.090  -2.834  1.00 13.34 ? 41  LEU A CG  1 
ATOM   417  C CD1 . LEU A 1 47  ? -2.323  -5.874  -3.720  1.00 14.99 ? 41  LEU A CD1 1 
ATOM   418  C CD2 . LEU A 1 47  ? -2.663  -8.320  -3.616  1.00 14.00 ? 41  LEU A CD2 1 
ATOM   419  N N   . SER A 1 48  ? 1.552   -8.927  -0.697  1.00 14.13 ? 42  SER A N   1 
ATOM   420  C CA  . SER A 1 48  ? 2.837   -8.768  0.003   1.00 14.28 ? 42  SER A CA  1 
ATOM   421  C C   . SER A 1 48  ? 3.951   -8.699  -1.018  1.00 14.27 ? 42  SER A C   1 
ATOM   422  O O   . SER A 1 48  ? 3.947   -9.445  -1.987  1.00 14.81 ? 42  SER A O   1 
ATOM   423  C CB  . SER A 1 48  ? 3.119   -9.933  0.949   1.00 15.34 ? 42  SER A CB  1 
ATOM   424  O OG  . SER A 1 48  ? 3.375   -11.083 0.192   1.00 19.15 ? 42  SER A OG  1 
ATOM   425  N N   . TYR A 1 49  ? 4.913   -7.819  -0.786  1.00 12.81 ? 43  TYR A N   1 
ATOM   426  C CA  . TYR A 1 49  ? 6.019   -7.607  -1.719  1.00 12.70 ? 43  TYR A CA  1 
ATOM   427  C C   . TYR A 1 49  ? 7.104   -6.822  -1.009  1.00 12.24 ? 43  TYR A C   1 
ATOM   428  O O   . TYR A 1 49  ? 6.950   -6.476  0.149   1.00 12.86 ? 43  TYR A O   1 
ATOM   429  C CB  . TYR A 1 49  ? 5.583   -6.883  -2.988  1.00 12.44 ? 43  TYR A CB  1 
ATOM   430  C CG  . TYR A 1 49  ? 4.803   -5.597  -2.802  1.00 11.95 ? 43  TYR A CG  1 
ATOM   431  C CD1 . TYR A 1 49  ? 5.435   -4.350  -2.844  1.00 11.99 ? 43  TYR A CD1 1 
ATOM   432  C CD2 . TYR A 1 49  ? 3.407   -5.626  -2.702  1.00 13.19 ? 43  TYR A CD2 1 
ATOM   433  C CE1 . TYR A 1 49  ? 4.688   -3.156  -2.733  1.00 12.34 ? 43  TYR A CE1 1 
ATOM   434  C CE2 . TYR A 1 49  ? 2.662   -4.432  -2.579  1.00 12.89 ? 43  TYR A CE2 1 
ATOM   435  C CZ  . TYR A 1 49  ? 3.312   -3.223  -2.574  1.00 14.27 ? 43  TYR A CZ  1 
ATOM   436  O OH  . TYR A 1 49  ? 2.550   -2.077  -2.470  1.00 14.95 ? 43  TYR A OH  1 
ATOM   437  N N   . TYR A 1 50  ? 8.215   -6.592  -1.689  1.00 12.39 ? 44  TYR A N   1 
ATOM   438  C CA  . TYR A 1 50  ? 9.273   -5.742  -1.168  1.00 12.60 ? 44  TYR A CA  1 
ATOM   439  C C   . TYR A 1 50  ? 9.485   -4.579  -2.103  1.00 13.94 ? 44  TYR A C   1 
ATOM   440  O O   . TYR A 1 50  ? 9.257   -4.687  -3.302  1.00 14.90 ? 44  TYR A O   1 
ATOM   441  C CB  . TYR A 1 50  ? 10.587  -6.504  -1.023  1.00 12.46 ? 44  TYR A CB  1 
ATOM   442  C CG  . TYR A 1 50  ? 10.474  -7.663  -0.079  1.00 12.58 ? 44  TYR A CG  1 
ATOM   443  C CD1 . TYR A 1 50  ? 10.819  -7.526  1.266   1.00 12.98 ? 44  TYR A CD1 1 
ATOM   444  C CD2 . TYR A 1 50  ? 9.973   -8.890  -0.502  1.00 17.43 ? 44  TYR A CD2 1 
ATOM   445  C CE1 . TYR A 1 50  ? 10.704  -8.587  2.133   1.00 15.70 ? 44  TYR A CE1 1 
ATOM   446  C CE2 . TYR A 1 50  ? 9.843   -9.947  0.383   1.00 17.81 ? 44  TYR A CE2 1 
ATOM   447  C CZ  . TYR A 1 50  ? 10.218  -9.784  1.691   1.00 19.94 ? 44  TYR A CZ  1 
ATOM   448  O OH  . TYR A 1 50  ? 10.111  -10.827 2.591   1.00 22.47 ? 44  TYR A OH  1 
ATOM   449  N N   . GLU A 1 51  ? 9.913   -3.461  -1.549  1.00 14.89 ? 45  GLU A N   1 
ATOM   450  C CA  . GLU A 1 51  ? 10.292  -2.327  -2.371  1.00 15.66 ? 45  GLU A CA  1 
ATOM   451  C C   . GLU A 1 51  ? 11.585  -1.731  -1.859  1.00 16.09 ? 45  GLU A C   1 
ATOM   452  O O   . GLU A 1 51  ? 11.998  -1.998  -0.738  1.00 16.69 ? 45  GLU A O   1 
ATOM   453  C CB  . GLU A 1 51  ? 9.158   -1.310  -2.456  1.00 16.85 ? 45  GLU A CB  1 
ATOM   454  C CG  . GLU A 1 51  ? 8.553   -0.864  -1.160  1.00 18.10 ? 45  GLU A CG  1 
ATOM   455  C CD  . GLU A 1 51  ? 7.273   -0.055  -1.386  1.00 19.25 ? 45  GLU A CD  1 
ATOM   456  O OE1 . GLU A 1 51  ? 6.194   -0.515  -1.020  1.00 19.24 ? 45  GLU A OE1 1 
ATOM   457  O OE2 . GLU A 1 51  ? 7.346   1.053   -1.949  1.00 23.27 ? 45  GLU A OE2 1 
ATOM   458  N N   . GLU A 1 52  ? 12.244  -0.936  -2.688  1.00 15.93 ? 46  GLU A N   1 
ATOM   459  C CA  . GLU A 1 52  ? 13.551  -0.433  -2.349  1.00 16.86 ? 46  GLU A CA  1 
ATOM   460  C C   . GLU A 1 52  ? 13.444  1.037   -1.999  1.00 16.97 ? 46  GLU A C   1 
ATOM   461  O O   . GLU A 1 52  ? 12.824  1.813   -2.710  1.00 17.35 ? 46  GLU A O   1 
ATOM   462  C CB  A GLU A 1 52  ? 14.494  -0.652  -3.530  0.59 16.74 ? 46  GLU A CB  1 
ATOM   463  C CB  B GLU A 1 52  ? 14.550  -0.623  -3.491  0.41 16.94 ? 46  GLU A CB  1 
ATOM   464  C CG  A GLU A 1 52  ? 14.648  -2.124  -3.887  0.59 17.44 ? 46  GLU A CG  1 
ATOM   465  C CG  B GLU A 1 52  ? 15.978  -0.229  -3.116  0.41 18.15 ? 46  GLU A CG  1 
ATOM   466  C CD  A GLU A 1 52  ? 15.145  -2.949  -2.710  0.59 17.72 ? 46  GLU A CD  1 
ATOM   467  C CD  B GLU A 1 52  ? 16.654  -1.209  -2.171  0.41 19.71 ? 46  GLU A CD  1 
ATOM   468  O OE1 A GLU A 1 52  ? 16.073  -2.484  -2.010  0.59 20.14 ? 46  GLU A OE1 1 
ATOM   469  O OE1 B GLU A 1 52  ? 16.097  -2.298  -1.924  0.41 20.54 ? 46  GLU A OE1 1 
ATOM   470  O OE2 A GLU A 1 52  ? 14.600  -4.044  -2.471  0.59 17.45 ? 46  GLU A OE2 1 
ATOM   471  O OE2 B GLU A 1 52  ? 17.752  -0.888  -1.664  0.41 18.79 ? 46  GLU A OE2 1 
ATOM   472  N N   . HIS A 1 53  ? 14.034  1.389   -0.873  1.00 17.16 ? 47  HIS A N   1 
ATOM   473  C CA  . HIS A 1 53  ? 14.164  2.767   -0.419  1.00 17.94 ? 47  HIS A CA  1 
ATOM   474  C C   . HIS A 1 53  ? 15.645  3.122   -0.515  1.00 18.48 ? 47  HIS A C   1 
ATOM   475  O O   . HIS A 1 53  ? 16.488  2.241   -0.599  1.00 17.44 ? 47  HIS A O   1 
ATOM   476  C CB  . HIS A 1 53  ? 13.677  2.804   1.026   1.00 18.17 ? 47  HIS A CB  1 
ATOM   477  C CG  . HIS A 1 53  ? 13.641  4.155   1.658   1.00 20.25 ? 47  HIS A CG  1 
ATOM   478  N ND1 . HIS A 1 53  ? 14.757  4.741   2.218   1.00 23.01 ? 47  HIS A ND1 1 
ATOM   479  C CD2 . HIS A 1 53  ? 12.613  5.008   1.882   1.00 24.44 ? 47  HIS A CD2 1 
ATOM   480  C CE1 . HIS A 1 53  ? 14.419  5.901   2.750   1.00 24.56 ? 47  HIS A CE1 1 
ATOM   481  N NE2 . HIS A 1 53  ? 13.120  6.081   2.572   1.00 25.68 ? 47  HIS A NE2 1 
ATOM   482  N N   . ASP A 1 54  ? 15.985  4.410   -0.509  1.00 19.68 ? 48  ASP A N   1 
ATOM   483  C CA  . ASP A 1 54  ? 17.396  4.810   -0.515  1.00 21.07 ? 48  ASP A CA  1 
ATOM   484  C C   . ASP A 1 54  ? 18.174  4.101   0.589   1.00 20.45 ? 48  ASP A C   1 
ATOM   485  O O   . ASP A 1 54  ? 19.328  3.721   0.400   1.00 21.88 ? 48  ASP A O   1 
ATOM   486  C CB  . ASP A 1 54  ? 17.530  6.318   -0.272  1.00 21.72 ? 48  ASP A CB  1 
ATOM   487  C CG  . ASP A 1 54  ? 17.151  7.145   -1.471  1.00 25.45 ? 48  ASP A CG  1 
ATOM   488  O OD1 . ASP A 1 54  ? 17.659  6.869   -2.581  1.00 30.01 ? 48  ASP A OD1 1 
ATOM   489  O OD2 . ASP A 1 54  ? 16.344  8.097   -1.377  1.00 31.17 ? 48  ASP A OD2 1 
ATOM   490  N N   . LEU A 1 55  ? 17.532  3.908   1.736   1.00 19.87 ? 49  LEU A N   1 
ATOM   491  C CA  . LEU A 1 55  ? 18.183  3.341   2.907   1.00 19.92 ? 49  LEU A CA  1 
ATOM   492  C C   . LEU A 1 55  ? 18.074  1.815   2.992   1.00 18.53 ? 49  LEU A C   1 
ATOM   493  O O   . LEU A 1 55  ? 18.583  1.221   3.925   1.00 18.28 ? 49  LEU A O   1 
ATOM   494  C CB  . LEU A 1 55  ? 17.632  3.983   4.166   1.00 20.62 ? 49  LEU A CB  1 
ATOM   495  C CG  . LEU A 1 55  ? 17.827  5.502   4.202   1.00 24.16 ? 49  LEU A CG  1 
ATOM   496  C CD1 . LEU A 1 55  ? 17.340  6.040   5.513   1.00 26.78 ? 49  LEU A CD1 1 
ATOM   497  C CD2 . LEU A 1 55  ? 19.272  5.898   3.957   1.00 26.91 ? 49  LEU A CD2 1 
ATOM   498  N N   . GLY A 1 56  ? 17.438  1.195   2.009   1.00 16.93 ? 50  GLY A N   1 
ATOM   499  C CA  . GLY A 1 56  ? 17.469  -0.251  1.861   1.00 15.91 ? 50  GLY A CA  1 
ATOM   500  C C   . GLY A 1 56  ? 16.099  -0.880  1.670   1.00 14.92 ? 50  GLY A C   1 
ATOM   501  O O   . GLY A 1 56  ? 15.147  -0.225  1.245   1.00 14.67 ? 50  GLY A O   1 
ATOM   502  N N   . LYS A 1 57  ? 16.007  -2.169  1.992   1.00 14.11 ? 51  LYS A N   1 
ATOM   503  C CA  . LYS A 1 57  ? 14.828  -2.959  1.646   1.00 14.12 ? 51  LYS A CA  1 
ATOM   504  C C   . LYS A 1 57  ? 13.667  -2.663  2.581   1.00 13.02 ? 51  LYS A C   1 
ATOM   505  O O   . LYS A 1 57  ? 13.845  -2.547  3.794   1.00 12.98 ? 51  LYS A O   1 
ATOM   506  C CB  . LYS A 1 57  ? 15.168  -4.457  1.687   1.00 15.08 ? 51  LYS A CB  1 
ATOM   507  C CG  . LYS A 1 57  ? 14.109  -5.340  1.030   1.00 17.27 ? 51  LYS A CG  1 
ATOM   508  C CD  . LYS A 1 57  ? 14.463  -6.830  1.171   1.00 21.89 ? 51  LYS A CD  1 
ATOM   509  C CE  . LYS A 1 57  ? 15.566  -7.246  0.238   1.00 24.57 ? 51  LYS A CE  1 
ATOM   510  N NZ  . LYS A 1 57  ? 15.670  -8.744  0.116   1.00 26.88 ? 51  LYS A NZ  1 
ATOM   511  N N   . VAL A 1 58  ? 12.476  -2.563  1.998   1.00 12.15 ? 52  VAL A N   1 
ATOM   512  C CA  . VAL A 1 58  ? 11.224  -2.364  2.724   1.00 11.96 ? 52  VAL A CA  1 
ATOM   513  C C   . VAL A 1 58  ? 10.316  -3.555  2.386   1.00 12.23 ? 52  VAL A C   1 
ATOM   514  O O   . VAL A 1 58  ? 10.219  -3.963  1.223   1.00 13.94 ? 52  VAL A O   1 
ATOM   515  C CB  . VAL A 1 58  ? 10.551  -1.063  2.271   1.00 11.93 ? 52  VAL A CB  1 
ATOM   516  C CG1 . VAL A 1 58  ? 9.170   -0.929  2.856   1.00 11.26 ? 52  VAL A CG1 1 
ATOM   517  C CG2 . VAL A 1 58  ? 11.450  0.131   2.601   1.00 13.50 ? 52  VAL A CG2 1 
ATOM   518  N N   . LYS A 1 59  ? 9.725   -4.161  3.412   1.00 11.74 ? 53  LYS A N   1 
ATOM   519  C CA  . LYS A 1 59  ? 8.675   -5.147  3.227   1.00 10.92 ? 53  LYS A CA  1 
ATOM   520  C C   . LYS A 1 59  ? 7.328   -4.440  3.320   1.00 10.10 ? 53  LYS A C   1 
ATOM   521  O O   . LYS A 1 59  ? 7.106   -3.672  4.246   1.00 9.46  ? 53  LYS A O   1 
ATOM   522  C CB  . LYS A 1 59  ? 8.744   -6.199  4.337   1.00 11.56 ? 53  LYS A CB  1 
ATOM   523  C CG  . LYS A 1 59  ? 7.678   -7.244  4.204   1.00 13.83 ? 53  LYS A CG  1 
ATOM   524  C CD  . LYS A 1 59  ? 7.763   -8.283  5.326   1.00 17.17 ? 53  LYS A CD  1 
ATOM   525  C CE  . LYS A 1 59  ? 6.685   -9.366  5.141   1.00 20.26 ? 53  LYS A CE  1 
ATOM   526  N NZ  . LYS A 1 59  ? 7.064   -10.392 4.139   1.00 22.95 ? 53  LYS A NZ  1 
ATOM   527  N N   . THR A 1 60  ? 6.429   -4.747  2.388   1.00 10.29 ? 54  THR A N   1 
ATOM   528  C CA  . THR A 1 60  ? 5.126   -4.102  2.275   1.00 10.31 ? 54  THR A CA  1 
ATOM   529  C C   . THR A 1 60  ? 4.000   -5.119  2.233   1.00 11.27 ? 54  THR A C   1 
ATOM   530  O O   . THR A 1 60  ? 4.044   -6.049  1.443   1.00 12.47 ? 54  THR A O   1 
ATOM   531  C CB  . THR A 1 60  ? 5.080   -3.261  0.988   1.00 10.43 ? 54  THR A CB  1 
ATOM   532  O OG1 . THR A 1 60  ? 6.191   -2.340  1.002   1.00 10.57 ? 54  THR A OG1 1 
ATOM   533  C CG2 . THR A 1 60  ? 3.822   -2.423  0.945   1.00 11.78 ? 54  THR A CG2 1 
ATOM   534  N N   . ILE A 1 61  ? 3.049   -4.980  3.148   1.00 11.94 ? 55  ILE A N   1 
ATOM   535  C CA  . ILE A 1 61  ? 1.828   -5.790  3.138   1.00 12.36 ? 55  ILE A CA  1 
ATOM   536  C C   . ILE A 1 61  ? 0.666   -4.833  3.009   1.00 11.77 ? 55  ILE A C   1 
ATOM   537  O O   . ILE A 1 61  ? 0.567   -3.875  3.767   1.00 12.22 ? 55  ILE A O   1 
ATOM   538  C CB  . ILE A 1 61  ? 1.696   -6.636  4.419   1.00 12.79 ? 55  ILE A CB  1 
ATOM   539  C CG1 . ILE A 1 61  ? 2.880   -7.601  4.544   1.00 16.05 ? 55  ILE A CG1 1 
ATOM   540  C CG2 . ILE A 1 61  ? 0.358   -7.432  4.397   1.00 13.47 ? 55  ILE A CG2 1 
ATOM   541  C CD1 . ILE A 1 61  ? 2.906   -8.363  5.813   1.00 19.64 ? 55  ILE A CD1 1 
ATOM   542  N N   . VAL A 1 62  ? -0.202  -5.087  2.041   1.00 11.63 ? 56  VAL A N   1 
ATOM   543  C CA  . VAL A 1 62  ? -1.384  -4.296  1.797   1.00 11.90 ? 56  VAL A CA  1 
ATOM   544  C C   . VAL A 1 62  ? -2.586  -5.142  2.219   1.00 13.11 ? 56  VAL A C   1 
ATOM   545  O O   . VAL A 1 62  ? -2.722  -6.267  1.774   1.00 13.69 ? 56  VAL A O   1 
ATOM   546  C CB  . VAL A 1 62  ? -1.512  -3.926  0.311   1.00 12.64 ? 56  VAL A CB  1 
ATOM   547  C CG1 . VAL A 1 62  ? -2.758  -3.036  0.063   1.00 12.51 ? 56  VAL A CG1 1 
ATOM   548  C CG2 . VAL A 1 62  ? -0.254  -3.229  -0.173  1.00 12.14 ? 56  VAL A CG2 1 
ATOM   549  N N   . LYS A 1 63  ? -3.429  -4.598  3.083   1.00 12.45 ? 57  LYS A N   1 
ATOM   550  C CA  . LYS A 1 63  ? -4.638  -5.273  3.554   1.00 12.79 ? 57  LYS A CA  1 
ATOM   551  C C   . LYS A 1 63  ? -5.843  -4.473  3.141   1.00 12.82 ? 57  LYS A C   1 
ATOM   552  O O   . LYS A 1 63  ? -5.969  -3.295  3.501   1.00 12.68 ? 57  LYS A O   1 
ATOM   553  C CB  . LYS A 1 63  ? -4.616  -5.393  5.060   1.00 12.50 ? 57  LYS A CB  1 
ATOM   554  C CG  . LYS A 1 63  ? -5.837  -6.060  5.699   1.00 13.34 ? 57  LYS A CG  1 
ATOM   555  C CD  . LYS A 1 63  ? -5.739  -6.050  7.230   1.00 16.25 ? 57  LYS A CD  1 
ATOM   556  C CE  . LYS A 1 63  ? -7.053  -6.535  7.863   1.00 19.47 ? 57  LYS A CE  1 
ATOM   557  N NZ  . LYS A 1 63  ? -7.087  -6.357  9.340   1.00 19.70 ? 57  LYS A NZ  1 
ATOM   558  N N   . VAL A 1 64  ? -6.751  -5.123  2.431   1.00 13.61 ? 58  VAL A N   1 
ATOM   559  C CA  . VAL A 1 64  ? -7.920  -4.460  1.885   1.00 14.38 ? 58  VAL A CA  1 
ATOM   560  C C   . VAL A 1 64  ? -9.168  -4.872  2.661   1.00 15.99 ? 58  VAL A C   1 
ATOM   561  O O   . VAL A 1 64  ? -9.444  -6.073  2.797   1.00 16.12 ? 58  VAL A O   1 
ATOM   562  C CB  . VAL A 1 64  ? -8.130  -4.818  0.414   1.00 14.48 ? 58  VAL A CB  1 
ATOM   563  C CG1 . VAL A 1 64  ? -9.341  -4.067  -0.134  1.00 15.61 ? 58  VAL A CG1 1 
ATOM   564  C CG2 . VAL A 1 64  ? -6.857  -4.505  -0.406  1.00 14.53 ? 58  VAL A CG2 1 
ATOM   565  N N   . SER A 1 65  ? -9.905  -3.866  3.128   1.00 16.89 ? 59  SER A N   1 
ATOM   566  C CA  . SER A 1 65  ? -11.198 -4.031  3.800   1.00 18.57 ? 59  SER A CA  1 
ATOM   567  C C   . SER A 1 65  ? -12.262 -3.165  3.107   1.00 19.90 ? 59  SER A C   1 
ATOM   568  O O   . SER A 1 65  ? -11.978 -2.404  2.184   1.00 19.08 ? 59  SER A O   1 
ATOM   569  C CB  . SER A 1 65  ? -11.092 -3.614  5.273   1.00 18.87 ? 59  SER A CB  1 
ATOM   570  O OG  . SER A 1 65  ? -10.170 -4.406  5.991   1.00 20.75 ? 59  SER A OG  1 
ATOM   571  N N   . GLU A 1 66  ? -13.511 -3.276  3.557   1.00 21.43 ? 60  GLU A N   1 
ATOM   572  C CA  . GLU A 1 66  ? -14.556 -2.358  3.108   1.00 22.08 ? 60  GLU A CA  1 
ATOM   573  C C   . GLU A 1 66  ? -14.251 -0.941  3.614   1.00 21.27 ? 60  GLU A C   1 
ATOM   574  O O   . GLU A 1 66  ? -14.171 -0.711  4.812   1.00 22.73 ? 60  GLU A O   1 
ATOM   575  C CB  . GLU A 1 66  ? -15.929 -2.804  3.636   1.00 22.87 ? 60  GLU A CB  1 
ATOM   576  C CG  . GLU A 1 66  ? -17.098 -2.180  2.891   1.00 25.27 ? 60  GLU A CG  1 
ATOM   577  C CD  . GLU A 1 66  ? -18.442 -2.451  3.550   0.39 25.51 ? 60  GLU A CD  1 
ATOM   578  O OE1 . GLU A 1 66  ? -18.526 -3.337  4.423   0.39 26.81 ? 60  GLU A OE1 1 
ATOM   579  O OE2 . GLU A 1 66  ? -19.424 -1.771  3.190   0.39 27.19 ? 60  GLU A OE2 1 
ATOM   580  N N   . GLY A 1 67  ? -14.047 -0.024  2.684   1.00 20.70 ? 61  GLY A N   1 
ATOM   581  C CA  . GLY A 1 67  ? -13.888 1.395   2.989   1.00 19.74 ? 61  GLY A CA  1 
ATOM   582  C C   . GLY A 1 67  ? -12.541 1.778   3.579   1.00 18.60 ? 61  GLY A C   1 
ATOM   583  O O   . GLY A 1 67  ? -12.371 2.927   4.025   1.00 17.43 ? 61  GLY A O   1 
ATOM   584  N N   . GLU A 1 68  ? -11.594 0.841   3.574   1.00 17.64 ? 62  GLU A N   1 
ATOM   585  C CA  . GLU A 1 68  ? -10.285 1.073   4.186   1.00 16.55 ? 62  GLU A CA  1 
ATOM   586  C C   . GLU A 1 68  ? -9.206  0.133   3.634   1.00 15.32 ? 62  GLU A C   1 
ATOM   587  O O   . GLU A 1 68  ? -9.491  -1.002  3.288   1.00 14.14 ? 62  GLU A O   1 
ATOM   588  C CB  . GLU A 1 68  ? -10.443 1.008   5.719   1.00 18.06 ? 62  GLU A CB  1 
ATOM   589  C CG  . GLU A 1 68  ? -9.520  0.137   6.527   1.00 20.86 ? 62  GLU A CG  1 
ATOM   590  C CD  . GLU A 1 68  ? -9.688  0.381   8.024   1.00 21.32 ? 62  GLU A CD  1 
ATOM   591  O OE1 . GLU A 1 68  ? -8.762  0.048   8.757   1.00 24.10 ? 62  GLU A OE1 1 
ATOM   592  O OE2 . GLU A 1 68  ? -10.748 0.907   8.460   1.00 24.21 ? 62  GLU A OE2 1 
ATOM   593  N N   . VAL A 1 69  ? -7.987  0.656   3.504   1.00 13.25 ? 63  VAL A N   1 
ATOM   594  C CA  . VAL A 1 69  ? -6.836  -0.112  3.060   1.00 12.64 ? 63  VAL A CA  1 
ATOM   595  C C   . VAL A 1 69  ? -5.717  0.247   4.023   1.00 12.13 ? 63  VAL A C   1 
ATOM   596  O O   . VAL A 1 69  ? -5.528  1.432   4.336   1.00 11.76 ? 63  VAL A O   1 
ATOM   597  C CB  . VAL A 1 69  ? -6.419  0.259   1.605   1.00 12.12 ? 63  VAL A CB  1 
ATOM   598  C CG1 . VAL A 1 69  ? -5.089  -0.403  1.246   1.00 12.45 ? 63  VAL A CG1 1 
ATOM   599  C CG2 . VAL A 1 69  ? -7.520  -0.106  0.615   1.00 13.63 ? 63  VAL A CG2 1 
ATOM   600  N N   . LEU A 1 70  ? -5.001  -0.767  4.498   1.00 11.26 ? 64  LEU A N   1 
ATOM   601  C CA  . LEU A 1 70  ? -3.872  -0.601  5.395   1.00 11.92 ? 64  LEU A CA  1 
ATOM   602  C C   . LEU A 1 70  ? -2.609  -1.046  4.662   1.00 11.98 ? 64  LEU A C   1 
ATOM   603  O O   . LEU A 1 70  ? -2.540  -2.167  4.157   1.00 12.02 ? 64  LEU A O   1 
ATOM   604  C CB  . LEU A 1 70  ? -4.069  -1.415  6.678   1.00 11.83 ? 64  LEU A CB  1 
ATOM   605  C CG  . LEU A 1 70  ? -2.941  -1.343  7.707   1.00 13.94 ? 64  LEU A CG  1 
ATOM   606  C CD1 . LEU A 1 70  ? -2.781  0.076   8.308   1.00 14.73 ? 64  LEU A CD1 1 
ATOM   607  C CD2 . LEU A 1 70  ? -3.165  -2.371  8.811   1.00 14.77 ? 64  LEU A CD2 1 
ATOM   608  N N   . VAL A 1 71  ? -1.622  -0.163  4.589   1.00 10.64 ? 65  VAL A N   1 
ATOM   609  C CA  . VAL A 1 71  ? -0.342  -0.490  3.970   1.00 11.29 ? 65  VAL A CA  1 
ATOM   610  C C   . VAL A 1 71  ? 0.703   -0.482  5.087   1.00 10.47 ? 65  VAL A C   1 
ATOM   611  O O   . VAL A 1 71  ? 0.998   0.554   5.674   1.00 11.59 ? 65  VAL A O   1 
ATOM   612  C CB  . VAL A 1 71  ? 0.030   0.497   2.858   1.00 11.07 ? 65  VAL A CB  1 
ATOM   613  C CG1 . VAL A 1 71  ? 1.412   0.172   2.262   1.00 11.73 ? 65  VAL A CG1 1 
ATOM   614  C CG2 . VAL A 1 71  ? -1.055  0.516   1.775   1.00 10.92 ? 65  VAL A CG2 1 
ATOM   615  N N   . MET A 1 72  ? 1.234   -1.665  5.375   1.00 10.42 ? 66  MET A N   1 
ATOM   616  C CA  . MET A 1 72  ? 2.187   -1.890  6.454   1.00 10.94 ? 66  MET A CA  1 
ATOM   617  C C   . MET A 1 72  ? 3.567   -2.043  5.855   1.00 10.76 ? 66  MET A C   1 
ATOM   618  O O   . MET A 1 72  ? 3.858   -3.041  5.202   1.00 10.75 ? 66  MET A O   1 
ATOM   619  C CB  . MET A 1 72  ? 1.811   -3.163  7.235   1.00 12.13 ? 66  MET A CB  1 
ATOM   620  C CG  . MET A 1 72  ? 0.485   -3.045  7.948   1.00 15.27 ? 66  MET A CG  1 
ATOM   621  S SD  . MET A 1 72  ? -0.140  -4.631  8.535   1.00 21.64 ? 66  MET A SD  1 
ATOM   622  C CE  . MET A 1 72  ? -1.005  -5.232  7.083   1.00 22.55 ? 66  MET A CE  1 
ATOM   623  N N   . ARG A 1 73  ? 4.391   -1.023  6.032   1.00 9.60  ? 67  ARG A N   1 
ATOM   624  C CA  . ARG A 1 73  ? 5.773   -1.061  5.630   1.00 10.24 ? 67  ARG A CA  1 
ATOM   625  C C   . ARG A 1 73  ? 6.689   -1.317  6.831   1.00 9.92  ? 67  ARG A C   1 
ATOM   626  O O   . ARG A 1 73  ? 6.490   -0.784  7.924   1.00 10.33 ? 67  ARG A O   1 
ATOM   627  C CB  . ARG A 1 73  ? 6.170   0.223   4.896   1.00 10.69 ? 67  ARG A CB  1 
ATOM   628  C CG  . ARG A 1 73  ? 5.714   0.280   3.439   1.00 10.63 ? 67  ARG A CG  1 
ATOM   629  C CD  . ARG A 1 73  ? 6.169   1.554   2.722   1.00 13.36 ? 67  ARG A CD  1 
ATOM   630  N NE  . ARG A 1 73  ? 5.467   2.727   3.227   1.00 13.60 ? 67  ARG A NE  1 
ATOM   631  C CZ  . ARG A 1 73  ? 5.731   3.977   2.867   1.00 15.14 ? 67  ARG A CZ  1 
ATOM   632  N NH1 . ARG A 1 73  ? 6.672   4.250   1.970   1.00 15.47 ? 67  ARG A NH1 1 
ATOM   633  N NH2 . ARG A 1 73  ? 5.028   4.962   3.397   1.00 15.67 ? 67  ARG A NH2 1 
ATOM   634  N N   . SER A 1 74  ? 7.716   -2.114  6.600   1.00 10.10 ? 68  SER A N   1 
ATOM   635  C CA  . SER A 1 74  ? 8.699   -2.409  7.611   1.00 10.81 ? 68  SER A CA  1 
ATOM   636  C C   . SER A 1 74  ? 10.067  -2.541  6.969   1.00 11.07 ? 68  SER A C   1 
ATOM   637  O O   . SER A 1 74  ? 10.176  -2.649  5.753   1.00 10.79 ? 68  SER A O   1 
ATOM   638  C CB  . SER A 1 74  ? 8.310   -3.660  8.400   1.00 11.28 ? 68  SER A CB  1 
ATOM   639  O OG  . SER A 1 74  ? 8.317   -4.831  7.600   1.00 11.92 ? 68  SER A OG  1 
ATOM   640  N N   . GLY A 1 75  ? 11.111  -2.534  7.801   1.00 12.02 ? 69  GLY A N   1 
ATOM   641  C CA  . GLY A 1 75  ? 12.488  -2.587  7.314   1.00 13.00 ? 69  GLY A CA  1 
ATOM   642  C C   . GLY A 1 75  ? 13.072  -1.193  7.301   1.00 13.46 ? 69  GLY A C   1 
ATOM   643  O O   . GLY A 1 75  ? 13.127  -0.515  8.347   1.00 15.12 ? 69  GLY A O   1 
ATOM   644  N N   . ALA A 1 76  ? 13.494  -0.720  6.127   1.00 13.63 ? 70  ALA A N   1 
ATOM   645  C CA  . ALA A 1 76  ? 14.179  0.567   6.048   1.00 14.29 ? 70  ALA A CA  1 
ATOM   646  C C   . ALA A 1 76  ? 13.252  1.748   6.367   1.00 15.22 ? 70  ALA A C   1 
ATOM   647  O O   . ALA A 1 76  ? 13.714  2.833   6.751   1.00 15.90 ? 70  ALA A O   1 
ATOM   648  C CB  . ALA A 1 76  ? 14.818  0.744   4.697   1.00 14.43 ? 70  ALA A CB  1 
ATOM   649  N N   . VAL A 1 77  ? 11.952  1.530   6.174   1.00 14.26 ? 71  VAL A N   1 
ATOM   650  C CA  . VAL A 1 77  ? 10.908  2.451   6.588   1.00 15.33 ? 71  VAL A CA  1 
ATOM   651  C C   . VAL A 1 77  ? 9.890   1.635   7.348   1.00 14.32 ? 71  VAL A C   1 
ATOM   652  O O   . VAL A 1 77  ? 9.506   0.552   6.880   1.00 13.49 ? 71  VAL A O   1 
ATOM   653  C CB  A VAL A 1 77  ? 10.188  3.003   5.315   0.76 15.56 ? 71  VAL A CB  1 
ATOM   654  C CB  B VAL A 1 77  ? 10.242  3.215   5.418   0.24 15.10 ? 71  VAL A CB  1 
ATOM   655  C CG1 A VAL A 1 77  ? 8.834   3.616   5.627   0.76 17.31 ? 71  VAL A CG1 1 
ATOM   656  C CG1 B VAL A 1 77  ? 9.377   2.310   4.566   0.24 15.19 ? 71  VAL A CG1 1 
ATOM   657  C CG2 A VAL A 1 77  ? 11.068  3.986   4.604   0.76 17.17 ? 71  VAL A CG2 1 
ATOM   658  C CG2 B VAL A 1 77  ? 9.416   4.374   5.963   0.24 16.17 ? 71  VAL A CG2 1 
ATOM   659  N N   . LYS A 1 78  ? 9.449   2.155   8.488   1.00 13.73 ? 72  LYS A N   1 
ATOM   660  C CA  . LYS A 1 78  ? 8.382   1.531   9.254   1.00 13.91 ? 72  LYS A CA  1 
ATOM   661  C C   . LYS A 1 78  ? 7.209   2.506   9.287   1.00 13.61 ? 72  LYS A C   1 
ATOM   662  O O   . LYS A 1 78  ? 7.309   3.592   9.826   1.00 13.81 ? 72  LYS A O   1 
ATOM   663  C CB  . LYS A 1 78  ? 8.881   1.165   10.646  1.00 14.49 ? 72  LYS A CB  1 
ATOM   664  C CG  . LYS A 1 78  ? 7.810   0.691   11.631  1.00 18.62 ? 72  LYS A CG  1 
ATOM   665  C CD  . LYS A 1 78  ? 7.384   -0.719  11.368  1.00 23.16 ? 72  LYS A CD  1 
ATOM   666  C CE  . LYS A 1 78  ? 6.426   -1.235  12.458  1.00 24.86 ? 72  LYS A CE  1 
ATOM   667  N NZ  . LYS A 1 78  ? 5.855   -2.577  12.107  1.00 25.04 ? 72  LYS A NZ  1 
ATOM   668  N N   . MET A 1 79  ? 6.100   2.135   8.652   1.00 12.50 ? 73  MET A N   1 
ATOM   669  C CA  . MET A 1 79  ? 4.902   2.954   8.689   1.00 12.66 ? 73  MET A CA  1 
ATOM   670  C C   . MET A 1 79  ? 3.682   2.082   8.441   1.00 12.61 ? 73  MET A C   1 
ATOM   671  O O   . MET A 1 79  ? 3.674   1.263   7.516   1.00 12.54 ? 73  MET A O   1 
ATOM   672  C CB  . MET A 1 79  ? 4.956   4.073   7.642   1.00 12.64 ? 73  MET A CB  1 
ATOM   673  C CG  . MET A 1 79  ? 3.794   5.076   7.772   1.00 14.27 ? 73  MET A CG  1 
ATOM   674  S SD  . MET A 1 79  ? 3.744   6.231   6.470   1.00 18.02 ? 73  MET A SD  1 
ATOM   675  C CE  . MET A 1 79  ? 2.214   7.128   6.975   1.00 15.70 ? 73  MET A CE  1 
ATOM   676  N N   . ASN A 1 80  ? 2.654   2.269   9.270   1.00 12.48 ? 74  ASN A N   1 
ATOM   677  C CA  . ASN A 1 80  ? 1.356   1.644   9.030   1.00 12.27 ? 74  ASN A CA  1 
ATOM   678  C C   . ASN A 1 80  ? 0.401   2.721   8.577   1.00 11.47 ? 74  ASN A C   1 
ATOM   679  O O   . ASN A 1 80  ? -0.166  3.427   9.404   1.00 12.27 ? 74  ASN A O   1 
ATOM   680  C CB  . ASN A 1 80  ? 0.859   0.952   10.292  1.00 12.24 ? 74  ASN A CB  1 
ATOM   681  C CG  . ASN A 1 80  ? 1.748   -0.212  10.691  1.00 14.78 ? 74  ASN A CG  1 
ATOM   682  O OD1 . ASN A 1 80  ? 2.290   -0.892  9.840   1.00 17.21 ? 74  ASN A OD1 1 
ATOM   683  N ND2 . ASN A 1 80  ? 1.932   -0.413  11.991  1.00 17.89 ? 74  ASN A ND2 1 
ATOM   684  N N   . GLN A 1 81  ? 0.316   2.893   7.259   1.00 11.22 ? 75  GLN A N   1 
ATOM   685  C CA  . GLN A 1 81  ? -0.509  3.923   6.645   1.00 11.06 ? 75  GLN A CA  1 
ATOM   686  C C   . GLN A 1 81  ? -1.934  3.406   6.436   1.00 11.85 ? 75  GLN A C   1 
ATOM   687  O O   . GLN A 1 81  ? -2.150  2.449   5.699   1.00 10.58 ? 75  GLN A O   1 
ATOM   688  C CB  . GLN A 1 81  ? 0.073   4.414   5.335   1.00 11.94 ? 75  GLN A CB  1 
ATOM   689  C CG  . GLN A 1 81  ? -0.694  5.628   4.801   1.00 11.58 ? 75  GLN A CG  1 
ATOM   690  C CD  . GLN A 1 81  ? 0.035   6.393   3.710   1.00 13.47 ? 75  GLN A CD  1 
ATOM   691  O OE1 . GLN A 1 81  ? -0.170  7.588   3.552   1.00 16.09 ? 75  GLN A OE1 1 
ATOM   692  N NE2 . GLN A 1 81  ? 0.846   5.709   2.953   1.00 11.01 ? 75  GLN A NE2 1 
ATOM   693  N N   . ARG A 1 82  ? -2.882  4.053   7.110   1.00 11.38 ? 76  ARG A N   1 
ATOM   694  C CA  . ARG A 1 82  ? -4.265  3.592   7.128   1.00 11.20 ? 76  ARG A CA  1 
ATOM   695  C C   . ARG A 1 82  ? -5.147  4.530   6.323   1.00 10.82 ? 76  ARG A C   1 
ATOM   696  O O   . ARG A 1 82  ? -5.383  5.669   6.715   1.00 11.64 ? 76  ARG A O   1 
ATOM   697  C CB  . ARG A 1 82  ? -4.760  3.487   8.561   1.00 11.29 ? 76  ARG A CB  1 
ATOM   698  C CG  . ARG A 1 82  ? -6.124  2.906   8.695   1.00 11.45 ? 76  ARG A CG  1 
ATOM   699  C CD  . ARG A 1 82  ? -6.609  2.796   10.137  1.00 12.35 ? 76  ARG A CD  1 
ATOM   700  N NE  . ARG A 1 82  ? -8.018  2.406   10.218  1.00 13.04 ? 76  ARG A NE  1 
ATOM   701  C CZ  . ARG A 1 82  ? -8.884  2.895   11.112  1.00 12.93 ? 76  ARG A CZ  1 
ATOM   702  N NH1 . ARG A 1 82  ? -8.509  3.831   11.960  1.00 12.67 ? 76  ARG A NH1 1 
ATOM   703  N NH2 . ARG A 1 82  ? -10.138 2.481   11.114  1.00 15.12 ? 76  ARG A NH2 1 
ATOM   704  N N   . PHE A 1 83  ? -5.586  4.057   5.164   1.00 9.88  ? 77  PHE A N   1 
ATOM   705  C CA  . PHE A 1 83  ? -6.460  4.824   4.277   1.00 10.12 ? 77  PHE A CA  1 
ATOM   706  C C   . PHE A 1 83  ? -7.918  4.518   4.612   1.00 10.83 ? 77  PHE A C   1 
ATOM   707  O O   . PHE A 1 83  ? -8.354  3.374   4.486   1.00 11.95 ? 77  PHE A O   1 
ATOM   708  C CB  . PHE A 1 83  ? -6.184  4.452   2.824   1.00 9.97  ? 77  PHE A CB  1 
ATOM   709  C CG  . PHE A 1 83  ? -4.770  4.713   2.373   1.00 8.69  ? 77  PHE A CG  1 
ATOM   710  C CD1 . PHE A 1 83  ? -4.407  5.958   1.887   1.00 8.46  ? 77  PHE A CD1 1 
ATOM   711  C CD2 . PHE A 1 83  ? -3.788  3.711   2.428   1.00 10.10 ? 77  PHE A CD2 1 
ATOM   712  C CE1 . PHE A 1 83  ? -3.114  6.178   1.437   1.00 8.93  ? 77  PHE A CE1 1 
ATOM   713  C CE2 . PHE A 1 83  ? -2.484  3.964   1.999   1.00 8.74  ? 77  PHE A CE2 1 
ATOM   714  C CZ  . PHE A 1 83  ? -2.158  5.193   1.495   1.00 8.99  ? 77  PHE A CZ  1 
ATOM   715  N N   . VAL A 1 84  ? -8.652  5.524   5.097   1.00 11.11 ? 78  VAL A N   1 
ATOM   716  C CA  . VAL A 1 84  ? -10.067 5.386   5.439   1.00 11.81 ? 78  VAL A CA  1 
ATOM   717  C C   . VAL A 1 84  ? -10.848 6.435   4.682   1.00 12.02 ? 78  VAL A C   1 
ATOM   718  O O   . VAL A 1 84  ? -10.697 7.610   4.926   1.00 11.78 ? 78  VAL A O   1 
ATOM   719  C CB  . VAL A 1 84  ? -10.330 5.564   6.956   1.00 11.97 ? 78  VAL A CB  1 
ATOM   720  C CG1 . VAL A 1 84  ? -11.839 5.423   7.256   1.00 13.26 ? 78  VAL A CG1 1 
ATOM   721  C CG2 . VAL A 1 84  ? -9.460  4.607   7.785   1.00 13.05 ? 78  VAL A CG2 1 
ATOM   722  N N   . THR A 1 85  ? -11.696 5.991   3.763   1.00 12.02 ? 79  THR A N   1 
ATOM   723  C CA  . THR A 1 85  ? -12.484 6.887   2.934   1.00 12.79 ? 79  THR A CA  1 
ATOM   724  C C   . THR A 1 85  ? -13.247 7.909   3.744   1.00 12.36 ? 79  THR A C   1 
ATOM   725  O O   . THR A 1 85  ? -13.936 7.534   4.685   1.00 12.03 ? 79  THR A O   1 
ATOM   726  C CB  . THR A 1 85  ? -13.474 6.075   2.113   1.00 13.31 ? 79  THR A CB  1 
ATOM   727  O OG1 . THR A 1 85  ? -12.732 5.220   1.230   1.00 16.14 ? 79  THR A OG1 1 
ATOM   728  C CG2 . THR A 1 85  ? -14.286 6.990   1.170   1.00 13.99 ? 79  THR A CG2 1 
ATOM   729  N N   . GLY A 1 86  ? -13.120 9.191   3.377   1.00 11.59 ? 80  GLY A N   1 
ATOM   730  C CA  . GLY A 1 86  ? -13.815 10.255  4.080   1.00 11.68 ? 80  GLY A CA  1 
ATOM   731  C C   . GLY A 1 86  ? -13.289 10.603  5.462   1.00 11.69 ? 80  GLY A C   1 
ATOM   732  O O   . GLY A 1 86  ? -13.964 11.320  6.206   1.00 12.99 ? 80  GLY A O   1 
ATOM   733  N N   . ALA A 1 87  ? -12.090 10.137  5.810   1.00 12.17 ? 81  ALA A N   1 
ATOM   734  C CA  . ALA A 1 87  ? -11.505 10.395  7.123   1.00 11.90 ? 81  ALA A CA  1 
ATOM   735  C C   . ALA A 1 87  ? -10.009 10.621  7.021   1.00 11.87 ? 81  ALA A C   1 
ATOM   736  O O   . ALA A 1 87  ? -9.383  10.324  5.998   1.00 12.01 ? 81  ALA A O   1 
ATOM   737  C CB  . ALA A 1 87  ? -11.803 9.267   8.072   1.00 12.36 ? 81  ALA A CB  1 
ATOM   738  N N   . SER A 1 88  ? -9.438  11.169  8.084   1.00 11.50 ? 82  SER A N   1 
ATOM   739  C CA  . SER A 1 88  ? -8.006  11.382  8.168   1.00 11.82 ? 82  SER A CA  1 
ATOM   740  C C   . SER A 1 88  ? -7.424  10.522  9.278   1.00 11.70 ? 82  SER A C   1 
ATOM   741  O O   . SER A 1 88  ? -8.069  10.284  10.302  1.00 11.40 ? 82  SER A O   1 
ATOM   742  C CB  A SER A 1 88  ? -7.685  12.870  8.350   0.54 12.17 ? 82  SER A CB  1 
ATOM   743  C CB  B SER A 1 88  ? -7.699  12.852  8.452   0.46 11.86 ? 82  SER A CB  1 
ATOM   744  O OG  A SER A 1 88  ? -8.059  13.322  9.628   0.54 15.02 ? 82  SER A OG  1 
ATOM   745  O OG  B SER A 1 88  ? -8.111  13.671  7.385   0.46 11.78 ? 82  SER A OG  1 
ATOM   746  N N   . THR A 1 89  ? -6.233  9.999   9.046   1.00 11.59 ? 83  THR A N   1 
ATOM   747  C CA  . THR A 1 89  ? -5.527  9.221   10.043  1.00 11.15 ? 83  THR A CA  1 
ATOM   748  C C   . THR A 1 89  ? -4.106  9.736   10.202  1.00 11.45 ? 83  THR A C   1 
ATOM   749  O O   . THR A 1 89  ? -3.567  10.379  9.309   1.00 11.87 ? 83  THR A O   1 
ATOM   750  C CB  . THR A 1 89  ? -5.486  7.732   9.648   1.00 11.35 ? 83  THR A CB  1 
ATOM   751  O OG1 . THR A 1 89  ? -4.884  7.616   8.345   1.00 10.88 ? 83  THR A OG1 1 
ATOM   752  C CG2 . THR A 1 89  ? -6.903  7.165   9.543   1.00 11.94 ? 83  THR A CG2 1 
ATOM   753  N N   . ILE A 1 90  ? -3.524  9.475   11.361  1.00 12.19 ? 84  ILE A N   1 
ATOM   754  C CA  . ILE A 1 90  ? -2.134  9.832   11.643  1.00 13.09 ? 84  ILE A CA  1 
ATOM   755  C C   . ILE A 1 90  ? -1.339  8.562   11.948  1.00 12.69 ? 84  ILE A C   1 
ATOM   756  O O   . ILE A 1 90  ? -1.797  7.671   12.677  1.00 12.62 ? 84  ILE A O   1 
ATOM   757  C CB  . ILE A 1 90  ? -2.042  10.820  12.819  1.00 14.27 ? 84  ILE A CB  1 
ATOM   758  C CG1 . ILE A 1 90  ? -2.683  12.151  12.446  1.00 17.35 ? 84  ILE A CG1 1 
ATOM   759  C CG2 . ILE A 1 90  ? -0.575  11.024  13.199  1.00 16.34 ? 84  ILE A CG2 1 
ATOM   760  C CD1 . ILE A 1 90  ? -2.964  13.063  13.666  1.00 22.44 ? 84  ILE A CD1 1 
ATOM   761  N N   . ALA A 1 91  ? -0.120  8.478   11.425  1.00 13.55 ? 85  ALA A N   1 
ATOM   762  C CA  . ALA A 1 91  ? 0.772   7.354   11.734  1.00 13.87 ? 85  ALA A CA  1 
ATOM   763  C C   . ALA A 1 91  ? 2.211   7.834   11.754  1.00 15.03 ? 85  ALA A C   1 
ATOM   764  O O   . ALA A 1 91  ? 2.538   8.765   11.047  1.00 14.81 ? 85  ALA A O   1 
ATOM   765  C CB  . ALA A 1 91  ? 0.612   6.272   10.661  1.00 14.58 ? 85  ALA A CB  1 
ATOM   766  N N   . LYS A 1 92  ? 3.057   7.182   12.535  1.00 15.72 ? 86  LYS A N   1 
ATOM   767  C CA  . LYS A 1 92  ? 4.481   7.513   12.562  1.00 17.46 ? 86  LYS A CA  1 
ATOM   768  C C   . LYS A 1 92  ? 5.181   6.902   11.346  1.00 16.79 ? 86  LYS A C   1 
ATOM   769  O O   . LYS A 1 92  ? 4.975   5.728   11.012  1.00 15.74 ? 86  LYS A O   1 
ATOM   770  C CB  A LYS A 1 92  ? 5.130   7.006   13.847  0.54 18.29 ? 86  LYS A CB  1 
ATOM   771  C CB  B LYS A 1 92  ? 5.121   6.969   13.838  0.46 18.25 ? 86  LYS A CB  1 
ATOM   772  C CG  A LYS A 1 92  ? 4.785   7.817   15.103  0.54 20.98 ? 86  LYS A CG  1 
ATOM   773  C CG  B LYS A 1 92  ? 4.632   7.623   15.132  0.46 21.16 ? 86  LYS A CG  1 
ATOM   774  C CD  A LYS A 1 92  ? 5.055   6.989   16.357  0.54 22.82 ? 86  LYS A CD  1 
ATOM   775  C CD  B LYS A 1 92  ? 5.183   9.033   15.274  0.46 23.46 ? 86  LYS A CD  1 
ATOM   776  C CE  A LYS A 1 92  ? 4.749   7.744   17.650  0.54 24.85 ? 86  LYS A CE  1 
ATOM   777  C CE  B LYS A 1 92  ? 4.854   9.690   16.629  0.46 25.29 ? 86  LYS A CE  1 
ATOM   778  N NZ  A LYS A 1 92  ? 3.983   6.894   18.602  0.54 25.50 ? 86  LYS A NZ  1 
ATOM   779  N NZ  B LYS A 1 92  ? 4.318   8.777   17.670  0.46 26.35 ? 86  LYS A NZ  1 
ATOM   780  N N   . TYR A 1 93  ? 5.993   7.724   10.687  1.00 16.20 ? 87  TYR A N   1 
ATOM   781  C CA  . TYR A 1 93  ? 6.928   7.311   9.652   1.00 16.12 ? 87  TYR A CA  1 
ATOM   782  C C   . TYR A 1 93  ? 8.275   7.236   10.367  1.00 16.04 ? 87  TYR A C   1 
ATOM   783  O O   . TYR A 1 93  ? 8.849   8.255   10.772  1.00 14.55 ? 87  TYR A O   1 
ATOM   784  C CB  . TYR A 1 93  ? 6.915   8.352   8.528   1.00 16.01 ? 87  TYR A CB  1 
ATOM   785  C CG  . TYR A 1 93  ? 7.821   8.090   7.351   1.00 17.33 ? 87  TYR A CG  1 
ATOM   786  C CD1 . TYR A 1 93  ? 7.330   7.509   6.182   1.00 18.32 ? 87  TYR A CD1 1 
ATOM   787  C CD2 . TYR A 1 93  ? 9.157   8.457   7.392   1.00 18.29 ? 87  TYR A CD2 1 
ATOM   788  C CE1 . TYR A 1 93  ? 8.161   7.275   5.104   1.00 20.66 ? 87  TYR A CE1 1 
ATOM   789  C CE2 . TYR A 1 93  ? 9.994   8.239   6.303   1.00 19.98 ? 87  TYR A CE2 1 
ATOM   790  C CZ  . TYR A 1 93  ? 9.485   7.652   5.167   1.00 20.95 ? 87  TYR A CZ  1 
ATOM   791  O OH  . TYR A 1 93  ? 10.326  7.427   4.096   1.00 25.49 ? 87  TYR A OH  1 
ATOM   792  N N   . LYS A 1 94  ? 8.757   6.013   10.550  1.00 16.13 ? 88  LYS A N   1 
ATOM   793  C CA  . LYS A 1 94  ? 9.907   5.751   11.389  1.00 16.94 ? 88  LYS A CA  1 
ATOM   794  C C   . LYS A 1 94  ? 11.061  5.201   10.587  1.00 17.22 ? 88  LYS A C   1 
ATOM   795  O O   . LYS A 1 94  ? 10.925  4.238   9.818   1.00 16.70 ? 88  LYS A O   1 
ATOM   796  C CB  A LYS A 1 94  ? 9.557   4.741   12.474  0.58 17.10 ? 88  LYS A CB  1 
ATOM   797  C CB  B LYS A 1 94  ? 9.537   4.785   12.519  0.42 16.98 ? 88  LYS A CB  1 
ATOM   798  C CG  A LYS A 1 94  ? 8.384   5.101   13.339  0.58 18.47 ? 88  LYS A CG  1 
ATOM   799  C CG  B LYS A 1 94  ? 10.705  4.430   13.447  0.42 17.77 ? 88  LYS A CG  1 
ATOM   800  C CD  A LYS A 1 94  ? 8.248   4.097   14.462  0.58 20.60 ? 88  LYS A CD  1 
ATOM   801  C CD  B LYS A 1 94  ? 10.220  3.858   14.770  0.42 19.31 ? 88  LYS A CD  1 
ATOM   802  C CE  A LYS A 1 94  ? 7.087   4.412   15.377  0.58 22.28 ? 88  LYS A CE  1 
ATOM   803  C CE  B LYS A 1 94  ? 11.385  3.327   15.600  0.42 20.38 ? 88  LYS A CE  1 
ATOM   804  N NZ  A LYS A 1 94  ? 6.364   3.181   15.792  0.58 24.77 ? 88  LYS A NZ  1 
ATOM   805  N NZ  B LYS A 1 94  ? 10.953  2.345   16.633  0.42 20.23 ? 88  LYS A NZ  1 
ATOM   806  N N   . MET A 1 95  ? 12.220  5.814   10.786  1.00 17.77 ? 89  MET A N   1 
ATOM   807  C CA  . MET A 1 95  ? 13.469  5.321   10.222  1.00 18.70 ? 89  MET A CA  1 
ATOM   808  C C   . MET A 1 95  ? 14.418  4.973   11.365  1.00 18.50 ? 89  MET A C   1 
ATOM   809  O O   . MET A 1 95  ? 14.084  5.158   12.530  1.00 17.87 ? 89  MET A O   1 
ATOM   810  C CB  A MET A 1 95  ? 14.072  6.350   9.275   0.58 18.45 ? 89  MET A CB  1 
ATOM   811  C CB  B MET A 1 95  ? 14.060  6.389   9.316   0.42 18.86 ? 89  MET A CB  1 
ATOM   812  C CG  A MET A 1 95  ? 13.347  6.395   7.936   0.58 20.05 ? 89  MET A CG  1 
ATOM   813  C CG  B MET A 1 95  ? 13.029  6.950   8.335   0.42 21.07 ? 89  MET A CG  1 
ATOM   814  S SD  A MET A 1 95  ? 13.810  7.847   7.008   0.58 20.69 ? 89  MET A SD  1 
ATOM   815  S SD  B MET A 1 95  ? 13.352  6.364   6.706   0.42 25.15 ? 89  MET A SD  1 
ATOM   816  C CE  A MET A 1 95  ? 13.728  7.214   5.435   0.58 23.29 ? 89  MET A CE  1 
ATOM   817  C CE  B MET A 1 95  ? 14.634  7.446   6.322   0.42 24.03 ? 89  MET A CE  1 
ATOM   818  N N   . SER A 1 96  ? 15.593  4.443   11.042  1.00 19.11 ? 90  SER A N   1 
ATOM   819  C CA  . SER A 1 96  ? 16.520  3.998   12.078  1.00 19.68 ? 90  SER A CA  1 
ATOM   820  C C   . SER A 1 96  ? 16.970  5.159   12.957  1.00 20.24 ? 90  SER A C   1 
ATOM   821  O O   . SER A 1 96  ? 17.280  4.967   14.136  1.00 20.75 ? 90  SER A O   1 
ATOM   822  C CB  . SER A 1 96  ? 17.745  3.304   11.475  1.00 19.88 ? 90  SER A CB  1 
ATOM   823  O OG  . SER A 1 96  ? 18.481  4.136   10.613  1.00 19.57 ? 90  SER A OG  1 
ATOM   824  N N   . PHE A 1 97  ? 16.953  6.370   12.409  1.00 19.85 ? 91  PHE A N   1 
ATOM   825  C CA  . PHE A 1 97  ? 17.487  7.519   13.135  1.00 20.32 ? 91  PHE A CA  1 
ATOM   826  C C   . PHE A 1 97  ? 16.430  8.521   13.618  1.00 19.96 ? 91  PHE A C   1 
ATOM   827  O O   . PHE A 1 97  ? 16.778  9.583   14.120  1.00 21.41 ? 91  PHE A O   1 
ATOM   828  C CB  . PHE A 1 97  ? 18.537  8.211   12.282  1.00 20.59 ? 91  PHE A CB  1 
ATOM   829  C CG  . PHE A 1 97  ? 18.076  8.523   10.897  1.00 21.24 ? 91  PHE A CG  1 
ATOM   830  C CD1 . PHE A 1 97  ? 17.254  9.610   10.658  1.00 22.02 ? 91  PHE A CD1 1 
ATOM   831  C CD2 . PHE A 1 97  ? 18.437  7.716   9.835   1.00 22.10 ? 91  PHE A CD2 1 
ATOM   832  C CE1 . PHE A 1 97  ? 16.815  9.896   9.383   1.00 23.72 ? 91  PHE A CE1 1 
ATOM   833  C CE2 . PHE A 1 97  ? 18.005  8.015   8.549   1.00 22.81 ? 91  PHE A CE2 1 
ATOM   834  C CZ  . PHE A 1 97  ? 17.194  9.098   8.331   1.00 21.67 ? 91  PHE A CZ  1 
ATOM   835  N N   . GLY A 1 98  ? 15.150  8.199   13.473  1.00 18.95 ? 92  GLY A N   1 
ATOM   836  C CA  . GLY A 1 98  ? 14.104  9.045   14.015  1.00 18.53 ? 92  GLY A CA  1 
ATOM   837  C C   . GLY A 1 98  ? 12.758  8.873   13.331  1.00 17.99 ? 92  GLY A C   1 
ATOM   838  O O   . GLY A 1 98  ? 12.590  7.976   12.523  1.00 17.38 ? 92  GLY A O   1 
ATOM   839  N N   . GLU A 1 99  ? 11.815  9.748   13.650  1.00 17.75 ? 93  GLU A N   1 
ATOM   840  C CA  . GLU A 1 99  ? 10.446  9.601   13.159  1.00 18.78 ? 93  GLU A CA  1 
ATOM   841  C C   . GLU A 1 99  ? 9.722   10.930  13.022  1.00 19.31 ? 93  GLU A C   1 
ATOM   842  O O   . GLU A 1 99  ? 10.128  11.936  13.612  1.00 18.98 ? 93  GLU A O   1 
ATOM   843  C CB  . GLU A 1 99  ? 9.653   8.655   14.077  1.00 19.31 ? 93  GLU A CB  1 
ATOM   844  C CG  . GLU A 1 99  ? 9.388   9.222   15.467  1.00 22.48 ? 93  GLU A CG  1 
ATOM   845  C CD  . GLU A 1 99  ? 8.703   8.225   16.391  1.00 25.78 ? 93  GLU A CD  1 
ATOM   846  O OE1 . GLU A 1 99  ? 9.088   7.046   16.415  1.00 30.34 ? 93  GLU A OE1 1 
ATOM   847  O OE2 . GLU A 1 99  ? 7.790   8.643   17.109  1.00 30.53 ? 93  GLU A OE2 1 
ATOM   848  N N   . LEU A 1 100 ? 8.645   10.919  12.241  1.00 19.41 ? 94  LEU A N   1 
ATOM   849  C CA  . LEU A 1 100 ? 7.782   12.076  12.011  1.00 20.87 ? 94  LEU A CA  1 
ATOM   850  C C   . LEU A 1 100 ? 6.348   11.567  11.773  1.00 21.37 ? 94  LEU A C   1 
ATOM   851  O O   . LEU A 1 100 ? 6.151   10.629  10.985  1.00 22.09 ? 94  LEU A O   1 
ATOM   852  C CB  A LEU A 1 100 ? 8.255   12.821  10.760  0.51 21.14 ? 94  LEU A CB  1 
ATOM   853  C CB  B LEU A 1 100 ? 8.265   12.876  10.797  0.49 20.82 ? 94  LEU A CB  1 
ATOM   854  C CG  A LEU A 1 100 ? 8.265   14.346  10.735  0.51 23.42 ? 94  LEU A CG  1 
ATOM   855  C CG  B LEU A 1 100 ? 7.517   14.162  10.429  0.49 21.94 ? 94  LEU A CG  1 
ATOM   856  C CD1 A LEU A 1 100 ? 9.145   14.822  9.607   0.51 24.55 ? 94  LEU A CD1 1 
ATOM   857  C CD1 B LEU A 1 100 ? 7.733   15.249  11.493  0.49 22.80 ? 94  LEU A CD1 1 
ATOM   858  C CD2 A LEU A 1 100 ? 6.861   14.915  10.586  0.51 24.25 ? 94  LEU A CD2 1 
ATOM   859  C CD2 B LEU A 1 100 ? 7.943   14.666  9.059   0.49 22.08 ? 94  LEU A CD2 1 
ATOM   860  N N   . GLU A 1 101 ? 5.354   12.191  12.403  1.00 21.03 ? 95  GLU A N   1 
ATOM   861  C CA  . GLU A 1 101 ? 3.946   11.882  12.114  1.00 21.24 ? 95  GLU A CA  1 
ATOM   862  C C   . GLU A 1 101 ? 3.502   12.398  10.748  1.00 20.53 ? 95  GLU A C   1 
ATOM   863  O O   . GLU A 1 101 ? 3.782   13.541  10.385  1.00 20.97 ? 95  GLU A O   1 
ATOM   864  C CB  . GLU A 1 101 ? 3.029   12.459  13.199  1.00 21.64 ? 95  GLU A CB  1 
ATOM   865  C CG  . GLU A 1 101 ? 3.168   11.763  14.540  1.00 25.81 ? 95  GLU A CG  1 
ATOM   866  C CD  . GLU A 1 101 ? 2.031   12.044  15.510  1.00 29.58 ? 95  GLU A CD  1 
ATOM   867  O OE1 . GLU A 1 101 ? 1.285   13.018  15.306  1.00 34.75 ? 95  GLU A OE1 1 
ATOM   868  O OE2 . GLU A 1 101 ? 1.879   11.273  16.475  1.00 34.66 ? 95  GLU A OE2 1 
ATOM   869  N N   . LEU A 1 102 ? 2.829   11.540  9.976   1.00 19.10 ? 96  LEU A N   1 
ATOM   870  C CA  . LEU A 1 102 ? 2.225   11.898  8.701   1.00 18.43 ? 96  LEU A CA  1 
ATOM   871  C C   . LEU A 1 102 ? 0.715   11.721  8.779   1.00 17.32 ? 96  LEU A C   1 
ATOM   872  O O   . LEU A 1 102 ? 0.229   10.732  9.335   1.00 16.17 ? 96  LEU A O   1 
ATOM   873  C CB  . LEU A 1 102 ? 2.748   10.995  7.595   1.00 19.09 ? 96  LEU A CB  1 
ATOM   874  C CG  . LEU A 1 102 ? 4.214   11.126  7.244   1.00 21.30 ? 96  LEU A CG  1 
ATOM   875  C CD1 . LEU A 1 102 ? 4.525   10.207  6.052   1.00 22.48 ? 96  LEU A CD1 1 
ATOM   876  C CD2 . LEU A 1 102 ? 4.547   12.585  6.938   1.00 25.15 ? 96  LEU A CD2 1 
ATOM   877  N N   . LYS A 1 103 ? -0.009  12.674  8.220   1.00 16.99 ? 97  LYS A N   1 
ATOM   878  C CA  . LYS A 1 103 ? -1.467  12.632  8.170   1.00 17.34 ? 97  LYS A CA  1 
ATOM   879  C C   . LYS A 1 103 ? -1.945  12.277  6.777   1.00 16.39 ? 97  LYS A C   1 
ATOM   880  O O   . LYS A 1 103 ? -1.516  12.853  5.777   1.00 16.29 ? 97  LYS A O   1 
ATOM   881  C CB  A LYS A 1 103 ? -2.080  13.956  8.616   0.55 17.69 ? 97  LYS A CB  1 
ATOM   882  C CB  B LYS A 1 103 ? -2.058  13.982  8.597   0.45 17.47 ? 97  LYS A CB  1 
ATOM   883  C CG  A LYS A 1 103 ? -3.589  13.860  8.875   0.55 19.81 ? 97  LYS A CG  1 
ATOM   884  C CG  B LYS A 1 103 ? -3.599  14.028  8.640   0.45 18.92 ? 97  LYS A CG  1 
ATOM   885  C CD  A LYS A 1 103 ? -4.081  15.036  9.722   0.55 22.41 ? 97  LYS A CD  1 
ATOM   886  C CD  B LYS A 1 103 ? -4.117  15.470  8.766   0.45 20.03 ? 97  LYS A CD  1 
ATOM   887  C CE  A LYS A 1 103 ? -5.211  15.790  9.047   0.55 23.50 ? 97  LYS A CE  1 
ATOM   888  C CE  B LYS A 1 103 ? -3.663  16.147  10.055  0.45 21.20 ? 97  LYS A CE  1 
ATOM   889  N NZ  A LYS A 1 103 ? -5.311  17.183  9.551   0.55 24.64 ? 97  LYS A NZ  1 
ATOM   890  N NZ  B LYS A 1 103 ? -4.673  17.125  10.598  0.45 21.20 ? 97  LYS A NZ  1 
ATOM   891  N N   . THR A 1 104 ? -2.869  11.325  6.723   1.00 15.03 ? 98  THR A N   1 
ATOM   892  C CA  . THR A 1 104 ? -3.412  10.814  5.481   1.00 14.06 ? 98  THR A CA  1 
ATOM   893  C C   . THR A 1 104 ? -4.898  11.069  5.457   1.00 14.04 ? 98  THR A C   1 
ATOM   894  O O   . THR A 1 104 ? -5.603  10.562  6.306   1.00 13.74 ? 98  THR A O   1 
ATOM   895  C CB  . THR A 1 104 ? -3.155  9.292   5.427   1.00 14.09 ? 98  THR A CB  1 
ATOM   896  O OG1 . THR A 1 104 ? -1.738  9.042   5.468   1.00 13.02 ? 98  THR A OG1 1 
ATOM   897  C CG2 . THR A 1 104 ? -3.664  8.666   4.110   1.00 13.82 ? 98  THR A CG2 1 
ATOM   898  N N   . SER A 1 105 ? -5.359  11.863  4.494   1.00 13.42 ? 99  SER A N   1 
ATOM   899  C CA  . SER A 1 105 ? -6.775  12.176  4.335   1.00 14.19 ? 99  SER A CA  1 
ATOM   900  C C   . SER A 1 105 ? -7.261  11.529  3.056   1.00 14.02 ? 99  SER A C   1 
ATOM   901  O O   . SER A 1 105 ? -6.878  11.937  1.959   1.00 13.41 ? 99  SER A O   1 
ATOM   902  C CB  . SER A 1 105 ? -6.992  13.693  4.278   1.00 14.23 ? 99  SER A CB  1 
ATOM   903  O OG  . SER A 1 105 ? -6.452  14.303  5.435   1.00 16.71 ? 99  SER A OG  1 
ATOM   904  N N   . THR A 1 106 ? -8.093  10.505  3.178   1.00 13.00 ? 100 THR A N   1 
ATOM   905  C CA  . THR A 1 106 ? -8.491  9.719   2.023   1.00 12.75 ? 100 THR A CA  1 
ATOM   906  C C   . THR A 1 106 ? -9.835  10.198  1.451   1.00 13.19 ? 100 THR A C   1 
ATOM   907  O O   . THR A 1 106 ? -10.811 10.403  2.184   1.00 13.05 ? 100 THR A O   1 
ATOM   908  C CB  . THR A 1 106 ? -8.555  8.238   2.415   1.00 12.48 ? 100 THR A CB  1 
ATOM   909  O OG1 . THR A 1 106 ? -7.271  7.817   2.893   1.00 11.53 ? 100 THR A OG1 1 
ATOM   910  C CG2 . THR A 1 106 ? -8.876  7.339   1.224   1.00 13.26 ? 100 THR A CG2 1 
ATOM   911  N N   . LYS A 1 107 ? -9.853  10.403  0.146   1.00 13.72 ? 101 LYS A N   1 
ATOM   912  C CA  . LYS A 1 107 ? -11.041 10.872  -0.575  1.00 15.56 ? 101 LYS A CA  1 
ATOM   913  C C   . LYS A 1 107 ? -11.883 9.719   -1.121  1.00 15.49 ? 101 LYS A C   1 
ATOM   914  O O   . LYS A 1 107 ? -13.120 9.740   -1.042  1.00 16.04 ? 101 LYS A O   1 
ATOM   915  C CB  . LYS A 1 107 ? -10.601 11.788  -1.712  1.00 15.65 ? 101 LYS A CB  1 
ATOM   916  C CG  A LYS A 1 107 ? -9.697  12.961  -1.279  0.72 19.38 ? 101 LYS A CG  1 
ATOM   917  C CG  B LYS A 1 107 ? -9.754  12.974  -1.267  0.28 17.35 ? 101 LYS A CG  1 
ATOM   918  C CD  A LYS A 1 107 ? -10.158 13.666  0.001   0.72 22.90 ? 101 LYS A CD  1 
ATOM   919  C CD  B LYS A 1 107 ? -9.714  14.066  -2.330  0.28 19.00 ? 101 LYS A CD  1 
ATOM   920  C CE  A LYS A 1 107 ? -9.072  14.583  0.553   0.72 25.81 ? 101 LYS A CE  1 
ATOM   921  C CE  B LYS A 1 107 ? -8.755  15.179  -1.949  0.28 20.16 ? 101 LYS A CE  1 
ATOM   922  N NZ  A LYS A 1 107 ? -9.478  15.185  1.853   0.72 26.36 ? 101 LYS A NZ  1 
ATOM   923  N NZ  B LYS A 1 107 ? -8.896  16.383  -2.820  0.28 21.06 ? 101 LYS A NZ  1 
ATOM   924  N N   . SER A 1 108 ? -11.217 8.702   -1.665  1.00 15.14 ? 102 SER A N   1 
ATOM   925  C CA  . SER A 1 108 ? -11.914 7.568   -2.260  1.00 14.80 ? 102 SER A CA  1 
ATOM   926  C C   . SER A 1 108 ? -11.026 6.341   -2.356  1.00 14.71 ? 102 SER A C   1 
ATOM   927  O O   . SER A 1 108 ? -9.795  6.442   -2.469  1.00 13.60 ? 102 SER A O   1 
ATOM   928  C CB  . SER A 1 108 ? -12.426 7.912   -3.651  1.00 15.31 ? 102 SER A CB  1 
ATOM   929  O OG  . SER A 1 108 ? -11.356 8.191   -4.531  1.00 15.73 ? 102 SER A OG  1 
ATOM   930  N N   . ILE A 1 109 ? -11.658 5.186   -2.273  1.00 14.23 ? 103 ILE A N   1 
ATOM   931  C CA  . ILE A 1 109 ? -10.990 3.904   -2.492  1.00 14.19 ? 103 ILE A CA  1 
ATOM   932  C C   . ILE A 1 109 ? -11.889 3.061   -3.404  1.00 15.35 ? 103 ILE A C   1 
ATOM   933  O O   . ILE A 1 109 ? -13.091 2.963   -3.155  1.00 15.70 ? 103 ILE A O   1 
ATOM   934  C CB  . ILE A 1 109 ? -10.788 3.130   -1.161  1.00 14.21 ? 103 ILE A CB  1 
ATOM   935  C CG1 . ILE A 1 109 ? -9.910  3.913   -0.177  1.00 13.57 ? 103 ILE A CG1 1 
ATOM   936  C CG2 . ILE A 1 109 ? -10.195 1.735   -1.441  1.00 12.90 ? 103 ILE A CG2 1 
ATOM   937  C CD1 . ILE A 1 109 ? -9.875  3.331   1.263   1.00 13.52 ? 103 ILE A CD1 1 
ATOM   938  N N   . GLN A 1 110 ? -11.309 2.478   -4.440  1.00 16.51 ? 104 GLN A N   1 
ATOM   939  C CA  . GLN A 1 110 ? -11.985 1.468   -5.257  1.00 18.01 ? 104 GLN A CA  1 
ATOM   940  C C   . GLN A 1 110 ? -11.125 0.223   -5.277  1.00 18.26 ? 104 GLN A C   1 
ATOM   941  O O   . GLN A 1 110 ? -9.918  0.308   -5.445  1.00 17.49 ? 104 GLN A O   1 
ATOM   942  C CB  . GLN A 1 110 ? -12.178 1.952   -6.696  1.00 19.46 ? 104 GLN A CB  1 
ATOM   943  C CG  . GLN A 1 110 ? -12.825 3.303   -6.844  1.00 23.68 ? 104 GLN A CG  1 
ATOM   944  C CD  . GLN A 1 110 ? -12.873 3.777   -8.289  1.00 30.23 ? 104 GLN A CD  1 
ATOM   945  O OE1 . GLN A 1 110 ? -11.861 3.747   -9.002  1.00 35.44 ? 104 GLN A OE1 1 
ATOM   946  N NE2 . GLN A 1 110 ? -14.050 4.211   -8.726  1.00 34.84 ? 104 GLN A NE2 1 
ATOM   947  N N   . SER A 1 111 ? -11.726 -0.944  -5.096  1.00 18.15 ? 105 SER A N   1 
ATOM   948  C CA  . SER A 1 111 ? -10.978 -2.174  -5.280  1.00 19.35 ? 105 SER A CA  1 
ATOM   949  C C   . SER A 1 111 ? -11.802 -3.219  -6.001  1.00 19.92 ? 105 SER A C   1 
ATOM   950  O O   . SER A 1 111 ? -13.030 -3.268  -5.859  1.00 20.28 ? 105 SER A O   1 
ATOM   951  C CB  . SER A 1 111 ? -10.466 -2.737  -3.957  1.00 19.31 ? 105 SER A CB  1 
ATOM   952  O OG  . SER A 1 111 ? -11.494 -2.917  -3.000  1.00 22.02 ? 105 SER A OG  1 
ATOM   953  N N   . ASP A 1 112 ? -11.098 -4.035  -6.775  1.00 19.95 ? 106 ASP A N   1 
ATOM   954  C CA  . ASP A 1 112 ? -11.676 -5.202  -7.433  1.00 20.93 ? 106 ASP A CA  1 
ATOM   955  C C   . ASP A 1 112 ? -10.577 -6.246  -7.471  1.00 20.16 ? 106 ASP A C   1 
ATOM   956  O O   . ASP A 1 112 ? -9.566  -6.060  -8.139  1.00 20.18 ? 106 ASP A O   1 
ATOM   957  C CB  A ASP A 1 112 ? -12.151 -4.834  -8.837  0.53 21.18 ? 106 ASP A CB  1 
ATOM   958  C CB  B ASP A 1 112 ? -12.150 -4.836  -8.838  0.47 21.12 ? 106 ASP A CB  1 
ATOM   959  C CG  A ASP A 1 112 ? -12.949 -5.948  -9.498  0.53 23.49 ? 106 ASP A CG  1 
ATOM   960  C CG  B ASP A 1 112 ? -13.534 -4.203  -8.845  0.47 23.09 ? 106 ASP A CG  1 
ATOM   961  O OD1 A ASP A 1 112 ? -13.617 -6.718  -8.781  0.53 26.25 ? 106 ASP A OD1 1 
ATOM   962  O OD1 B ASP A 1 112 ? -14.434 -4.699  -8.130  0.47 26.87 ? 106 ASP A OD1 1 
ATOM   963  O OD2 A ASP A 1 112 ? -12.955 -6.133  -10.729 0.53 27.34 ? 106 ASP A OD2 1 
ATOM   964  O OD2 B ASP A 1 112 ? -13.821 -3.207  -9.536  0.47 25.63 ? 106 ASP A OD2 1 
ATOM   965  N N   . LEU A 1 113 ? -10.750 -7.320  -6.709  1.00 19.67 ? 107 LEU A N   1 
ATOM   966  C CA  . LEU A 1 113 ? -9.654  -8.221  -6.385  1.00 19.54 ? 107 LEU A CA  1 
ATOM   967  C C   . LEU A 1 113 ? -10.032 -9.687  -6.510  1.00 20.25 ? 107 LEU A C   1 
ATOM   968  O O   . LEU A 1 113 ? -11.045 -10.124 -5.964  1.00 20.24 ? 107 LEU A O   1 
ATOM   969  C CB  . LEU A 1 113 ? -9.171  -7.957  -4.956  1.00 19.33 ? 107 LEU A CB  1 
ATOM   970  C CG  . LEU A 1 113 ? -8.839  -6.491  -4.616  1.00 17.78 ? 107 LEU A CG  1 
ATOM   971  C CD1 . LEU A 1 113 ? -8.719  -6.272  -3.095  1.00 18.25 ? 107 LEU A CD1 1 
ATOM   972  C CD2 . LEU A 1 113 ? -7.551  -6.115  -5.310  1.00 18.51 ? 107 LEU A CD2 1 
ATOM   973  N N   . ASP A 1 114 ? -9.194  -10.443 -7.206  1.00 20.27 ? 108 ASP A N   1 
ATOM   974  C CA  . ASP A 1 114 ? -9.209  -11.892 -7.092  1.00 21.35 ? 108 ASP A CA  1 
ATOM   975  C C   . ASP A 1 114 ? -7.815  -12.463 -7.372  1.00 21.41 ? 108 ASP A C   1 
ATOM   976  O O   . ASP A 1 114 ? -6.861  -11.724 -7.560  1.00 20.19 ? 108 ASP A O   1 
ATOM   977  C CB  . ASP A 1 114 ? -10.272 -12.498 -8.007  1.00 21.53 ? 108 ASP A CB  1 
ATOM   978  C CG  . ASP A 1 114 ? -10.050 -12.187 -9.450  1.00 23.70 ? 108 ASP A CG  1 
ATOM   979  O OD1 . ASP A 1 114 ? -8.970  -12.504 -9.977  1.00 21.71 ? 108 ASP A OD1 1 
ATOM   980  O OD2 . ASP A 1 114 ? -10.917 -11.631 -10.157 1.00 27.97 ? 108 ASP A OD2 1 
ATOM   981  N N   . GLU A 1 115 ? -7.714  -13.786 -7.411  1.00 21.94 ? 109 GLU A N   1 
ATOM   982  C CA  . GLU A 1 115 ? -6.416  -14.453 -7.436  1.00 22.66 ? 109 GLU A CA  1 
ATOM   983  C C   . GLU A 1 115 ? -5.744  -14.407 -8.815  1.00 22.10 ? 109 GLU A C   1 
ATOM   984  O O   . GLU A 1 115 ? -4.575  -14.761 -8.948  1.00 23.04 ? 109 GLU A O   1 
ATOM   985  C CB  A GLU A 1 115 ? -6.517  -15.891 -6.901  0.69 23.38 ? 109 GLU A CB  1 
ATOM   986  C CB  B GLU A 1 115 ? -6.525  -15.895 -6.914  0.31 22.78 ? 109 GLU A CB  1 
ATOM   987  C CG  A GLU A 1 115 ? -7.529  -16.774 -7.612  0.69 25.84 ? 109 GLU A CG  1 
ATOM   988  C CG  B GLU A 1 115 ? -7.348  -16.845 -7.775  0.31 23.68 ? 109 GLU A CG  1 
ATOM   989  C CD  A GLU A 1 115 ? -8.868  -16.828 -6.883  0.69 28.98 ? 109 GLU A CD  1 
ATOM   990  C CD  B GLU A 1 115 ? -8.826  -16.485 -7.826  0.31 24.41 ? 109 GLU A CD  1 
ATOM   991  O OE1 A GLU A 1 115 ? -9.113  -17.813 -6.134  0.69 31.79 ? 109 GLU A OE1 1 
ATOM   992  O OE1 B GLU A 1 115 ? -9.398  -16.077 -6.782  0.31 24.75 ? 109 GLU A OE1 1 
ATOM   993  O OE2 A GLU A 1 115 ? -9.675  -15.883 -7.056  0.69 26.58 ? 109 GLU A OE2 1 
ATOM   994  O OE2 B GLU A 1 115 ? -9.413  -16.599 -8.920  0.31 25.32 ? 109 GLU A OE2 1 
ATOM   995  N N   . GLU A 1 116 ? -6.470  -13.956 -9.829  1.00 21.68 ? 110 GLU A N   1 
ATOM   996  C CA  . GLU A 1 116 ? -5.912  -13.820 -11.179 1.00 21.52 ? 110 GLU A CA  1 
ATOM   997  C C   . GLU A 1 116 ? -5.507  -12.401 -11.546 1.00 21.26 ? 110 GLU A C   1 
ATOM   998  O O   . GLU A 1 116 ? -4.604  -12.193 -12.359 1.00 20.70 ? 110 GLU A O   1 
ATOM   999  C CB  A GLU A 1 116 ? -6.903  -14.364 -12.189 0.62 21.78 ? 110 GLU A CB  1 
ATOM   1000 C CB  B GLU A 1 116 ? -6.917  -14.333 -12.216 0.38 21.61 ? 110 GLU A CB  1 
ATOM   1001 C CG  A GLU A 1 116 ? -7.101  -15.855 -11.990 0.62 22.13 ? 110 GLU A CG  1 
ATOM   1002 C CG  B GLU A 1 116 ? -7.561  -15.654 -11.825 0.38 21.74 ? 110 GLU A CG  1 
ATOM   1003 C CD  A GLU A 1 116 ? -7.549  -16.536 -13.249 0.62 22.62 ? 110 GLU A CD  1 
ATOM   1004 C CD  B GLU A 1 116 ? -8.049  -16.457 -13.013 0.38 21.42 ? 110 GLU A CD  1 
ATOM   1005 O OE1 A GLU A 1 116 ? -6.871  -16.365 -14.281 0.62 25.05 ? 110 GLU A OE1 1 
ATOM   1006 O OE1 B GLU A 1 116 ? -8.518  -15.864 -14.006 0.38 21.65 ? 110 GLU A OE1 1 
ATOM   1007 O OE2 A GLU A 1 116 ? -8.572  -17.224 -13.187 0.62 23.04 ? 110 GLU A OE2 1 
ATOM   1008 O OE2 B GLU A 1 116 ? -7.966  -17.691 -12.939 0.38 21.63 ? 110 GLU A OE2 1 
ATOM   1009 N N   . LYS A 1 117 ? -6.203  -11.426 -10.978 1.00 20.99 ? 111 LYS A N   1 
ATOM   1010 C CA  . LYS A 1 117 ? -5.897  -10.032 -11.230 1.00 20.24 ? 111 LYS A CA  1 
ATOM   1011 C C   . LYS A 1 117 ? -6.648  -9.142  -10.261 1.00 18.89 ? 111 LYS A C   1 
ATOM   1012 O O   . LYS A 1 117 ? -7.677  -9.526  -9.705  1.00 17.27 ? 111 LYS A O   1 
ATOM   1013 C CB  . LYS A 1 117 ? -6.263  -9.619  -12.656 1.00 21.13 ? 111 LYS A CB  1 
ATOM   1014 C CG  . LYS A 1 117 ? -7.681  -9.904  -13.057 1.00 24.73 ? 111 LYS A CG  1 
ATOM   1015 C CD  . LYS A 1 117 ? -7.943  -9.512  -14.532 1.00 30.13 ? 111 LYS A CD  1 
ATOM   1016 C CE  . LYS A 1 117 ? -8.991  -8.402  -14.687 1.00 33.70 ? 111 LYS A CE  1 
ATOM   1017 N NZ  . LYS A 1 117 ? -8.556  -7.348  -15.667 1.00 36.67 ? 111 LYS A NZ  1 
ATOM   1018 N N   . GLY A 1 118 ? -6.158  -7.923  -10.110 1.00 17.16 ? 112 GLY A N   1 
ATOM   1019 C CA  . GLY A 1 118 ? -6.823  -6.977  -9.247  1.00 16.38 ? 112 GLY A CA  1 
ATOM   1020 C C   . GLY A 1 118 ? -6.305  -5.569  -9.413  1.00 15.60 ? 112 GLY A C   1 
ATOM   1021 O O   . GLY A 1 118 ? -5.253  -5.349  -10.007 1.00 15.04 ? 112 GLY A O   1 
ATOM   1022 N N   . ARG A 1 119 ? -7.068  -4.642  -8.858  1.00 15.23 ? 113 ARG A N   1 
ATOM   1023 C CA  . ARG A 1 119 ? -6.770  -3.218  -8.882  1.00 15.49 ? 113 ARG A CA  1 
ATOM   1024 C C   . ARG A 1 119 ? -7.293  -2.579  -7.609  1.00 15.12 ? 113 ARG A C   1 
ATOM   1025 O O   . ARG A 1 119 ? -8.420  -2.840  -7.182  1.00 14.95 ? 113 ARG A O   1 
ATOM   1026 C CB  . ARG A 1 119 ? -7.442  -2.583  -10.089 1.00 15.79 ? 113 ARG A CB  1 
ATOM   1027 C CG  . ARG A 1 119 ? -7.249  -1.104  -10.258 1.00 19.54 ? 113 ARG A CG  1 
ATOM   1028 C CD  . ARG A 1 119 ? -8.093  -0.572  -11.410 1.00 23.10 ? 113 ARG A CD  1 
ATOM   1029 N NE  . ARG A 1 119 ? -8.113  0.886   -11.496 1.00 26.72 ? 113 ARG A NE  1 
ATOM   1030 C CZ  . ARG A 1 119 ? -8.981  1.692   -10.878 0.54 26.03 ? 113 ARG A CZ  1 
ATOM   1031 N NH1 . ARG A 1 119 ? -9.913  1.217   -10.055 0.54 24.07 ? 113 ARG A NH1 1 
ATOM   1032 N NH2 . ARG A 1 119 ? -8.887  3.005   -11.062 0.54 27.83 ? 113 ARG A NH2 1 
ATOM   1033 N N   . ILE A 1 120 ? -6.462  -1.744  -6.995  1.00 14.53 ? 114 ILE A N   1 
ATOM   1034 C CA  . ILE A 1 120 ? -6.857  -0.914  -5.860  1.00 13.42 ? 114 ILE A CA  1 
ATOM   1035 C C   . ILE A 1 120 ? -6.512  0.498   -6.265  1.00 13.55 ? 114 ILE A C   1 
ATOM   1036 O O   . ILE A 1 120 ? -5.376  0.737   -6.662  1.00 13.59 ? 114 ILE A O   1 
ATOM   1037 C CB  . ILE A 1 120 ? -6.059  -1.282  -4.603  1.00 12.96 ? 114 ILE A CB  1 
ATOM   1038 C CG1 . ILE A 1 120 ? -6.151  -2.782  -4.298  1.00 13.52 ? 114 ILE A CG1 1 
ATOM   1039 C CG2 . ILE A 1 120 ? -6.542  -0.473  -3.392  1.00 13.86 ? 114 ILE A CG2 1 
ATOM   1040 C CD1 . ILE A 1 120 ? -5.195  -3.230  -3.203  1.00 15.20 ? 114 ILE A CD1 1 
ATOM   1041 N N   . SER A 1 121 ? -7.465  1.419   -6.159  1.00 13.60 ? 115 SER A N   1 
ATOM   1042 C CA  . SER A 1 121 ? -7.243  2.818   -6.495  1.00 13.67 ? 115 SER A CA  1 
ATOM   1043 C C   . SER A 1 121 ? -7.603  3.683   -5.314  1.00 13.30 ? 115 SER A C   1 
ATOM   1044 O O   . SER A 1 121 ? -8.715  3.595   -4.795  1.00 13.72 ? 115 SER A O   1 
ATOM   1045 C CB  A SER A 1 121 ? -8.131  3.223   -7.668  0.52 14.49 ? 115 SER A CB  1 
ATOM   1046 C CB  B SER A 1 121 ? -8.028  3.254   -7.731  0.48 14.59 ? 115 SER A CB  1 
ATOM   1047 O OG  A SER A 1 121 ? -7.738  2.572   -8.855  0.52 14.70 ? 115 SER A OG  1 
ATOM   1048 O OG  B SER A 1 121 ? -7.477  4.460   -8.263  0.48 16.14 ? 115 SER A OG  1 
ATOM   1049 N N   . ILE A 1 122 ? -6.662  4.528   -4.891  1.00 11.86 ? 116 ILE A N   1 
ATOM   1050 C CA  . ILE A 1 122 ? -6.862  5.381   -3.731  1.00 11.92 ? 116 ILE A CA  1 
ATOM   1051 C C   . ILE A 1 122 ? -6.501  6.816   -4.089  1.00 11.65 ? 116 ILE A C   1 
ATOM   1052 O O   . ILE A 1 122 ? -5.403  7.083   -4.583  1.00 12.23 ? 116 ILE A O   1 
ATOM   1053 C CB  . ILE A 1 122 ? -5.992  4.922   -2.555  1.00 11.39 ? 116 ILE A CB  1 
ATOM   1054 C CG1 . ILE A 1 122 ? -6.162  3.424   -2.287  1.00 12.43 ? 116 ILE A CG1 1 
ATOM   1055 C CG2 . ILE A 1 122 ? -6.333  5.705   -1.295  1.00 11.62 ? 116 ILE A CG2 1 
ATOM   1056 C CD1 . ILE A 1 122 ? -5.202  2.902   -1.233  1.00 14.27 ? 116 ILE A CD1 1 
ATOM   1057 N N   . ALA A 1 123 ? -7.438  7.723   -3.850  1.00 11.32 ? 117 ALA A N   1 
ATOM   1058 C CA  . ALA A 1 123 ? -7.199  9.165   -3.967  1.00 11.77 ? 117 ALA A CA  1 
ATOM   1059 C C   . ALA A 1 123 ? -7.076  9.719   -2.577  1.00 12.08 ? 117 ALA A C   1 
ATOM   1060 O O   . ALA A 1 123 ? -7.967  9.531   -1.753  1.00 13.45 ? 117 ALA A O   1 
ATOM   1061 C CB  . ALA A 1 123 ? -8.346  9.822   -4.674  1.00 12.64 ? 117 ALA A CB  1 
ATOM   1062 N N   . TYR A 1 124 ? -5.974  10.402  -2.298  1.00 12.94 ? 118 TYR A N   1 
ATOM   1063 C CA  . TYR A 1 124 ? -5.710  10.894  -0.947  1.00 12.94 ? 118 TYR A CA  1 
ATOM   1064 C C   . TYR A 1 124 ? -4.786  12.085  -0.920  1.00 14.67 ? 118 TYR A C   1 
ATOM   1065 O O   . TYR A 1 124 ? -4.052  12.327  -1.837  1.00 14.24 ? 118 TYR A O   1 
ATOM   1066 C CB  . TYR A 1 124 ? -5.132  9.798   -0.046  1.00 12.91 ? 118 TYR A CB  1 
ATOM   1067 C CG  . TYR A 1 124 ? -3.770  9.218   -0.447  1.00 10.64 ? 118 TYR A CG  1 
ATOM   1068 C CD1 . TYR A 1 124 ? -2.595  9.577   0.221   1.00 10.98 ? 118 TYR A CD1 1 
ATOM   1069 C CD2 . TYR A 1 124 ? -3.681  8.259   -1.466  1.00 11.24 ? 118 TYR A CD2 1 
ATOM   1070 C CE1 . TYR A 1 124 ? -1.362  8.995   -0.116  1.00 11.22 ? 118 TYR A CE1 1 
ATOM   1071 C CE2 . TYR A 1 124 ? -2.472  7.681   -1.801  1.00 11.15 ? 118 TYR A CE2 1 
ATOM   1072 C CZ  . TYR A 1 124 ? -1.319  8.052   -1.137  1.00 10.86 ? 118 TYR A CZ  1 
ATOM   1073 O OH  . TYR A 1 124 ? -0.127  7.468   -1.512  1.00 12.60 ? 118 TYR A OH  1 
ATOM   1074 N N   . ASP A 1 125 ? -4.849  12.814  0.183   1.00 16.12 ? 119 ASP A N   1 
ATOM   1075 C CA  . ASP A 1 125 ? -3.965  13.915  0.436   1.00 17.71 ? 119 ASP A CA  1 
ATOM   1076 C C   . ASP A 1 125 ? -3.057  13.507  1.604   1.00 18.50 ? 119 ASP A C   1 
ATOM   1077 O O   . ASP A 1 125 ? -3.523  12.924  2.590   1.00 18.04 ? 119 ASP A O   1 
ATOM   1078 C CB  A ASP A 1 125 ? -4.767  15.169  0.769   0.59 18.10 ? 119 ASP A CB  1 
ATOM   1079 C CB  B ASP A 1 125 ? -4.767  15.173  0.825   0.41 17.99 ? 119 ASP A CB  1 
ATOM   1080 C CG  A ASP A 1 125 ? -4.107  15.989  1.824   0.59 19.53 ? 119 ASP A CG  1 
ATOM   1081 C CG  B ASP A 1 125 ? -5.661  15.701  -0.303  0.41 19.22 ? 119 ASP A CG  1 
ATOM   1082 O OD1 A ASP A 1 125 ? -2.957  16.430  1.590   0.59 22.50 ? 119 ASP A OD1 1 
ATOM   1083 O OD1 B ASP A 1 125 ? -5.634  15.162  -1.434  0.41 21.36 ? 119 ASP A OD1 1 
ATOM   1084 O OD2 A ASP A 1 125 ? -4.636  16.208  2.921   0.59 20.89 ? 119 ASP A OD2 1 
ATOM   1085 O OD2 B ASP A 1 125 ? -6.424  16.679  -0.141  0.41 20.39 ? 119 ASP A OD2 1 
ATOM   1086 N N   . MET A 1 126 ? -1.773  13.839  1.492   1.00 20.37 ? 120 MET A N   1 
ATOM   1087 C CA  . MET A 1 126 ? -0.783  13.675  2.554   1.00 22.01 ? 120 MET A CA  1 
ATOM   1088 C C   . MET A 1 126 ? -0.296  15.020  3.061   1.00 25.39 ? 120 MET A C   1 
ATOM   1089 O O   . MET A 1 126 ? -0.311  16.041  2.359   1.00 26.83 ? 120 MET A O   1 
ATOM   1090 C CB  A MET A 1 126 ? 0.402   12.749  2.121   0.61 22.70 ? 120 MET A CB  1 
ATOM   1091 C CB  B MET A 1 126 ? 0.447   12.983  1.983   0.39 22.02 ? 120 MET A CB  1 
ATOM   1092 C CG  A MET A 1 126 ? 0.255   11.252  2.536   0.61 20.66 ? 120 MET A CG  1 
ATOM   1093 C CG  B MET A 1 126 ? 0.193   11.593  1.558   0.39 18.20 ? 120 MET A CG  1 
ATOM   1094 S SD  A MET A 1 126 ? 1.740   10.072  2.456   0.61 18.33 ? 120 MET A SD  1 
ATOM   1095 S SD  B MET A 1 126 ? -0.413  10.735  2.968   0.39 12.23 ? 120 MET A SD  1 
ATOM   1096 C CE  A MET A 1 126 ? 2.315   10.262  0.734   0.61 20.25 ? 120 MET A CE  1 
ATOM   1097 C CE  B MET A 1 126 ? 0.990   10.945  4.100   0.39 11.95 ? 120 MET A CE  1 
ATOM   1098 N N   . HIS A 1 127 ? 0.140   15.053  4.297   1.00 28.51 ? 121 HIS A N   1 
ATOM   1099 C CA  . HIS A 1 127 ? 1.035   16.141  4.670   1.00 31.23 ? 121 HIS A CA  1 
ATOM   1100 C C   . HIS A 1 127 ? 1.626   15.948  6.011   1.00 32.05 ? 121 HIS A C   1 
ATOM   1101 O O   . HIS A 1 127 ? 1.114   15.181  6.844   1.00 30.35 ? 121 HIS A O   1 
ATOM   1102 C CB  . HIS A 1 127 ? 0.363   17.520  4.606   1.00 31.74 ? 121 HIS A CB  1 
ATOM   1103 C CG  . HIS A 1 127 ? -1.035  17.536  5.114   1.00 35.17 ? 121 HIS A CG  1 
ATOM   1104 N ND1 . HIS A 1 127 ? -2.118  17.769  4.292   1.00 37.42 ? 121 HIS A ND1 1 
ATOM   1105 C CD2 . HIS A 1 127 ? -1.534  17.338  6.355   1.00 37.86 ? 121 HIS A CD2 1 
ATOM   1106 C CE1 . HIS A 1 127 ? -3.223  17.723  5.009   1.00 38.66 ? 121 HIS A CE1 1 
ATOM   1107 N NE2 . HIS A 1 127 ? -2.897  17.461  6.262   1.00 39.65 ? 121 HIS A NE2 1 
ATOM   1108 N N   . VAL A 1 128 ? 2.749   16.633  6.188   1.00 33.86 ? 122 VAL A N   1 
ATOM   1109 C CA  . VAL A 1 128 ? 3.318   16.860  7.506   1.00 36.12 ? 122 VAL A CA  1 
ATOM   1110 C C   . VAL A 1 128 ? 2.548   18.048  8.095   1.00 37.34 ? 122 VAL A C   1 
ATOM   1111 O O   . VAL A 1 128 ? 2.227   18.075  9.289   1.00 38.27 ? 122 VAL A O   1 
ATOM   1112 C CB  . VAL A 1 128 ? 4.821   17.160  7.413   1.00 35.98 ? 122 VAL A CB  1 
ATOM   1113 C CG1 . VAL A 1 128 ? 5.385   17.494  8.777   1.00 37.66 ? 122 VAL A CG1 1 
ATOM   1114 C CG2 . VAL A 1 128 ? 5.548   15.965  6.823   1.00 37.27 ? 122 VAL A CG2 1 
ATOM   1115 N N   . GLY A 1 129 ? 2.265   19.025  7.236   1.00 38.29 ? 123 GLY A N   1 
ATOM   1116 C CA  . GLY A 1 129 ? 1.237   20.029  7.479   1.00 39.02 ? 123 GLY A CA  1 
ATOM   1117 C C   . GLY A 1 129 ? 1.015   20.464  8.915   1.00 39.44 ? 123 GLY A C   1 
ATOM   1118 O O   . GLY A 1 129 ? 0.965   21.666  9.188   1.00 40.33 ? 123 GLY A O   1 
ATOM   1119 N N   . HIS A 1 134 ? -0.715  17.839  -0.649  1.00 25.68 ? 128 HIS A N   1 
ATOM   1120 C CA  . HIS A 1 134 ? 0.033   16.938  -1.514  1.00 24.34 ? 128 HIS A CA  1 
ATOM   1121 C C   . HIS A 1 134 ? -0.985  15.891  -1.993  1.00 23.47 ? 128 HIS A C   1 
ATOM   1122 O O   . HIS A 1 134 ? -1.335  14.983  -1.258  1.00 22.43 ? 128 HIS A O   1 
ATOM   1123 C CB  . HIS A 1 134 ? 1.183   16.304  -0.750  1.00 25.39 ? 128 HIS A CB  1 
ATOM   1124 C CG  . HIS A 1 134 ? 2.101   17.290  -0.092  1.00 27.00 ? 128 HIS A CG  1 
ATOM   1125 N ND1 . HIS A 1 134 ? 1.678   18.524  0.358   1.00 32.56 ? 128 HIS A ND1 1 
ATOM   1126 C CD2 . HIS A 1 134 ? 3.421   17.224  0.188   1.00 28.34 ? 128 HIS A CD2 1 
ATOM   1127 C CE1 . HIS A 1 134 ? 2.697   19.171  0.893   1.00 31.44 ? 128 HIS A CE1 1 
ATOM   1128 N NE2 . HIS A 1 134 ? 3.770   18.408  0.793   1.00 31.65 ? 128 HIS A NE2 1 
ATOM   1129 N N   . LEU A 1 135 ? -1.504  16.079  -3.203  1.00 22.43 ? 129 LEU A N   1 
ATOM   1130 C CA  . LEU A 1 135 ? -2.575  15.247  -3.757  1.00 21.43 ? 129 LEU A CA  1 
ATOM   1131 C C   . LEU A 1 135 ? -1.979  14.016  -4.451  1.00 19.12 ? 129 LEU A C   1 
ATOM   1132 O O   . LEU A 1 135 ? -1.080  14.147  -5.269  1.00 18.33 ? 129 LEU A O   1 
ATOM   1133 C CB  A LEU A 1 135 ? -3.421  16.029  -4.764  0.58 21.99 ? 129 LEU A CB  1 
ATOM   1134 C CB  B LEU A 1 135 ? -3.482  16.073  -4.688  0.42 21.99 ? 129 LEU A CB  1 
ATOM   1135 C CG  A LEU A 1 135 ? -4.066  17.371  -4.356  0.58 23.67 ? 129 LEU A CG  1 
ATOM   1136 C CG  B LEU A 1 135 ? -3.686  15.761  -6.178  0.42 23.55 ? 129 LEU A CG  1 
ATOM   1137 C CD1 A LEU A 1 135 ? -4.241  17.486  -2.845  0.58 24.06 ? 129 LEU A CD1 1 
ATOM   1138 C CD1 B LEU A 1 135 ? -4.768  14.703  -6.397  0.42 24.60 ? 129 LEU A CD1 1 
ATOM   1139 C CD2 A LEU A 1 135 ? -3.261  18.545  -4.874  0.58 24.08 ? 129 LEU A CD2 1 
ATOM   1140 C CD2 B LEU A 1 135 ? -4.042  17.027  -6.954  0.42 25.26 ? 129 LEU A CD2 1 
ATOM   1141 N N   . HIS A 1 136 ? -2.463  12.831  -4.072  1.00 16.00 ? 130 HIS A N   1 
ATOM   1142 C CA  . HIS A 1 136 ? -1.970  11.557  -4.602  1.00 14.77 ? 130 HIS A CA  1 
ATOM   1143 C C   . HIS A 1 136 ? -3.115  10.756  -5.198  1.00 14.27 ? 130 HIS A C   1 
ATOM   1144 O O   . HIS A 1 136 ? -4.208  10.670  -4.607  1.00 14.07 ? 130 HIS A O   1 
ATOM   1145 C CB  . HIS A 1 136 ? -1.390  10.671  -3.504  1.00 14.81 ? 130 HIS A CB  1 
ATOM   1146 C CG  . HIS A 1 136 ? -0.114  11.167  -2.923  1.00 13.86 ? 130 HIS A CG  1 
ATOM   1147 N ND1 . HIS A 1 136 ? -0.045  12.333  -2.192  1.00 16.63 ? 130 HIS A ND1 1 
ATOM   1148 C CD2 . HIS A 1 136 ? 1.126   10.628  -2.903  1.00 14.02 ? 130 HIS A CD2 1 
ATOM   1149 C CE1 . HIS A 1 136 ? 1.200   12.507  -1.781  1.00 15.74 ? 130 HIS A CE1 1 
ATOM   1150 N NE2 . HIS A 1 136 ? 1.929   11.494  -2.204  1.00 15.87 ? 130 HIS A NE2 1 
ATOM   1151 N N   . ASN A 1 137 ? -2.864  10.127  -6.334  1.00 14.10 ? 131 ASN A N   1 
ATOM   1152 C CA  . ASN A 1 137 ? -3.747  9.093   -6.840  1.00 14.66 ? 131 ASN A CA  1 
ATOM   1153 C C   . ASN A 1 137 ? -2.890  7.872   -7.084  1.00 14.71 ? 131 ASN A C   1 
ATOM   1154 O O   . ASN A 1 137 ? -2.031  7.888   -7.966  1.00 13.73 ? 131 ASN A O   1 
ATOM   1155 C CB  A ASN A 1 137 ? -4.486  9.497   -8.101  0.60 15.71 ? 131 ASN A CB  1 
ATOM   1156 C CB  B ASN A 1 137 ? -4.410  9.543   -8.146  0.40 15.24 ? 131 ASN A CB  1 
ATOM   1157 C CG  A ASN A 1 137 ? -5.651  8.575   -8.382  0.60 17.62 ? 131 ASN A CG  1 
ATOM   1158 C CG  B ASN A 1 137 ? -5.388  10.689  -7.949  0.40 16.16 ? 131 ASN A CG  1 
ATOM   1159 O OD1 A ASN A 1 137 ? -5.465  7.422   -8.788  0.60 22.72 ? 131 ASN A OD1 1 
ATOM   1160 O OD1 B ASN A 1 137 ? -6.549  10.475  -7.594  0.40 19.20 ? 131 ASN A OD1 1 
ATOM   1161 N ND2 A ASN A 1 137 ? -6.854  9.048   -8.102  0.60 21.07 ? 131 ASN A ND2 1 
ATOM   1162 N ND2 B ASN A 1 137 ? -4.929  11.909  -8.186  0.40 17.92 ? 131 ASN A ND2 1 
ATOM   1163 N N   . MET A 1 138 ? -3.075  6.848   -6.260  1.00 14.30 ? 132 MET A N   1 
ATOM   1164 C CA  . MET A 1 138 ? -2.264  5.638   -6.300  1.00 14.57 ? 132 MET A CA  1 
ATOM   1165 C C   . MET A 1 138 ? -3.110  4.475   -6.815  1.00 14.41 ? 132 MET A C   1 
ATOM   1166 O O   . MET A 1 138 ? -4.227  4.274   -6.346  1.00 13.96 ? 132 MET A O   1 
ATOM   1167 C CB  . MET A 1 138 ? -1.732  5.308   -4.912  1.00 14.21 ? 132 MET A CB  1 
ATOM   1168 C CG  . MET A 1 138 ? -0.887  4.033   -4.879  1.00 15.88 ? 132 MET A CG  1 
ATOM   1169 S SD  . MET A 1 138 ? 0.111   3.889   -3.412  1.00 18.74 ? 132 MET A SD  1 
ATOM   1170 C CE  . MET A 1 138 ? -1.182  3.592   -2.183  1.00 18.79 ? 132 MET A CE  1 
ATOM   1171 N N   . THR A 1 139 ? -2.584  3.741   -7.786  1.00 13.38 ? 133 THR A N   1 
ATOM   1172 C CA  . THR A 1 139 ? -3.246  2.562   -8.316  1.00 14.19 ? 133 THR A CA  1 
ATOM   1173 C C   . THR A 1 139 ? -2.296  1.390   -8.198  1.00 14.14 ? 133 THR A C   1 
ATOM   1174 O O   . THR A 1 139 ? -1.219  1.412   -8.782  1.00 13.52 ? 133 THR A O   1 
ATOM   1175 C CB  . THR A 1 139 ? -3.627  2.755   -9.785  1.00 15.41 ? 133 THR A CB  1 
ATOM   1176 O OG1 . THR A 1 139 ? -4.448  3.924   -9.927  1.00 17.88 ? 133 THR A OG1 1 
ATOM   1177 C CG2 . THR A 1 139 ? -4.527  1.611   -10.291 1.00 16.21 ? 133 THR A CG2 1 
ATOM   1178 N N   . ILE A 1 140 ? -2.717  0.347   -7.488  1.00 13.77 ? 134 ILE A N   1 
ATOM   1179 C CA  . ILE A 1 140 ? -1.961  -0.889  -7.379  1.00 13.90 ? 134 ILE A CA  1 
ATOM   1180 C C   . ILE A 1 140 ? -2.697  -1.910  -8.219  1.00 15.18 ? 134 ILE A C   1 
ATOM   1181 O O   . ILE A 1 140 ? -3.882  -2.172  -7.985  1.00 14.09 ? 134 ILE A O   1 
ATOM   1182 C CB  . ILE A 1 140 ? -1.906  -1.355  -5.921  1.00 14.07 ? 134 ILE A CB  1 
ATOM   1183 C CG1 . ILE A 1 140 ? -1.225  -0.312  -5.032  1.00 14.14 ? 134 ILE A CG1 1 
ATOM   1184 C CG2 . ILE A 1 140 ? -1.200  -2.691  -5.821  1.00 15.20 ? 134 ILE A CG2 1 
ATOM   1185 C CD1 . ILE A 1 140 ? -1.394  -0.590  -3.559  1.00 15.62 ? 134 ILE A CD1 1 
ATOM   1186 N N   . THR A 1 141 ? -2.022  -2.442  -9.234  1.00 15.40 ? 135 THR A N   1 
ATOM   1187 C CA  . THR A 1 141 ? -2.596  -3.506  -10.055 1.00 16.02 ? 135 THR A CA  1 
ATOM   1188 C C   . THR A 1 141 ? -1.685  -4.708  -10.016 1.00 15.22 ? 135 THR A C   1 
ATOM   1189 O O   . THR A 1 141 ? -0.474  -4.598  -9.818  1.00 14.67 ? 135 THR A O   1 
ATOM   1190 C CB  . THR A 1 141 ? -2.809  -3.056  -11.520 1.00 16.80 ? 135 THR A CB  1 
ATOM   1191 O OG1 . THR A 1 141 ? -1.585  -2.585  -12.083 1.00 19.26 ? 135 THR A OG1 1 
ATOM   1192 C CG2 . THR A 1 141 ? -3.723  -1.859  -11.614 1.00 18.04 ? 135 THR A CG2 1 
ATOM   1193 N N   . TYR A 1 142 ? -2.256  -5.882  -10.211 1.00 14.74 ? 136 TYR A N   1 
ATOM   1194 C CA  . TYR A 1 142 ? -1.450  -7.077  -10.261 1.00 14.89 ? 136 TYR A CA  1 
ATOM   1195 C C   . TYR A 1 142 ? -2.120  -8.108  -11.165 1.00 16.23 ? 136 TYR A C   1 
ATOM   1196 O O   . TYR A 1 142 ? -3.316  -8.037  -11.452 1.00 16.55 ? 136 TYR A O   1 
ATOM   1197 C CB  . TYR A 1 142 ? -1.237  -7.661  -8.861  1.00 14.66 ? 136 TYR A CB  1 
ATOM   1198 C CG  . TYR A 1 142 ? -2.525  -8.130  -8.240  1.00 13.34 ? 136 TYR A CG  1 
ATOM   1199 C CD1 . TYR A 1 142 ? -2.976  -9.437  -8.411  1.00 14.15 ? 136 TYR A CD1 1 
ATOM   1200 C CD2 . TYR A 1 142 ? -3.296  -7.264  -7.467  1.00 13.61 ? 136 TYR A CD2 1 
ATOM   1201 C CE1 . TYR A 1 142 ? -4.191  -9.863  -7.836  1.00 15.57 ? 136 TYR A CE1 1 
ATOM   1202 C CE2 . TYR A 1 142 ? -4.488  -7.665  -6.902  1.00 14.00 ? 136 TYR A CE2 1 
ATOM   1203 C CZ  . TYR A 1 142 ? -4.939  -8.977  -7.083  1.00 14.51 ? 136 TYR A CZ  1 
ATOM   1204 O OH  . TYR A 1 142 ? -6.154  -9.353  -6.515  1.00 14.20 ? 136 TYR A OH  1 
ATOM   1205 N N   . GLU A 1 143 ? -1.304  -9.057  -11.586 1.00 18.27 ? 137 GLU A N   1 
ATOM   1206 C CA  . GLU A 1 143 ? -1.735  -10.194 -12.377 1.00 19.82 ? 137 GLU A CA  1 
ATOM   1207 C C   . GLU A 1 143 ? -1.108  -11.423 -11.762 1.00 20.99 ? 137 GLU A C   1 
ATOM   1208 O O   . GLU A 1 143 ? 0.048   -11.407 -11.358 1.00 20.11 ? 137 GLU A O   1 
ATOM   1209 C CB  A GLU A 1 143 ? -1.246  -9.990  -13.806 0.55 19.76 ? 137 GLU A CB  1 
ATOM   1210 C CB  B GLU A 1 143 ? -1.279  -10.048 -13.827 0.45 20.03 ? 137 GLU A CB  1 
ATOM   1211 C CG  A GLU A 1 143 ? -1.879  -10.875 -14.854 0.55 19.95 ? 137 GLU A CG  1 
ATOM   1212 C CG  B GLU A 1 143 ? -2.113  -9.061  -14.619 0.45 21.07 ? 137 GLU A CG  1 
ATOM   1213 C CD  A GLU A 1 143 ? -1.332  -10.553 -16.223 0.55 19.97 ? 137 GLU A CD  1 
ATOM   1214 C CD  B GLU A 1 143 ? -1.929  -9.182  -16.121 0.45 22.81 ? 137 GLU A CD  1 
ATOM   1215 O OE1 A GLU A 1 143 ? -1.911  -9.665  -16.894 0.55 19.21 ? 137 GLU A OE1 1 
ATOM   1216 O OE1 B GLU A 1 143 ? -1.129  -10.027 -16.582 0.45 25.05 ? 137 GLU A OE1 1 
ATOM   1217 O OE2 A GLU A 1 143 ? -0.300  -11.153 -16.596 0.55 18.44 ? 137 GLU A OE2 1 
ATOM   1218 O OE2 B GLU A 1 143 ? -2.599  -8.422  -16.847 0.45 24.90 ? 137 GLU A OE2 1 
ATOM   1219 N N   . GLY A 1 144 ? -1.872  -12.501 -11.662 1.00 23.18 ? 138 GLY A N   1 
ATOM   1220 C CA  . GLY A 1 144 ? -1.301  -13.783 -11.312 1.00 25.47 ? 138 GLY A CA  1 
ATOM   1221 C C   . GLY A 1 144 ? -0.232  -14.154 -12.334 1.00 27.78 ? 138 GLY A C   1 
ATOM   1222 O O   . GLY A 1 144 ? -0.343  -13.844 -13.535 1.00 28.69 ? 138 GLY A O   1 
ATOM   1223 N N   . GLY A 1 145 ? 0.845   -14.764 -11.852 1.00 29.96 ? 139 GLY A N   1 
ATOM   1224 C CA  . GLY A 1 145 ? 1.911   -15.236 -12.717 1.00 31.64 ? 139 GLY A CA  1 
ATOM   1225 C C   . GLY A 1 145 ? 3.201   -14.435 -12.594 1.00 32.84 ? 139 GLY A C   1 
ATOM   1226 O O   . GLY A 1 145 ? 3.173   -13.204 -12.470 1.00 33.73 ? 139 GLY A O   1 
ATOM   1227 N N   . THR A 1 146 ? 4.317   -15.173 -12.641 1.00 33.86 ? 140 THR A N   1 
ATOM   1228 C CA  . THR A 1 146 ? 5.693   -14.681 -12.485 1.00 34.30 ? 140 THR A CA  1 
ATOM   1229 C C   . THR A 1 146 ? 5.858   -13.570 -11.451 0.68 34.21 ? 140 THR A C   1 
ATOM   1230 O O   . THR A 1 146 ? 5.591   -13.779 -10.254 0.68 34.28 ? 140 THR A O   1 
ATOM   1231 C CB  . THR A 1 146 ? 6.259   -14.297 -13.877 0.68 34.37 ? 140 THR A CB  1 
ATOM   1232 O OG1 . THR A 1 146 ? 6.082   -15.401 -14.780 0.68 35.11 ? 140 THR A OG1 1 
ATOM   1233 C CG2 . THR A 1 146 ? 7.765   -14.120 -13.847 0.68 34.78 ? 140 THR A CG2 1 
HETATM 1234 C C1  . GOL B 2 .   ? 3.085   1.004   -1.432  1.00 24.93 ? 301 GOL A C1  1 
HETATM 1235 O O1  . GOL B 2 .   ? 3.854   0.098   -2.182  1.00 20.57 ? 301 GOL A O1  1 
HETATM 1236 C C2  . GOL B 2 .   ? 3.470   2.441   -1.755  1.00 25.18 ? 301 GOL A C2  1 
HETATM 1237 O O2  . GOL B 2 .   ? 4.883   2.598   -1.709  1.00 26.88 ? 301 GOL A O2  1 
HETATM 1238 C C3  . GOL B 2 .   ? 2.717   3.350   -0.777  1.00 24.62 ? 301 GOL A C3  1 
HETATM 1239 O O3  . GOL B 2 .   ? 3.461   3.570   0.399   1.00 23.03 ? 301 GOL A O3  1 
HETATM 1240 O O   . HOH C 3 .   ? -2.435  6.482   8.846   1.00 11.01 ? 302 HOH A O   1 
HETATM 1241 O O   . HOH C 3 .   ? -0.706  8.599   7.827   1.00 11.06 ? 303 HOH A O   1 
HETATM 1242 O O   . HOH C 3 .   ? -7.441  8.246   5.685   1.00 11.95 ? 304 HOH A O   1 
HETATM 1243 O O   . HOH C 3 .   ? 3.076   2.606   4.817   1.00 12.63 ? 305 HOH A O   1 
HETATM 1244 O O   . HOH C 3 .   ? 3.301   3.765   11.705  1.00 13.21 ? 306 HOH A O   1 
HETATM 1245 O O   . HOH C 3 .   ? -5.622  4.871   12.671  1.00 13.65 ? 307 HOH A O   1 
HETATM 1246 O O   . HOH C 3 .   ? -3.233  5.615   11.416  1.00 14.00 ? 308 HOH A O   1 
HETATM 1247 O O   . HOH C 3 .   ? 5.603   -5.109  6.476   1.00 14.96 ? 309 HOH A O   1 
HETATM 1248 O O   . HOH C 3 .   ? -7.790  -3.007  5.715   1.00 14.97 ? 310 HOH A O   1 
HETATM 1249 O O   . HOH C 3 .   ? -1.788  3.253   11.539  1.00 15.00 ? 311 HOH A O   1 
HETATM 1250 O O   . HOH C 3 .   ? -1.135  0.253   -11.484 1.00 15.20 ? 312 HOH A O   1 
HETATM 1251 O O   . HOH C 3 .   ? 8.949   -8.166  -4.015  1.00 15.28 ? 313 HOH A O   1 
HETATM 1252 O O   . HOH C 3 .   ? -5.407  8.494   13.495  1.00 15.88 ? 314 HOH A O   1 
HETATM 1253 O O   . HOH C 3 .   ? -14.654 5.617   -2.252  1.00 16.55 ? 315 HOH A O   1 
HETATM 1254 O O   . HOH C 3 .   ? 1.818   3.378   2.564   1.00 17.31 ? 316 HOH A O   1 
HETATM 1255 O O   . HOH C 3 .   ? 6.249   -14.012 -6.450  1.00 17.44 ? 317 HOH A O   1 
HETATM 1256 O O   . HOH C 3 .   ? 1.235   7.697   -3.733  1.00 17.89 ? 318 HOH A O   1 
HETATM 1257 O O   . HOH C 3 .   ? 4.787   -1.943  9.650   1.00 18.17 ? 319 HOH A O   1 
HETATM 1258 O O   . HOH C 3 .   ? 4.392   -5.182  -13.298 1.00 18.78 ? 320 HOH A O   1 
HETATM 1259 O O   . HOH C 3 .   ? 1.623   7.146   0.738   1.00 19.50 ? 321 HOH A O   1 
HETATM 1260 O O   . HOH C 3 .   ? 8.296   -12.478 -5.373  1.00 19.59 ? 322 HOH A O   1 
HETATM 1261 O O   . HOH C 3 .   ? -10.205 5.999   -5.822  1.00 19.86 ? 323 HOH A O   1 
HETATM 1262 O O   . HOH C 3 .   ? 12.715  11.504  15.851  1.00 20.08 ? 324 HOH A O   1 
HETATM 1263 O O   . HOH C 3 .   ? -10.662 -7.802  1.069   1.00 20.33 ? 325 HOH A O   1 
HETATM 1264 O O   . HOH C 3 .   ? -2.706  6.214   -10.274 1.00 20.37 ? 326 HOH A O   1 
HETATM 1265 O O   . HOH C 3 .   ? -14.481 3.511   0.067   1.00 20.64 ? 327 HOH A O   1 
HETATM 1266 O O   . HOH C 3 .   ? 16.008  -3.198  5.390   1.00 21.49 ? 328 HOH A O   1 
HETATM 1267 O O   . HOH C 3 .   ? -14.574 3.947   5.287   1.00 21.91 ? 329 HOH A O   1 
HETATM 1268 O O   . HOH C 3 .   ? 15.982  3.234   8.355   1.00 22.56 ? 330 HOH A O   1 
HETATM 1269 O O   . HOH C 3 .   ? 1.987   5.068   14.200  1.00 22.56 ? 331 HOH A O   1 
HETATM 1270 O O   . HOH C 3 .   ? 10.240  -6.708  8.253   1.00 24.08 ? 332 HOH A O   1 
HETATM 1271 O O   . HOH C 3 .   ? 8.100   -10.883 -2.878  1.00 24.15 ? 333 HOH A O   1 
HETATM 1272 O O   . HOH C 3 .   ? 6.333   7.152   -14.597 1.00 24.37 ? 334 HOH A O   1 
HETATM 1273 O O   . HOH C 3 .   ? 16.414  4.157   -4.298  1.00 24.37 ? 335 HOH A O   1 
HETATM 1274 O O   . HOH C 3 .   ? 2.692   -14.942 12.103  1.00 24.93 ? 336 HOH A O   1 
HETATM 1275 O O   . HOH C 3 .   ? 6.458   -11.022 -0.558  1.00 24.96 ? 337 HOH A O   1 
HETATM 1276 O O   . HOH C 3 .   ? -8.006  -10.570 7.929   1.00 25.23 ? 338 HOH A O   1 
HETATM 1277 O O   . HOH C 3 .   ? 11.100  -2.713  10.749  1.00 25.30 ? 339 HOH A O   1 
HETATM 1278 O O   . HOH C 3 .   ? -8.040  -17.451 6.822   1.00 25.67 ? 340 HOH A O   1 
HETATM 1279 O O   . HOH C 3 .   ? 5.959   14.279  14.271  1.00 25.87 ? 341 HOH A O   1 
HETATM 1280 O O   . HOH C 3 .   ? 17.989  7.477   -5.101  1.00 25.96 ? 342 HOH A O   1 
HETATM 1281 O O   . HOH C 3 .   ? -6.226  12.836  11.961  1.00 26.06 ? 343 HOH A O   1 
HETATM 1282 O O   . HOH C 3 .   ? 3.865   7.020   -2.853  1.00 26.46 ? 344 HOH A O   1 
HETATM 1283 O O   . HOH C 3 .   ? -1.149  -1.856  -14.679 1.00 26.87 ? 345 HOH A O   1 
HETATM 1284 O O   . HOH C 3 .   ? -13.090 -7.268  -4.974  1.00 27.02 ? 346 HOH A O   1 
HETATM 1285 O O   . HOH C 3 .   ? 3.964   4.615   -7.050  1.00 27.15 ? 347 HOH A O   1 
HETATM 1286 O O   . HOH C 3 .   ? 6.485   -9.119  1.662   1.00 27.17 ? 348 HOH A O   1 
HETATM 1287 O O   . HOH C 3 .   ? 6.829   -6.259  -14.027 1.00 27.24 ? 349 HOH A O   1 
HETATM 1288 O O   . HOH C 3 .   ? -3.925  -16.948 -10.605 1.00 27.38 ? 350 HOH A O   1 
HETATM 1289 O O   . HOH C 3 .   ? -14.584 -0.858  -4.392  1.00 27.76 ? 351 HOH A O   1 
HETATM 1290 O O   . HOH C 3 .   ? 3.448   -2.711  13.460  1.00 27.83 ? 352 HOH A O   1 
HETATM 1291 O O   . HOH C 3 .   ? 9.454   10.702  -6.469  1.00 27.88 ? 353 HOH A O   1 
HETATM 1292 O O   . HOH C 3 .   ? 10.302  14.480  14.019  1.00 27.90 ? 354 HOH A O   1 
HETATM 1293 O O   . HOH C 3 .   ? 6.970   -16.697 -6.636  1.00 27.97 ? 355 HOH A O   1 
HETATM 1294 O O   . HOH C 3 .   ? -13.756 0.535   -0.532  1.00 28.16 ? 356 HOH A O   1 
HETATM 1295 O O   . HOH C 3 .   ? -11.645 10.386  -5.970  1.00 28.24 ? 357 HOH A O   1 
HETATM 1296 O O   . HOH C 3 .   ? 8.456   2.522   0.370   1.00 28.27 ? 358 HOH A O   1 
HETATM 1297 O O   . HOH C 3 .   ? 5.738   21.349  -0.746  1.00 28.41 ? 359 HOH A O   1 
HETATM 1298 O O   . HOH C 3 .   ? -2.184  1.743   -13.497 1.00 28.49 ? 360 HOH A O   1 
HETATM 1299 O O   . HOH C 3 .   ? 3.629   -13.340 1.774   1.00 28.51 ? 361 HOH A O   1 
HETATM 1300 O O   . HOH C 3 .   ? 13.801  6.290   -1.173  1.00 28.62 ? 362 HOH A O   1 
HETATM 1301 O O   . HOH C 3 .   ? 18.263  -3.445  3.362   1.00 28.64 ? 363 HOH A O   1 
HETATM 1302 O O   . HOH C 3 .   ? 3.988   -18.157 -12.966 1.00 28.79 ? 364 HOH A O   1 
HETATM 1303 O O   . HOH C 3 .   ? -0.416  21.058  -3.543  1.00 28.83 ? 365 HOH A O   1 
HETATM 1304 O O   . HOH C 3 .   ? 18.779  11.186  15.076  1.00 28.86 ? 366 HOH A O   1 
HETATM 1305 O O   . HOH C 3 .   ? 4.855   -4.866  9.495   1.00 28.99 ? 367 HOH A O   1 
HETATM 1306 O O   . HOH C 3 .   ? 20.553  4.794   11.955  1.00 29.05 ? 368 HOH A O   1 
HETATM 1307 O O   . HOH C 3 .   ? 0.656   1.079   14.152  1.00 29.77 ? 369 HOH A O   1 
HETATM 1308 O O   . HOH C 3 .   ? -14.443 11.382  0.722   1.00 29.82 ? 370 HOH A O   1 
HETATM 1309 O O   . HOH C 3 .   ? -10.413 -16.731 4.582   1.00 29.91 ? 371 HOH A O   1 
HETATM 1310 O O   . HOH C 3 .   ? -11.057 12.807  3.709   1.00 29.92 ? 372 HOH A O   1 
HETATM 1311 O O   . HOH C 3 .   ? -4.579  -19.142 -6.982  1.00 30.28 ? 373 HOH A O   1 
HETATM 1312 O O   . HOH C 3 .   ? 19.881  0.427   -2.026  1.00 30.32 ? 374 HOH A O   1 
HETATM 1313 O O   . HOH C 3 .   ? 3.464   -4.379  -15.525 1.00 30.36 ? 375 HOH A O   1 
HETATM 1314 O O   . HOH C 3 .   ? -15.539 8.356   -1.969  1.00 30.43 ? 376 HOH A O   1 
HETATM 1315 O O   . HOH C 3 .   ? 7.086   5.487   -1.019  1.00 30.49 ? 377 HOH A O   1 
HETATM 1316 O O   . HOH C 3 .   ? -8.033  -19.229 -10.527 1.00 30.67 ? 378 HOH A O   1 
HETATM 1317 O O   . HOH C 3 .   ? -3.327  0.917   11.689  1.00 30.70 ? 379 HOH A O   1 
HETATM 1318 O O   . HOH C 3 .   ? 18.657  2.700   8.193   1.00 31.47 ? 380 HOH A O   1 
HETATM 1319 O O   . HOH C 3 .   ? 6.944   -5.424  11.091  1.00 31.47 ? 381 HOH A O   1 
HETATM 1320 O O   . HOH C 3 .   ? 8.146   -18.606 -12.960 1.00 31.50 ? 382 HOH A O   1 
HETATM 1321 O O   . HOH C 3 .   ? -7.308  -1.919  8.148   1.00 31.61 ? 383 HOH A O   1 
HETATM 1322 O O   . HOH C 3 .   ? -11.727 -1.530  -0.745  1.00 31.66 ? 384 HOH A O   1 
HETATM 1323 O O   . HOH C 3 .   ? -1.773  19.743  -1.092  1.00 31.80 ? 385 HOH A O   1 
HETATM 1324 O O   . HOH C 3 .   ? 21.000  -0.119  2.632   1.00 31.84 ? 386 HOH A O   1 
HETATM 1325 O O   . HOH C 3 .   ? 12.595  1.870   10.187  1.00 32.04 ? 387 HOH A O   1 
HETATM 1326 O O   . HOH C 3 .   ? -10.214 -8.454  -10.437 1.00 32.43 ? 388 HOH A O   1 
HETATM 1327 O O   . HOH C 3 .   ? -2.753  13.389  -8.027  1.00 32.62 ? 389 HOH A O   1 
HETATM 1328 O O   . HOH C 3 .   ? -10.774 -1.372  -8.949  1.00 32.78 ? 390 HOH A O   1 
HETATM 1329 O O   . HOH C 3 .   ? -2.703  -20.654 0.495   1.00 32.96 ? 391 HOH A O   1 
HETATM 1330 O O   . HOH C 3 .   ? -3.822  14.952  5.143   1.00 33.05 ? 392 HOH A O   1 
HETATM 1331 O O   . HOH C 3 .   ? 8.211   -3.883  12.155  1.00 33.08 ? 393 HOH A O   1 
HETATM 1332 O O   . HOH C 3 .   ? -0.273  -11.105 6.335   1.00 34.17 ? 394 HOH A O   1 
HETATM 1333 O O   . HOH C 3 .   ? -9.640  -7.233  9.956   1.00 34.29 ? 395 HOH A O   1 
HETATM 1334 O O   . HOH C 3 .   ? 6.078   19.803  -12.585 1.00 34.49 ? 396 HOH A O   1 
HETATM 1335 O O   . HOH C 3 .   ? -11.012 14.299  7.046   1.00 34.53 ? 397 HOH A O   1 
HETATM 1336 O O   . HOH C 3 .   ? -12.330 -10.527 8.541   1.00 35.03 ? 398 HOH A O   1 
HETATM 1337 O O   . HOH C 3 .   ? -11.391 0.063   13.189  1.00 35.27 ? 399 HOH A O   1 
HETATM 1338 O O   . HOH C 3 .   ? -4.394  -6.523  -13.787 1.00 35.36 ? 400 HOH A O   1 
HETATM 1339 O O   . HOH C 3 .   ? 13.633  4.398   -3.796  1.00 35.48 ? 401 HOH A O   1 
HETATM 1340 O O   . HOH C 3 .   ? -8.597  7.184   -7.717  1.00 35.56 ? 402 HOH A O   1 
HETATM 1341 O O   . HOH C 3 .   ? 10.568  -4.498  -5.099  1.00 35.57 ? 403 HOH A O   1 
HETATM 1342 O O   . HOH C 3 .   ? -3.970  -8.538  9.613   1.00 35.58 ? 404 HOH A O   1 
HETATM 1343 O O   . HOH C 3 .   ? 5.048   4.811   -4.323  1.00 35.64 ? 405 HOH A O   1 
HETATM 1344 O O   . HOH C 3 .   ? -12.405 -5.501  -3.091  1.00 35.98 ? 406 HOH A O   1 
HETATM 1345 O O   . HOH C 3 .   ? 14.107  5.573   15.093  1.00 36.04 ? 407 HOH A O   1 
HETATM 1346 O O   . HOH C 3 .   ? -9.806  -9.722  9.654   1.00 36.39 ? 408 HOH A O   1 
HETATM 1347 O O   . HOH C 3 .   ? 20.935  1.607   0.229   1.00 36.75 ? 409 HOH A O   1 
HETATM 1348 O O   . HOH C 3 .   ? 7.233   -13.027 0.917   1.00 37.19 ? 410 HOH A O   1 
HETATM 1349 O O   . HOH C 3 .   ? 9.785   -6.634  -13.440 1.00 37.20 ? 411 HOH A O   1 
HETATM 1350 O O   . HOH C 3 .   ? -9.490  -0.960  11.173  1.00 37.22 ? 412 HOH A O   1 
HETATM 1351 O O   . HOH C 3 .   ? -0.264  20.302  1.846   1.00 37.28 ? 413 HOH A O   1 
HETATM 1352 O O   . HOH C 3 .   ? 5.707   18.073  -14.120 1.00 37.46 ? 414 HOH A O   1 
HETATM 1353 O O   . HOH C 3 .   ? 0.396   19.707  -1.581  1.00 37.75 ? 415 HOH A O   1 
HETATM 1354 O O   . HOH C 3 .   ? 4.493   11.248  -1.779  1.00 38.02 ? 416 HOH A O   1 
HETATM 1355 O O   . HOH C 3 .   ? -9.089  -5.848  -11.683 1.00 38.16 ? 417 HOH A O   1 
HETATM 1356 O O   . HOH C 3 .   ? 11.318  -6.095  -11.702 1.00 38.24 ? 418 HOH A O   1 
HETATM 1357 O O   . HOH C 3 .   ? -16.666 10.409  1.658   1.00 38.55 ? 419 HOH A O   1 
HETATM 1358 O O   . HOH C 3 .   ? 1.205   -21.960 13.196  1.00 38.57 ? 420 HOH A O   1 
HETATM 1359 O O   . HOH C 3 .   ? 4.401   -11.582 6.094   1.00 39.11 ? 421 HOH A O   1 
HETATM 1360 O O   . HOH C 3 .   ? 14.932  0.702   9.994   1.00 39.14 ? 422 HOH A O   1 
HETATM 1361 O O   . HOH C 3 .   ? -13.879 -1.949  7.172   1.00 39.40 ? 423 HOH A O   1 
HETATM 1362 O O   . HOH C 3 .   ? 13.465  -9.892  -0.772  1.00 39.40 ? 424 HOH A O   1 
HETATM 1363 O O   . HOH C 3 .   ? -3.960  7.709   15.594  1.00 39.41 ? 425 HOH A O   1 
HETATM 1364 O O   . HOH C 3 .   ? 6.414   -18.367 -8.751  1.00 39.41 ? 426 HOH A O   1 
HETATM 1365 O O   . HOH C 3 .   ? -15.211 -3.848  -3.876  1.00 39.56 ? 427 HOH A O   1 
HETATM 1366 O O   . HOH C 3 .   ? -1.051  21.166  4.669   1.00 39.97 ? 428 HOH A O   1 
HETATM 1367 O O   . HOH C 3 .   ? -8.386  17.110  9.050   1.00 40.03 ? 429 HOH A O   1 
HETATM 1368 O O   . HOH C 3 .   ? 7.931   -10.719 -13.379 1.00 40.16 ? 430 HOH A O   1 
HETATM 1369 O O   . HOH C 3 .   ? -14.407 -5.347  5.481   1.00 40.21 ? 431 HOH A O   1 
HETATM 1370 O O   . HOH C 3 .   ? -4.455  -22.719 0.742   1.00 40.37 ? 432 HOH A O   1 
HETATM 1371 O O   . HOH C 3 .   ? -5.949  13.386  -4.158  1.00 40.37 ? 433 HOH A O   1 
HETATM 1372 O O   . HOH C 3 .   ? -4.821  10.747  -11.601 1.00 40.46 ? 434 HOH A O   1 
HETATM 1373 O O   . HOH C 3 .   ? -3.963  -20.251 18.313  1.00 40.57 ? 435 HOH A O   1 
HETATM 1374 O O   . HOH C 3 .   ? 5.816   3.267   12.512  1.00 41.48 ? 436 HOH A O   1 
HETATM 1375 O O   . HOH C 3 .   ? -7.468  16.703  2.770   1.00 41.62 ? 437 HOH A O   1 
HETATM 1376 O O   . HOH C 3 .   ? -0.121  3.475   13.848  1.00 42.13 ? 438 HOH A O   1 
HETATM 1377 O O   . HOH C 3 .   ? 1.472   22.243  5.160   1.00 42.29 ? 439 HOH A O   1 
HETATM 1378 O O   . HOH C 3 .   ? -13.537 13.302  2.263   1.00 42.34 ? 440 HOH A O   1 
HETATM 1379 O O   . HOH C 3 .   ? -3.445  3.998   -13.421 1.00 42.42 ? 441 HOH A O   1 
HETATM 1380 O O   . HOH C 3 .   ? 5.092   -7.363  7.834   1.00 42.86 ? 442 HOH A O   1 
HETATM 1381 O O   . HOH C 3 .   ? -5.231  3.247   14.792  1.00 42.94 ? 443 HOH A O   1 
HETATM 1382 O O   . HOH C 3 .   ? 1.558   23.251  2.040   1.00 43.03 ? 444 HOH A O   1 
HETATM 1383 O O   . HOH C 3 .   ? 7.731   21.421  -10.978 1.00 43.21 ? 445 HOH A O   1 
HETATM 1384 O O   . HOH C 3 .   ? 6.606   -18.298 -14.661 1.00 43.45 ? 446 HOH A O   1 
HETATM 1385 O O   . HOH C 3 .   ? -11.486 -16.444 -9.834  1.00 43.49 ? 447 HOH A O   1 
HETATM 1386 O O   . HOH C 3 .   ? 1.884   3.118   -16.807 1.00 43.82 ? 448 HOH A O   1 
HETATM 1387 O O   . HOH C 3 .   ? -9.114  -12.904 -15.134 1.00 43.84 ? 449 HOH A O   1 
HETATM 1388 O O   . HOH C 3 .   ? -16.605 3.539   1.632   1.00 43.98 ? 450 HOH A O   1 
HETATM 1389 O O   . HOH C 3 .   ? 5.356   -17.889 -11.203 1.00 44.22 ? 451 HOH A O   1 
HETATM 1390 O O   . HOH C 3 .   ? 9.970   -13.199 -8.739  1.00 44.31 ? 452 HOH A O   1 
HETATM 1391 O O   . HOH C 3 .   ? 3.130   22.327  0.370   1.00 44.49 ? 453 HOH A O   1 
HETATM 1392 O O   . HOH C 3 .   ? 0.744   8.342   15.496  1.00 44.69 ? 454 HOH A O   1 
HETATM 1393 O O   . HOH C 3 .   ? -4.228  7.744   -11.843 1.00 44.72 ? 455 HOH A O   1 
HETATM 1394 O O   . HOH C 3 .   ? 16.528  6.681   16.536  1.00 44.85 ? 456 HOH A O   1 
HETATM 1395 O O   . HOH C 3 .   ? -10.732 -11.619 -13.207 1.00 45.20 ? 457 HOH A O   1 
HETATM 1396 O O   . HOH C 3 .   ? -2.004  -1.310  12.267  1.00 45.61 ? 458 HOH A O   1 
HETATM 1397 O O   . HOH C 3 .   ? 15.766  9.528   17.433  1.00 46.16 ? 459 HOH A O   1 
HETATM 1398 O O   . HOH C 3 .   ? 1.279   -20.603 4.205   1.00 46.60 ? 460 HOH A O   1 
HETATM 1399 O O   . HOH C 3 .   ? 2.762   -18.606 -10.891 1.00 46.71 ? 461 HOH A O   1 
HETATM 1400 O O   . HOH C 3 .   ? 3.163   -19.736 -3.679  1.00 46.77 ? 462 HOH A O   1 
HETATM 1401 O O   . HOH C 3 .   ? -9.412  -21.216 -10.207 1.00 47.10 ? 463 HOH A O   1 
HETATM 1402 O O   . HOH C 3 .   ? 3.956   20.732  3.584   1.00 47.20 ? 464 HOH A O   1 
HETATM 1403 O O   . HOH C 3 .   ? 3.215   -11.971 4.005   1.00 47.21 ? 465 HOH A O   1 
HETATM 1404 O O   . HOH C 3 .   ? -1.342  6.976   15.427  1.00 47.36 ? 466 HOH A O   1 
HETATM 1405 O O   . HOH C 3 .   ? 4.015   21.180  6.262   1.00 47.56 ? 467 HOH A O   1 
HETATM 1406 O O   . HOH C 3 .   ? -9.363  -23.734 4.445   1.00 47.62 ? 468 HOH A O   1 
HETATM 1407 O O   . HOH C 3 .   ? -0.462  -14.628 14.632  1.00 47.87 ? 469 HOH A O   1 
HETATM 1408 O O   . HOH C 3 .   ? -7.910  12.461  -7.559  1.00 47.98 ? 470 HOH A O   1 
HETATM 1409 O O   . HOH C 3 .   ? 12.129  6.890   16.347  1.00 48.07 ? 471 HOH A O   1 
HETATM 1410 O O   . HOH C 3 .   ? 0.401   -17.198 -10.578 1.00 48.56 ? 472 HOH A O   1 
HETATM 1411 O O   . HOH C 3 .   ? -11.429 -19.349 -4.665  1.00 48.56 ? 473 HOH A O   1 
HETATM 1412 O O   . HOH C 3 .   ? -16.946 8.517   3.370   1.00 48.69 ? 474 HOH A O   1 
HETATM 1413 O O   . HOH C 3 .   ? 6.098   -19.062 -5.079  1.00 48.89 ? 475 HOH A O   1 
HETATM 1414 O O   . HOH C 3 .   ? -17.388 0.920   4.039   1.00 48.91 ? 476 HOH A O   1 
HETATM 1415 O O   . HOH C 3 .   ? -4.547  -7.830  -16.018 1.00 48.92 ? 477 HOH A O   1 
HETATM 1416 O O   . HOH C 3 .   ? -3.234  -6.155  10.504  1.00 49.07 ? 478 HOH A O   1 
HETATM 1417 O O   . HOH C 3 .   ? -2.615  -21.765 16.574  1.00 49.42 ? 479 HOH A O   1 
HETATM 1418 O O   . HOH C 3 .   ? 3.226   16.129  10.660  1.00 49.58 ? 480 HOH A O   1 
HETATM 1419 O O   . HOH C 3 .   ? -16.294 -2.272  -9.029  1.00 49.61 ? 481 HOH A O   1 
HETATM 1420 O O   . HOH C 3 .   ? 5.622   1.142   14.611  1.00 50.34 ? 482 HOH A O   1 
HETATM 1421 O O   . HOH C 3 .   ? -0.058  8.005   -16.638 1.00 50.54 ? 483 HOH A O   1 
HETATM 1422 O O   . HOH C 3 .   ? 3.498   -16.615 -15.026 1.00 50.74 ? 484 HOH A O   1 
HETATM 1423 O O   . HOH C 3 .   ? 3.575   18.654  -15.614 1.00 50.77 ? 485 HOH A O   1 
HETATM 1424 O O   . HOH C 3 .   ? 10.543  3.303   -0.121  1.00 50.92 ? 486 HOH A O   1 
HETATM 1425 O O   . HOH C 3 .   ? 12.120  -1.035  12.672  1.00 51.34 ? 487 HOH A O   1 
HETATM 1426 O O   . HOH C 3 .   ? 10.305  -12.196 -12.661 1.00 51.37 ? 488 HOH A O   1 
HETATM 1427 O O   . HOH C 3 .   ? 9.620   4.550   17.967  1.00 51.46 ? 489 HOH A O   1 
HETATM 1428 O O   . HOH C 3 .   ? 1.274   -2.927  -17.215 1.00 52.10 ? 490 HOH A O   1 
HETATM 1429 O O   . HOH C 3 .   ? -3.534  19.817  0.910   1.00 52.38 ? 491 HOH A O   1 
HETATM 1430 O O   . HOH C 3 .   ? -11.696 -17.895 -12.370 1.00 52.60 ? 492 HOH A O   1 
HETATM 1431 O O   . HOH C 3 .   ? -12.938 -9.631  -9.174  1.00 53.06 ? 493 HOH A O   1 
HETATM 1432 O O   . HOH C 3 .   ? 6.908   12.297  16.390  1.00 53.14 ? 494 HOH A O   1 
HETATM 1433 O O   . HOH C 3 .   ? 10.368  -8.437  -11.515 1.00 53.17 ? 495 HOH A O   1 
HETATM 1434 O O   . HOH C 3 .   ? -9.456  6.046   -10.415 1.00 53.66 ? 496 HOH A O   1 
HETATM 1435 O O   . HOH C 3 .   ? 6.485   27.467  -2.814  1.00 54.07 ? 497 HOH A O   1 
# 
